data_2K6L
#
_entry.id   2K6L
#
_entity_poly.entity_id   1
_entity_poly.type   'polypeptide(L)'
_entity_poly.pdbx_seq_one_letter_code
;MNTVRWNIAVSPDVDQSVRMFIAAQGGGRKGDLSRFIEDAVRAYLFERAVE
;
_entity_poly.pdbx_strand_id   A,B
#
# COMPACT_ATOMS: atom_id res chain seq x y z
N MET A 1 -20.06 -4.67 -4.58
CA MET A 1 -20.54 -4.20 -3.24
C MET A 1 -19.96 -5.10 -2.14
N ASN A 2 -18.78 -5.61 -2.33
CA ASN A 2 -18.17 -6.50 -1.29
C ASN A 2 -16.67 -6.22 -1.18
N THR A 3 -16.21 -5.80 -0.03
CA THR A 3 -14.77 -5.52 0.14
C THR A 3 -13.94 -6.77 -0.19
N VAL A 4 -12.74 -6.60 -0.68
CA VAL A 4 -11.90 -7.78 -1.02
C VAL A 4 -10.88 -8.02 0.10
N ARG A 5 -10.51 -9.25 0.31
CA ARG A 5 -9.51 -9.54 1.38
C ARG A 5 -8.10 -9.50 0.81
N TRP A 6 -7.31 -8.54 1.20
CA TRP A 6 -5.91 -8.46 0.67
C TRP A 6 -4.94 -9.17 1.61
N ASN A 7 -4.03 -9.92 1.05
CA ASN A 7 -3.02 -10.63 1.89
C ASN A 7 -1.61 -10.29 1.41
N ILE A 8 -0.85 -9.58 2.19
CA ILE A 8 0.53 -9.22 1.74
C ILE A 8 1.51 -9.28 2.90
N ALA A 9 2.74 -9.65 2.64
CA ALA A 9 3.74 -9.72 3.73
C ALA A 9 4.72 -8.54 3.60
N VAL A 10 5.05 -7.91 4.69
CA VAL A 10 6.00 -6.76 4.63
C VAL A 10 6.95 -6.77 5.83
N SER A 11 8.01 -6.02 5.77
CA SER A 11 8.97 -6.00 6.91
C SER A 11 8.35 -5.24 8.10
N PRO A 12 8.62 -5.73 9.27
CA PRO A 12 8.05 -5.07 10.47
C PRO A 12 8.43 -3.58 10.51
N ASP A 13 9.36 -3.17 9.69
CA ASP A 13 9.76 -1.73 9.67
C ASP A 13 8.66 -0.91 9.02
N VAL A 14 7.91 -1.52 8.14
CA VAL A 14 6.82 -0.79 7.44
C VAL A 14 5.64 -0.56 8.38
N ASP A 15 5.27 -1.54 9.15
CA ASP A 15 4.11 -1.36 10.09
C ASP A 15 4.44 -0.24 11.08
N GLN A 16 5.60 -0.28 11.68
CA GLN A 16 5.95 0.78 12.66
C GLN A 16 5.88 2.16 12.01
N SER A 17 6.36 2.29 10.80
CA SER A 17 6.30 3.60 10.11
C SER A 17 4.85 4.01 9.88
N VAL A 18 4.00 3.08 9.54
CA VAL A 18 2.57 3.41 9.29
C VAL A 18 1.93 3.98 10.56
N ARG A 19 2.14 3.35 11.68
CA ARG A 19 1.55 3.85 12.95
C ARG A 19 2.22 5.18 13.34
N MET A 20 3.45 5.34 12.98
CA MET A 20 4.17 6.61 13.34
C MET A 20 3.50 7.79 12.62
N PHE A 21 3.16 7.63 11.37
CA PHE A 21 2.52 8.73 10.60
C PHE A 21 1.22 9.17 11.29
N ILE A 22 0.36 8.26 11.61
CA ILE A 22 -0.92 8.64 12.28
C ILE A 22 -0.64 9.23 13.66
N ALA A 23 0.25 8.65 14.40
CA ALA A 23 0.55 9.17 15.77
C ALA A 23 0.94 10.65 15.68
N ALA A 24 1.66 11.02 14.67
CA ALA A 24 2.06 12.45 14.52
C ALA A 24 0.84 13.26 14.07
N GLN A 25 -0.07 12.63 13.39
CA GLN A 25 -1.29 13.36 12.91
C GLN A 25 -2.46 13.12 13.86
N GLY A 26 -2.28 12.32 14.87
CA GLY A 26 -3.39 12.06 15.83
C GLY A 26 -3.08 10.80 16.64
N GLY A 27 -3.81 9.74 16.43
CA GLY A 27 -3.56 8.49 17.20
C GLY A 27 -4.86 7.71 17.35
N GLY A 28 -5.98 8.30 17.02
CA GLY A 28 -7.27 7.57 17.16
C GLY A 28 -8.17 7.89 15.96
N ARG A 29 -7.79 7.43 14.79
CA ARG A 29 -8.63 7.70 13.58
C ARG A 29 -9.75 6.67 13.47
N LYS A 30 -10.71 6.91 12.64
CA LYS A 30 -11.84 5.95 12.48
C LYS A 30 -11.37 4.71 11.71
N GLY A 31 -11.11 4.85 10.44
CA GLY A 31 -10.65 3.68 9.64
C GLY A 31 -9.43 3.06 10.30
N ASP A 32 -8.75 2.17 9.62
CA ASP A 32 -7.54 1.54 10.22
C ASP A 32 -6.37 1.62 9.24
N LEU A 33 -5.38 0.79 9.43
CA LEU A 33 -4.19 0.82 8.53
C LEU A 33 -4.60 0.44 7.10
N SER A 34 -5.54 -0.46 6.96
CA SER A 34 -5.99 -0.87 5.60
C SER A 34 -6.39 0.35 4.77
N ARG A 35 -7.01 1.31 5.38
CA ARG A 35 -7.44 2.53 4.62
C ARG A 35 -6.22 3.36 4.23
N PHE A 36 -5.23 3.43 5.07
CA PHE A 36 -4.01 4.23 4.75
C PHE A 36 -3.40 3.76 3.42
N ILE A 37 -3.22 2.48 3.26
CA ILE A 37 -2.61 1.98 1.99
C ILE A 37 -3.63 2.05 0.85
N GLU A 38 -4.88 1.81 1.14
CA GLU A 38 -5.91 1.86 0.06
C GLU A 38 -5.92 3.23 -0.63
N ASP A 39 -5.92 4.29 0.13
CA ASP A 39 -5.93 5.65 -0.47
C ASP A 39 -4.58 5.91 -1.16
N ALA A 40 -3.53 5.35 -0.63
CA ALA A 40 -2.18 5.57 -1.24
C ALA A 40 -2.12 4.95 -2.64
N VAL A 41 -2.58 3.74 -2.79
CA VAL A 41 -2.54 3.07 -4.12
C VAL A 41 -3.49 3.79 -5.10
N ARG A 42 -4.59 4.28 -4.62
CA ARG A 42 -5.55 4.97 -5.53
C ARG A 42 -4.91 6.23 -6.14
N ALA A 43 -4.18 6.98 -5.35
CA ALA A 43 -3.53 8.21 -5.88
C ALA A 43 -2.44 7.85 -6.91
N TYR A 44 -1.69 6.83 -6.65
CA TYR A 44 -0.61 6.45 -7.61
C TYR A 44 -1.20 5.90 -8.91
N LEU A 45 -2.13 4.99 -8.80
CA LEU A 45 -2.75 4.41 -10.04
C LEU A 45 -3.37 5.51 -10.89
N PHE A 46 -3.99 6.48 -10.28
CA PHE A 46 -4.61 7.58 -11.07
C PHE A 46 -3.54 8.44 -11.74
N GLU A 47 -2.53 8.80 -11.00
CA GLU A 47 -1.44 9.65 -11.59
C GLU A 47 -0.88 8.99 -12.85
N ARG A 48 -0.51 7.74 -12.75
CA ARG A 48 0.04 7.04 -13.95
C ARG A 48 -1.06 6.84 -14.99
N ALA A 49 -2.29 6.93 -14.59
CA ALA A 49 -3.41 6.74 -15.56
C ALA A 49 -3.37 7.84 -16.63
N VAL A 50 -3.27 9.08 -16.22
CA VAL A 50 -3.23 10.20 -17.20
C VAL A 50 -2.12 9.95 -18.23
N GLU A 51 -0.98 9.50 -17.78
CA GLU A 51 0.13 9.24 -18.72
C GLU A 51 1.29 8.54 -18.00
N MET B 1 14.65 -10.26 11.18
CA MET B 1 14.97 -11.16 10.04
C MET B 1 13.77 -12.05 9.72
N ASN B 2 12.58 -11.54 9.90
CA ASN B 2 11.37 -12.35 9.60
C ASN B 2 10.28 -11.47 8.98
N THR B 3 9.88 -11.77 7.78
CA THR B 3 8.82 -10.95 7.12
C THR B 3 7.56 -10.92 7.97
N VAL B 4 6.81 -9.86 7.92
CA VAL B 4 5.56 -9.78 8.73
C VAL B 4 4.35 -10.10 7.85
N ARG B 5 3.33 -10.66 8.43
CA ARG B 5 2.12 -10.99 7.62
C ARG B 5 1.13 -9.83 7.67
N TRP B 6 0.93 -9.16 6.56
CA TRP B 6 -0.02 -8.01 6.55
C TRP B 6 -1.41 -8.49 6.11
N ASN B 7 -2.42 -8.00 6.79
CA ASN B 7 -3.82 -8.37 6.42
C ASN B 7 -4.65 -7.11 6.20
N ILE B 8 -5.06 -6.85 4.99
CA ILE B 8 -5.87 -5.62 4.75
C ILE B 8 -6.96 -5.88 3.72
N ALA B 9 -8.09 -5.23 3.85
CA ALA B 9 -9.20 -5.44 2.88
C ALA B 9 -9.31 -4.22 1.95
N VAL B 10 -9.49 -4.45 0.68
CA VAL B 10 -9.61 -3.30 -0.27
C VAL B 10 -10.66 -3.59 -1.33
N SER B 11 -11.10 -2.58 -2.05
CA SER B 11 -12.12 -2.82 -3.11
C SER B 11 -11.49 -3.55 -4.29
N PRO B 12 -12.25 -4.44 -4.87
CA PRO B 12 -11.73 -5.20 -6.03
C PRO B 12 -11.22 -4.25 -7.12
N ASP B 13 -11.55 -3.00 -7.04
CA ASP B 13 -11.08 -2.03 -8.08
C ASP B 13 -9.59 -1.77 -7.88
N VAL B 14 -9.12 -1.91 -6.68
CA VAL B 14 -7.67 -1.66 -6.40
C VAL B 14 -6.82 -2.81 -6.94
N ASP B 15 -7.24 -4.03 -6.74
CA ASP B 15 -6.44 -5.18 -7.26
C ASP B 15 -6.32 -5.09 -8.78
N GLN B 16 -7.40 -4.88 -9.46
CA GLN B 16 -7.35 -4.79 -10.95
C GLN B 16 -6.38 -3.69 -11.36
N SER B 17 -6.42 -2.56 -10.71
CA SER B 17 -5.49 -1.46 -11.09
C SER B 17 -4.04 -1.88 -10.84
N VAL B 18 -3.80 -2.59 -9.77
CA VAL B 18 -2.40 -3.04 -9.46
C VAL B 18 -1.87 -3.93 -10.59
N ARG B 19 -2.65 -4.89 -11.02
CA ARG B 19 -2.19 -5.79 -12.12
C ARG B 19 -2.10 -5.01 -13.43
N MET B 20 -2.93 -4.01 -13.59
CA MET B 20 -2.89 -3.22 -14.84
C MET B 20 -1.54 -2.49 -14.96
N PHE B 21 -1.07 -1.93 -13.87
CA PHE B 21 0.23 -1.20 -13.91
C PHE B 21 1.36 -2.13 -14.38
N ILE B 22 1.47 -3.29 -13.79
CA ILE B 22 2.56 -4.22 -14.20
C ILE B 22 2.34 -4.69 -15.65
N ALA B 23 1.12 -5.00 -16.00
CA ALA B 23 0.85 -5.47 -17.39
C ALA B 23 1.36 -4.44 -18.40
N ALA B 24 1.22 -3.18 -18.11
CA ALA B 24 1.72 -2.14 -19.04
C ALA B 24 3.25 -2.08 -18.96
N GLN B 25 3.80 -2.45 -17.84
CA GLN B 25 5.28 -2.42 -17.70
C GLN B 25 5.88 -3.81 -17.92
N GLY B 26 5.05 -4.79 -18.16
CA GLY B 26 5.58 -6.17 -18.40
C GLY B 26 4.45 -7.18 -18.21
N GLY B 27 4.52 -7.99 -17.18
CA GLY B 27 3.45 -8.99 -16.94
C GLY B 27 4.04 -10.21 -16.22
N GLY B 28 5.33 -10.30 -16.12
CA GLY B 28 5.95 -11.47 -15.43
C GLY B 28 7.12 -11.00 -14.57
N ARG B 29 6.85 -10.25 -13.54
CA ARG B 29 7.94 -9.76 -12.65
C ARG B 29 8.31 -10.83 -11.61
N LYS B 30 9.42 -10.66 -10.94
CA LYS B 30 9.83 -11.68 -9.92
C LYS B 30 8.95 -11.54 -8.67
N GLY B 31 9.13 -10.48 -7.93
CA GLY B 31 8.30 -10.29 -6.69
C GLY B 31 6.82 -10.39 -7.06
N ASP B 32 5.95 -10.03 -6.15
CA ASP B 32 4.49 -10.11 -6.44
C ASP B 32 3.82 -8.77 -6.08
N LEU B 33 2.53 -8.78 -5.92
CA LEU B 33 1.80 -7.53 -5.58
C LEU B 33 2.27 -7.00 -4.22
N SER B 34 2.57 -7.88 -3.30
CA SER B 34 3.01 -7.42 -1.95
C SER B 34 4.21 -6.47 -2.08
N ARG B 35 5.09 -6.71 -3.01
CA ARG B 35 6.26 -5.82 -3.17
C ARG B 35 5.83 -4.46 -3.73
N PHE B 36 4.87 -4.45 -4.61
CA PHE B 36 4.41 -3.17 -5.21
C PHE B 36 3.97 -2.19 -4.10
N ILE B 37 3.16 -2.65 -3.18
CA ILE B 37 2.70 -1.74 -2.08
C ILE B 37 3.83 -1.49 -1.08
N GLU B 38 4.64 -2.48 -0.82
CA GLU B 38 5.75 -2.30 0.15
C GLU B 38 6.66 -1.15 -0.26
N ASP B 39 7.06 -1.11 -1.51
CA ASP B 39 7.95 0.00 -1.97
C ASP B 39 7.17 1.31 -2.00
N ALA B 40 5.89 1.24 -2.24
CA ALA B 40 5.07 2.50 -2.28
C ALA B 40 5.01 3.13 -0.90
N VAL B 41 4.76 2.36 0.12
CA VAL B 41 4.68 2.93 1.49
C VAL B 41 6.05 3.43 1.95
N ARG B 42 7.10 2.76 1.55
CA ARG B 42 8.47 3.20 1.96
C ARG B 42 8.77 4.60 1.42
N ALA B 43 8.41 4.87 0.19
CA ALA B 43 8.70 6.21 -0.41
C ALA B 43 7.87 7.29 0.29
N TYR B 44 6.63 7.00 0.61
CA TYR B 44 5.78 8.03 1.28
C TYR B 44 6.26 8.28 2.71
N LEU B 45 6.50 7.24 3.46
CA LEU B 45 6.96 7.42 4.86
C LEU B 45 8.27 8.23 4.90
N PHE B 46 9.15 7.98 3.97
CA PHE B 46 10.44 8.74 3.96
C PHE B 46 10.20 10.21 3.60
N GLU B 47 9.41 10.45 2.58
CA GLU B 47 9.14 11.87 2.19
C GLU B 47 8.61 12.67 3.38
N ARG B 48 7.61 12.17 4.05
CA ARG B 48 7.06 12.90 5.22
C ARG B 48 8.08 12.90 6.37
N ALA B 49 9.04 12.01 6.31
CA ALA B 49 10.06 11.96 7.40
C ALA B 49 10.89 13.24 7.41
N VAL B 50 11.38 13.64 6.28
CA VAL B 50 12.20 14.90 6.23
C VAL B 50 11.42 16.06 6.85
N GLU B 51 10.15 16.15 6.56
CA GLU B 51 9.32 17.25 7.15
C GLU B 51 7.85 17.03 6.81
N MET A 1 -20.76 -2.12 -1.83
CA MET A 1 -19.92 -3.35 -1.71
C MET A 1 -19.19 -3.36 -0.37
N ASN A 2 -18.77 -4.52 0.08
CA ASN A 2 -18.05 -4.60 1.38
C ASN A 2 -16.54 -4.66 1.17
N THR A 3 -15.79 -4.66 2.24
CA THR A 3 -14.31 -4.74 2.09
C THR A 3 -13.90 -6.17 1.74
N VAL A 4 -12.88 -6.33 0.95
CA VAL A 4 -12.44 -7.70 0.55
C VAL A 4 -11.27 -8.14 1.44
N ARG A 5 -11.14 -9.42 1.65
CA ARG A 5 -10.04 -9.92 2.51
C ARG A 5 -8.75 -10.07 1.69
N TRP A 6 -7.69 -9.42 2.11
CA TRP A 6 -6.41 -9.54 1.33
C TRP A 6 -5.24 -9.90 2.26
N ASN A 7 -4.68 -11.06 2.08
CA ASN A 7 -3.54 -11.49 2.94
C ASN A 7 -2.23 -11.36 2.17
N ILE A 8 -1.35 -10.54 2.63
CA ILE A 8 -0.07 -10.37 1.90
C ILE A 8 1.10 -10.32 2.89
N ALA A 9 2.29 -10.60 2.43
CA ALA A 9 3.46 -10.59 3.37
C ALA A 9 4.25 -9.28 3.22
N VAL A 10 4.49 -8.62 4.32
CA VAL A 10 5.28 -7.34 4.25
C VAL A 10 6.31 -7.31 5.40
N SER A 11 7.26 -6.43 5.33
CA SER A 11 8.29 -6.37 6.42
C SER A 11 7.73 -5.66 7.65
N PRO A 12 7.91 -6.26 8.78
CA PRO A 12 7.39 -5.63 10.02
C PRO A 12 7.74 -4.14 10.06
N ASP A 13 8.66 -3.70 9.23
CA ASP A 13 9.05 -2.26 9.23
C ASP A 13 7.96 -1.41 8.57
N VAL A 14 7.21 -1.97 7.67
CA VAL A 14 6.14 -1.17 7.01
C VAL A 14 4.94 -0.99 7.93
N ASP A 15 4.65 -1.95 8.76
CA ASP A 15 3.48 -1.79 9.68
C ASP A 15 3.73 -0.64 10.66
N GLN A 16 4.87 -0.63 11.30
CA GLN A 16 5.18 0.46 12.27
C GLN A 16 5.12 1.82 11.57
N SER A 17 5.59 1.91 10.36
CA SER A 17 5.56 3.21 9.63
C SER A 17 4.12 3.58 9.27
N VAL A 18 3.32 2.61 8.91
CA VAL A 18 1.91 2.91 8.53
C VAL A 18 1.11 3.40 9.74
N ARG A 19 1.24 2.74 10.87
CA ARG A 19 0.49 3.19 12.09
C ARG A 19 1.00 4.56 12.54
N MET A 20 2.28 4.74 12.60
CA MET A 20 2.83 6.05 13.05
C MET A 20 2.39 7.15 12.09
N PHE A 21 2.39 6.87 10.82
CA PHE A 21 1.97 7.89 9.81
C PHE A 21 0.55 8.39 10.11
N ILE A 22 -0.39 7.51 10.29
CA ILE A 22 -1.78 7.96 10.57
C ILE A 22 -1.83 8.74 11.89
N ALA A 23 -1.05 8.33 12.86
CA ALA A 23 -1.04 9.07 14.15
C ALA A 23 -0.65 10.53 13.90
N ALA A 24 0.19 10.74 12.93
CA ALA A 24 0.60 12.14 12.60
C ALA A 24 -0.54 12.87 11.88
N GLN A 25 -1.29 12.13 11.10
CA GLN A 25 -2.43 12.76 10.36
C GLN A 25 -3.72 12.60 11.16
N GLY A 26 -3.61 12.35 12.44
CA GLY A 26 -4.82 12.18 13.29
C GLY A 26 -5.94 13.10 12.79
N GLY A 27 -6.98 12.53 12.24
CA GLY A 27 -8.11 13.37 11.73
C GLY A 27 -9.01 12.51 10.85
N GLY A 28 -8.46 11.55 10.17
CA GLY A 28 -9.30 10.67 9.29
C GLY A 28 -10.38 9.99 10.13
N ARG A 29 -11.49 9.66 9.53
CA ARG A 29 -12.57 8.98 10.29
C ARG A 29 -12.18 7.54 10.61
N LYS A 30 -13.11 6.62 10.56
CA LYS A 30 -12.78 5.20 10.86
C LYS A 30 -11.67 4.70 9.93
N GLY A 31 -11.53 3.42 9.78
CA GLY A 31 -10.46 2.88 8.89
C GLY A 31 -9.10 3.33 9.41
N ASP A 32 -8.21 2.41 9.66
CA ASP A 32 -6.86 2.79 10.17
C ASP A 32 -5.77 2.38 9.18
N LEU A 33 -5.30 1.17 9.27
CA LEU A 33 -4.23 0.72 8.34
C LEU A 33 -4.77 0.58 6.92
N SER A 34 -5.87 -0.12 6.76
CA SER A 34 -6.44 -0.30 5.39
C SER A 34 -6.67 1.05 4.71
N ARG A 35 -7.10 2.04 5.44
CA ARG A 35 -7.33 3.38 4.80
C ARG A 35 -6.01 4.03 4.39
N PHE A 36 -5.00 3.90 5.20
CA PHE A 36 -3.69 4.53 4.86
C PHE A 36 -3.20 4.07 3.48
N ILE A 37 -3.19 2.79 3.24
CA ILE A 37 -2.72 2.29 1.91
C ILE A 37 -3.76 2.58 0.82
N GLU A 38 -5.02 2.47 1.16
CA GLU A 38 -6.09 2.72 0.14
C GLU A 38 -5.96 4.13 -0.44
N ASP A 39 -5.81 5.12 0.39
CA ASP A 39 -5.69 6.51 -0.13
C ASP A 39 -4.33 6.69 -0.82
N ALA A 40 -3.33 6.00 -0.35
CA ALA A 40 -1.98 6.13 -0.96
C ALA A 40 -1.98 5.63 -2.41
N VAL A 41 -2.56 4.50 -2.66
CA VAL A 41 -2.58 3.97 -4.05
C VAL A 41 -3.50 4.80 -4.95
N ARG A 42 -4.57 5.31 -4.40
CA ARG A 42 -5.50 6.13 -5.22
C ARG A 42 -4.78 7.34 -5.82
N ALA A 43 -3.96 7.99 -5.05
CA ALA A 43 -3.23 9.19 -5.58
C ALA A 43 -2.23 8.77 -6.67
N TYR A 44 -1.62 7.63 -6.53
CA TYR A 44 -0.63 7.18 -7.56
C TYR A 44 -1.35 6.82 -8.87
N LEU A 45 -2.38 6.03 -8.79
CA LEU A 45 -3.12 5.63 -10.03
C LEU A 45 -3.73 6.86 -10.71
N PHE A 46 -4.11 7.85 -9.94
CA PHE A 46 -4.71 9.07 -10.55
C PHE A 46 -3.68 9.83 -11.38
N GLU A 47 -2.50 10.02 -10.85
CA GLU A 47 -1.45 10.76 -11.60
C GLU A 47 -1.10 10.04 -12.91
N ARG A 48 -0.97 8.75 -12.87
CA ARG A 48 -0.63 8.00 -14.11
C ARG A 48 -1.82 7.96 -15.07
N ALA A 49 -3.02 8.09 -14.56
CA ALA A 49 -4.22 8.07 -15.44
C ALA A 49 -4.17 9.22 -16.44
N VAL A 50 -3.80 10.40 -16.00
CA VAL A 50 -3.75 11.55 -16.94
C VAL A 50 -2.58 11.37 -17.93
N GLU A 51 -1.54 10.69 -17.52
CA GLU A 51 -0.39 10.48 -18.43
C GLU A 51 0.70 9.66 -17.73
N MET B 1 16.00 -11.16 7.63
CA MET B 1 14.63 -11.43 8.17
C MET B 1 13.71 -11.92 7.06
N ASN B 2 12.65 -12.58 7.40
CA ASN B 2 11.71 -13.11 6.36
C ASN B 2 10.52 -12.18 6.20
N THR B 3 9.65 -12.47 5.27
CA THR B 3 8.45 -11.62 5.06
C THR B 3 7.43 -11.90 6.17
N VAL B 4 6.71 -10.89 6.59
CA VAL B 4 5.70 -11.10 7.67
C VAL B 4 4.31 -11.28 7.06
N ARG B 5 3.46 -12.01 7.72
CA ARG B 5 2.08 -12.24 7.18
C ARG B 5 1.17 -11.07 7.55
N TRP B 6 0.57 -10.43 6.58
CA TRP B 6 -0.34 -9.29 6.89
C TRP B 6 -1.69 -9.45 6.21
N ASN B 7 -2.74 -9.62 6.97
CA ASN B 7 -4.08 -9.79 6.37
C ASN B 7 -4.89 -8.51 6.53
N ILE B 8 -5.26 -7.90 5.44
CA ILE B 8 -6.03 -6.63 5.54
C ILE B 8 -7.17 -6.63 4.53
N ALA B 9 -8.18 -5.83 4.75
CA ALA B 9 -9.33 -5.81 3.80
C ALA B 9 -9.23 -4.62 2.85
N VAL B 10 -9.32 -4.86 1.57
CA VAL B 10 -9.23 -3.75 0.58
C VAL B 10 -10.32 -3.92 -0.49
N SER B 11 -10.60 -2.89 -1.25
CA SER B 11 -11.65 -3.02 -2.30
C SER B 11 -11.11 -3.77 -3.52
N PRO B 12 -11.85 -4.76 -3.95
CA PRO B 12 -11.38 -5.53 -5.13
C PRO B 12 -10.86 -4.59 -6.24
N ASP B 13 -11.16 -3.33 -6.16
CA ASP B 13 -10.70 -2.37 -7.20
C ASP B 13 -9.21 -2.09 -7.04
N VAL B 14 -8.69 -2.19 -5.85
CA VAL B 14 -7.24 -1.92 -5.65
C VAL B 14 -6.40 -3.09 -6.14
N ASP B 15 -6.88 -4.30 -6.03
CA ASP B 15 -6.08 -5.46 -6.51
C ASP B 15 -5.89 -5.37 -8.03
N GLN B 16 -6.95 -5.17 -8.75
CA GLN B 16 -6.84 -5.08 -10.23
C GLN B 16 -5.88 -3.95 -10.63
N SER B 17 -5.92 -2.86 -9.94
CA SER B 17 -5.02 -1.72 -10.29
C SER B 17 -3.56 -2.08 -9.93
N VAL B 18 -3.36 -2.77 -8.84
CA VAL B 18 -1.98 -3.13 -8.43
C VAL B 18 -1.36 -4.11 -9.43
N ARG B 19 -2.10 -5.13 -9.83
CA ARG B 19 -1.53 -6.11 -10.81
C ARG B 19 -1.31 -5.44 -12.16
N MET B 20 -2.27 -4.69 -12.62
CA MET B 20 -2.11 -4.00 -13.95
C MET B 20 -0.91 -3.04 -13.89
N PHE B 21 -0.76 -2.35 -12.79
CA PHE B 21 0.37 -1.38 -12.67
C PHE B 21 1.72 -2.09 -12.87
N ILE B 22 1.95 -3.18 -12.19
CA ILE B 22 3.25 -3.88 -12.36
C ILE B 22 3.39 -4.38 -13.80
N ALA B 23 2.32 -4.82 -14.40
CA ALA B 23 2.40 -5.29 -15.81
C ALA B 23 2.93 -4.16 -16.70
N ALA B 24 2.62 -2.94 -16.35
CA ALA B 24 3.12 -1.78 -17.14
C ALA B 24 4.60 -1.55 -16.83
N GLN B 25 5.00 -1.82 -15.62
CA GLN B 25 6.43 -1.63 -15.24
C GLN B 25 7.20 -2.94 -15.40
N GLY B 26 6.66 -3.86 -16.16
CA GLY B 26 7.34 -5.17 -16.36
C GLY B 26 8.86 -4.98 -16.35
N GLY B 27 9.51 -5.46 -15.34
CA GLY B 27 11.00 -5.31 -15.26
C GLY B 27 11.48 -5.66 -13.85
N GLY B 28 10.67 -5.40 -12.86
CA GLY B 28 11.08 -5.72 -11.46
C GLY B 28 11.38 -7.21 -11.34
N ARG B 29 12.23 -7.59 -10.43
CA ARG B 29 12.56 -9.04 -10.27
C ARG B 29 11.38 -9.78 -9.64
N LYS B 30 11.65 -10.72 -8.77
CA LYS B 30 10.54 -11.48 -8.12
C LYS B 30 9.60 -10.51 -7.39
N GLY B 31 8.82 -11.01 -6.47
CA GLY B 31 7.89 -10.11 -5.73
C GLY B 31 6.90 -9.48 -6.73
N ASP B 32 5.63 -9.63 -6.49
CA ASP B 32 4.64 -9.04 -7.44
C ASP B 32 3.76 -8.01 -6.72
N LEU B 33 2.69 -8.43 -6.09
CA LEU B 33 1.81 -7.46 -5.39
C LEU B 33 2.52 -6.89 -4.15
N SER B 34 3.06 -7.74 -3.32
CA SER B 34 3.75 -7.24 -2.09
C SER B 34 4.83 -6.21 -2.45
N ARG B 35 5.53 -6.41 -3.53
CA ARG B 35 6.59 -5.44 -3.90
C ARG B 35 5.99 -4.11 -4.36
N PHE B 36 4.90 -4.16 -5.09
CA PHE B 36 4.28 -2.90 -5.57
C PHE B 36 3.97 -1.96 -4.41
N ILE B 37 3.32 -2.45 -3.38
CA ILE B 37 2.99 -1.57 -2.22
C ILE B 37 4.25 -1.27 -1.41
N GLU B 38 5.11 -2.23 -1.26
CA GLU B 38 6.35 -2.01 -0.45
C GLU B 38 7.15 -0.82 -1.01
N ASP B 39 7.38 -0.79 -2.29
CA ASP B 39 8.16 0.34 -2.88
C ASP B 39 7.33 1.62 -2.83
N ALA B 40 6.03 1.49 -2.94
CA ALA B 40 5.16 2.70 -2.92
C ALA B 40 5.24 3.42 -1.56
N VAL B 41 5.14 2.68 -0.48
CA VAL B 41 5.20 3.32 0.86
C VAL B 41 6.61 3.84 1.16
N ARG B 42 7.62 3.16 0.70
CA ARG B 42 9.01 3.62 0.96
C ARG B 42 9.23 5.04 0.40
N ALA B 43 8.74 5.31 -0.77
CA ALA B 43 8.92 6.66 -1.35
C ALA B 43 8.16 7.72 -0.54
N TYR B 44 7.00 7.38 -0.04
CA TYR B 44 6.22 8.35 0.76
C TYR B 44 6.90 8.65 2.09
N LEU B 45 7.29 7.63 2.81
CA LEU B 45 7.96 7.84 4.12
C LEU B 45 9.28 8.60 3.94
N PHE B 46 9.94 8.39 2.83
CA PHE B 46 11.24 9.08 2.59
C PHE B 46 11.01 10.59 2.43
N GLU B 47 10.04 10.98 1.65
CA GLU B 47 9.79 12.43 1.44
C GLU B 47 9.42 13.12 2.77
N ARG B 48 8.60 12.50 3.57
CA ARG B 48 8.22 13.12 4.87
C ARG B 48 9.38 13.09 5.86
N ALA B 49 10.30 12.17 5.68
CA ALA B 49 11.45 12.09 6.62
C ALA B 49 12.28 13.38 6.55
N VAL B 50 12.51 13.89 5.37
CA VAL B 50 13.32 15.14 5.24
C VAL B 50 12.53 16.34 5.78
N GLU B 51 11.22 16.27 5.72
CA GLU B 51 10.40 17.40 6.23
C GLU B 51 8.91 17.09 6.04
N MET A 1 -21.86 -2.73 -2.67
CA MET A 1 -20.39 -2.91 -2.80
C MET A 1 -19.91 -3.97 -1.81
N ASN A 2 -18.78 -4.57 -2.08
CA ASN A 2 -18.25 -5.62 -1.16
C ASN A 2 -16.73 -5.48 -1.02
N THR A 3 -16.21 -5.58 0.17
CA THR A 3 -14.74 -5.47 0.37
C THR A 3 -14.06 -6.81 0.12
N VAL A 4 -12.84 -6.79 -0.34
CA VAL A 4 -12.12 -8.07 -0.59
C VAL A 4 -11.09 -8.33 0.52
N ARG A 5 -10.82 -9.57 0.82
CA ARG A 5 -9.82 -9.89 1.88
C ARG A 5 -8.43 -9.95 1.25
N TRP A 6 -7.58 -9.01 1.55
CA TRP A 6 -6.21 -9.04 0.96
C TRP A 6 -5.22 -9.75 1.89
N ASN A 7 -4.25 -10.38 1.29
CA ASN A 7 -3.19 -11.07 2.08
C ASN A 7 -1.81 -10.60 1.61
N ILE A 8 -1.06 -9.92 2.43
CA ILE A 8 0.28 -9.47 1.96
C ILE A 8 1.31 -9.59 3.07
N ALA A 9 2.54 -9.88 2.73
CA ALA A 9 3.60 -10.01 3.78
C ALA A 9 4.55 -8.82 3.72
N VAL A 10 4.85 -8.23 4.84
CA VAL A 10 5.78 -7.06 4.86
C VAL A 10 6.69 -7.13 6.08
N SER A 11 7.75 -6.37 6.09
CA SER A 11 8.66 -6.40 7.27
C SER A 11 8.01 -5.62 8.43
N PRO A 12 8.29 -6.06 9.63
CA PRO A 12 7.68 -5.36 10.79
C PRO A 12 8.17 -3.91 10.85
N ASP A 13 9.11 -3.55 10.02
CA ASP A 13 9.64 -2.15 10.03
C ASP A 13 8.62 -1.20 9.41
N VAL A 14 7.86 -1.67 8.46
CA VAL A 14 6.85 -0.79 7.81
C VAL A 14 5.63 -0.60 8.72
N ASP A 15 5.31 -1.57 9.53
CA ASP A 15 4.12 -1.42 10.42
C ASP A 15 4.38 -0.33 11.46
N GLN A 16 5.51 -0.37 12.12
CA GLN A 16 5.81 0.66 13.15
C GLN A 16 5.79 2.06 12.53
N SER A 17 6.22 2.18 11.30
CA SER A 17 6.22 3.52 10.65
C SER A 17 4.80 3.93 10.26
N VAL A 18 4.00 2.99 9.80
CA VAL A 18 2.61 3.33 9.41
C VAL A 18 1.80 3.81 10.62
N ARG A 19 1.94 3.13 11.73
CA ARG A 19 1.18 3.56 12.95
C ARG A 19 1.59 4.99 13.34
N MET A 20 2.87 5.25 13.36
CA MET A 20 3.34 6.61 13.75
C MET A 20 2.76 7.65 12.77
N PHE A 21 2.67 7.31 11.52
CA PHE A 21 2.12 8.27 10.52
C PHE A 21 0.69 8.67 10.87
N ILE A 22 -0.13 7.72 11.27
CA ILE A 22 -1.54 8.07 11.61
C ILE A 22 -1.56 9.05 12.79
N ALA A 23 -0.69 8.87 13.74
CA ALA A 23 -0.65 9.81 14.90
C ALA A 23 -0.47 11.23 14.40
N ALA A 24 0.19 11.40 13.29
CA ALA A 24 0.40 12.77 12.73
C ALA A 24 -0.89 13.25 12.09
N GLN A 25 -1.66 12.36 11.52
CA GLN A 25 -2.94 12.77 10.88
C GLN A 25 -4.12 12.51 11.83
N GLY A 26 -3.84 11.95 12.98
CA GLY A 26 -4.93 11.66 13.96
C GLY A 26 -6.25 11.41 13.24
N GLY A 27 -6.26 10.53 12.27
CA GLY A 27 -7.53 10.25 11.54
C GLY A 27 -8.56 9.67 12.50
N GLY A 28 -9.76 9.45 12.03
CA GLY A 28 -10.82 8.88 12.91
C GLY A 28 -10.59 7.38 13.09
N ARG A 29 -11.63 6.64 13.35
CA ARG A 29 -11.47 5.17 13.53
C ARG A 29 -12.08 4.43 12.35
N LYS A 30 -12.76 5.13 11.48
CA LYS A 30 -13.38 4.45 10.30
C LYS A 30 -12.32 3.71 9.49
N GLY A 31 -11.75 4.35 8.50
CA GLY A 31 -10.71 3.68 7.67
C GLY A 31 -9.53 3.29 8.57
N ASP A 32 -9.09 2.06 8.49
CA ASP A 32 -7.94 1.63 9.33
C ASP A 32 -6.68 1.49 8.47
N LEU A 33 -5.90 0.46 8.71
CA LEU A 33 -4.66 0.27 7.91
C LEU A 33 -5.00 0.04 6.43
N SER A 34 -5.97 -0.78 6.16
CA SER A 34 -6.34 -1.06 4.75
C SER A 34 -6.75 0.24 4.03
N ARG A 35 -7.36 1.15 4.73
CA ARG A 35 -7.78 2.43 4.08
C ARG A 35 -6.55 3.29 3.75
N PHE A 36 -5.60 3.35 4.63
CA PHE A 36 -4.39 4.18 4.36
C PHE A 36 -3.73 3.77 3.04
N ILE A 37 -3.53 2.50 2.82
CA ILE A 37 -2.88 2.06 1.56
C ILE A 37 -3.86 2.21 0.38
N GLU A 38 -5.12 1.93 0.61
CA GLU A 38 -6.11 2.03 -0.50
C GLU A 38 -6.13 3.45 -1.10
N ASP A 39 -6.20 4.45 -0.27
CA ASP A 39 -6.22 5.85 -0.78
C ASP A 39 -4.87 6.19 -1.43
N ALA A 40 -3.81 5.62 -0.92
CA ALA A 40 -2.47 5.92 -1.50
C ALA A 40 -2.36 5.37 -2.92
N VAL A 41 -2.78 4.16 -3.13
CA VAL A 41 -2.70 3.56 -4.50
C VAL A 41 -3.75 4.20 -5.42
N ARG A 42 -4.90 4.52 -4.89
CA ARG A 42 -5.97 5.13 -5.75
C ARG A 42 -5.54 6.53 -6.22
N ALA A 43 -4.96 7.31 -5.35
CA ALA A 43 -4.53 8.69 -5.76
C ALA A 43 -3.46 8.63 -6.84
N TYR A 44 -2.51 7.75 -6.71
CA TYR A 44 -1.43 7.65 -7.74
C TYR A 44 -2.00 7.17 -9.08
N LEU A 45 -2.92 6.25 -9.03
CA LEU A 45 -3.51 5.72 -10.30
C LEU A 45 -4.41 6.78 -10.95
N PHE A 46 -5.02 7.63 -10.17
CA PHE A 46 -5.91 8.66 -10.74
C PHE A 46 -5.08 9.77 -11.43
N GLU A 47 -4.05 10.22 -10.80
CA GLU A 47 -3.21 11.29 -11.42
C GLU A 47 -2.64 10.83 -12.76
N ARG A 48 -2.06 9.66 -12.79
CA ARG A 48 -1.48 9.15 -14.08
C ARG A 48 -2.60 8.76 -15.04
N ALA A 49 -3.79 8.53 -14.53
CA ALA A 49 -4.92 8.15 -15.42
C ALA A 49 -5.35 9.35 -16.27
N VAL A 50 -5.48 10.49 -15.67
CA VAL A 50 -5.90 11.70 -16.45
C VAL A 50 -4.78 12.11 -17.41
N GLU A 51 -3.56 12.09 -16.96
CA GLU A 51 -2.43 12.47 -17.86
C GLU A 51 -1.34 11.40 -17.84
N MET B 1 16.75 -11.50 8.95
CA MET B 1 15.49 -10.71 8.80
C MET B 1 14.29 -11.64 8.68
N ASN B 2 13.11 -11.16 9.00
CA ASN B 2 11.90 -12.02 8.91
C ASN B 2 10.72 -11.22 8.36
N THR B 3 9.96 -11.79 7.46
CA THR B 3 8.80 -11.05 6.89
C THR B 3 7.58 -11.21 7.80
N VAL B 4 6.71 -10.24 7.81
CA VAL B 4 5.50 -10.33 8.66
C VAL B 4 4.27 -10.64 7.80
N ARG B 5 3.31 -11.33 8.35
CA ARG B 5 2.09 -11.66 7.57
C ARG B 5 1.08 -10.53 7.72
N TRP B 6 0.82 -9.78 6.68
CA TRP B 6 -0.15 -8.66 6.79
C TRP B 6 -1.54 -9.10 6.36
N ASN B 7 -2.54 -8.50 6.98
CA ASN B 7 -3.95 -8.80 6.61
C ASN B 7 -4.69 -7.50 6.31
N ILE B 8 -5.12 -7.29 5.10
CA ILE B 8 -5.84 -6.01 4.81
C ILE B 8 -7.00 -6.25 3.85
N ALA B 9 -8.06 -5.50 4.00
CA ALA B 9 -9.23 -5.69 3.08
C ALA B 9 -9.34 -4.51 2.11
N VAL B 10 -9.52 -4.79 0.85
CA VAL B 10 -9.64 -3.70 -0.16
C VAL B 10 -10.69 -4.06 -1.20
N SER B 11 -11.15 -3.10 -1.97
CA SER B 11 -12.16 -3.40 -3.01
C SER B 11 -11.50 -4.13 -4.18
N PRO B 12 -12.24 -5.01 -4.80
CA PRO B 12 -11.65 -5.75 -5.95
C PRO B 12 -11.27 -4.78 -7.07
N ASP B 13 -11.63 -3.52 -6.94
CA ASP B 13 -11.29 -2.53 -8.00
C ASP B 13 -9.81 -2.17 -7.96
N VAL B 14 -9.22 -2.20 -6.79
CA VAL B 14 -7.78 -1.87 -6.67
C VAL B 14 -6.91 -3.03 -7.15
N ASP B 15 -7.37 -4.24 -7.00
CA ASP B 15 -6.55 -5.41 -7.44
C ASP B 15 -6.41 -5.39 -8.97
N GLN B 16 -7.49 -5.24 -9.68
CA GLN B 16 -7.42 -5.23 -11.17
C GLN B 16 -6.50 -4.11 -11.65
N SER B 17 -6.48 -2.99 -10.96
CA SER B 17 -5.60 -1.88 -11.39
C SER B 17 -4.14 -2.18 -11.03
N VAL B 18 -3.90 -2.79 -9.91
CA VAL B 18 -2.50 -3.11 -9.51
C VAL B 18 -1.89 -4.11 -10.50
N ARG B 19 -2.61 -5.12 -10.88
CA ARG B 19 -2.07 -6.12 -11.84
C ARG B 19 -1.72 -5.43 -13.16
N MET B 20 -2.61 -4.61 -13.66
CA MET B 20 -2.34 -3.91 -14.94
C MET B 20 -1.08 -3.05 -14.80
N PHE B 21 -0.90 -2.44 -13.67
CA PHE B 21 0.30 -1.57 -13.47
C PHE B 21 1.60 -2.38 -13.63
N ILE B 22 1.65 -3.58 -13.09
CA ILE B 22 2.89 -4.39 -13.23
C ILE B 22 3.16 -4.69 -14.70
N ALA B 23 2.13 -4.93 -15.47
CA ALA B 23 2.34 -5.21 -16.92
C ALA B 23 3.09 -4.04 -17.55
N ALA B 24 2.90 -2.86 -17.04
CA ALA B 24 3.62 -1.67 -17.59
C ALA B 24 5.08 -1.69 -17.15
N GLN B 25 5.34 -2.19 -15.98
CA GLN B 25 6.75 -2.25 -15.48
C GLN B 25 7.33 -3.66 -15.70
N GLY B 26 6.53 -4.56 -16.21
CA GLY B 26 7.02 -5.95 -16.46
C GLY B 26 8.12 -6.31 -15.46
N GLY B 27 7.87 -6.14 -14.19
CA GLY B 27 8.91 -6.47 -13.18
C GLY B 27 9.20 -7.96 -13.22
N GLY B 28 10.16 -8.42 -12.46
CA GLY B 28 10.50 -9.87 -12.46
C GLY B 28 9.46 -10.64 -11.64
N ARG B 29 9.83 -11.76 -11.10
CA ARG B 29 8.85 -12.55 -10.29
C ARG B 29 9.22 -12.48 -8.81
N LYS B 30 10.34 -11.90 -8.49
CA LYS B 30 10.75 -11.81 -7.06
C LYS B 30 9.68 -11.07 -6.24
N GLY B 31 9.82 -9.78 -6.10
CA GLY B 31 8.81 -9.01 -5.32
C GLY B 31 7.43 -9.15 -5.98
N ASP B 32 6.43 -9.50 -5.22
CA ASP B 32 5.07 -9.66 -5.80
C ASP B 32 4.17 -8.48 -5.40
N LEU B 33 2.95 -8.74 -5.07
CA LEU B 33 2.03 -7.63 -4.67
C LEU B 33 2.53 -6.95 -3.39
N SER B 34 2.92 -7.73 -2.43
CA SER B 34 3.41 -7.14 -1.15
C SER B 34 4.60 -6.21 -1.41
N ARG B 35 5.44 -6.53 -2.36
CA ARG B 35 6.62 -5.67 -2.65
C ARG B 35 6.18 -4.35 -3.27
N PHE B 36 5.22 -4.38 -4.16
CA PHE B 36 4.77 -3.12 -4.83
C PHE B 36 4.33 -2.10 -3.78
N ILE B 37 3.53 -2.50 -2.82
CA ILE B 37 3.07 -1.53 -1.78
C ILE B 37 4.22 -1.21 -0.81
N GLU B 38 5.02 -2.18 -0.48
CA GLU B 38 6.15 -1.94 0.46
C GLU B 38 7.07 -0.82 -0.05
N ASP B 39 7.46 -0.90 -1.28
CA ASP B 39 8.37 0.16 -1.84
C ASP B 39 7.63 1.48 -1.93
N ALA B 40 6.35 1.44 -2.17
CA ALA B 40 5.56 2.70 -2.28
C ALA B 40 5.52 3.43 -0.93
N VAL B 41 5.24 2.71 0.12
CA VAL B 41 5.19 3.36 1.47
C VAL B 41 6.59 3.72 1.95
N ARG B 42 7.56 2.92 1.64
CA ARG B 42 8.96 3.22 2.09
C ARG B 42 9.49 4.48 1.40
N ALA B 43 9.25 4.63 0.12
CA ALA B 43 9.75 5.83 -0.59
C ALA B 43 9.11 7.11 -0.05
N TYR B 44 7.83 7.08 0.22
CA TYR B 44 7.15 8.30 0.75
C TYR B 44 7.66 8.63 2.15
N LEU B 45 7.89 7.63 2.95
CA LEU B 45 8.38 7.88 4.35
C LEU B 45 9.84 8.37 4.32
N PHE B 46 10.59 7.96 3.34
CA PHE B 46 12.02 8.38 3.28
C PHE B 46 12.12 9.84 2.85
N GLU B 47 11.38 10.24 1.85
CA GLU B 47 11.43 11.64 1.38
C GLU B 47 11.04 12.61 2.51
N ARG B 48 9.95 12.35 3.16
CA ARG B 48 9.51 13.26 4.27
C ARG B 48 10.44 13.08 5.48
N ALA B 49 11.14 11.99 5.55
CA ALA B 49 12.05 11.76 6.70
C ALA B 49 13.25 12.71 6.62
N VAL B 50 13.85 12.83 5.46
CA VAL B 50 15.01 13.73 5.31
C VAL B 50 14.57 15.19 5.46
N GLU B 51 13.46 15.55 4.88
CA GLU B 51 12.98 16.96 4.99
C GLU B 51 11.51 16.98 5.44
N MET A 1 -19.85 -5.86 -6.80
CA MET A 1 -19.29 -4.92 -5.78
C MET A 1 -19.08 -5.66 -4.45
N ASN A 2 -17.85 -5.92 -4.10
CA ASN A 2 -17.59 -6.64 -2.81
C ASN A 2 -16.14 -6.40 -2.37
N THR A 3 -15.91 -6.29 -1.09
CA THR A 3 -14.52 -6.06 -0.59
C THR A 3 -13.69 -7.33 -0.76
N VAL A 4 -12.43 -7.19 -1.11
CA VAL A 4 -11.56 -8.38 -1.29
C VAL A 4 -10.62 -8.53 -0.10
N ARG A 5 -10.27 -9.75 0.25
CA ARG A 5 -9.35 -9.97 1.39
C ARG A 5 -7.90 -10.00 0.90
N TRP A 6 -7.10 -9.05 1.30
CA TRP A 6 -5.67 -9.04 0.84
C TRP A 6 -4.78 -9.77 1.84
N ASN A 7 -3.73 -10.36 1.32
CA ASN A 7 -2.72 -11.05 2.17
C ASN A 7 -1.35 -10.54 1.78
N ILE A 8 -0.65 -9.85 2.64
CA ILE A 8 0.69 -9.36 2.21
C ILE A 8 1.70 -9.43 3.36
N ALA A 9 2.95 -9.65 3.04
CA ALA A 9 3.97 -9.75 4.12
C ALA A 9 4.87 -8.50 4.11
N VAL A 10 5.06 -7.89 5.24
CA VAL A 10 5.93 -6.67 5.30
C VAL A 10 6.77 -6.68 6.58
N SER A 11 7.80 -5.87 6.62
CA SER A 11 8.66 -5.84 7.84
C SER A 11 7.97 -5.04 8.95
N PRO A 12 7.96 -5.61 10.13
CA PRO A 12 7.31 -4.90 11.26
C PRO A 12 7.74 -3.43 11.32
N ASP A 13 8.74 -3.06 10.59
CA ASP A 13 9.21 -1.64 10.62
C ASP A 13 8.22 -0.74 9.86
N VAL A 14 7.55 -1.28 8.87
CA VAL A 14 6.57 -0.45 8.11
C VAL A 14 5.28 -0.28 8.92
N ASP A 15 4.94 -1.23 9.74
CA ASP A 15 3.69 -1.12 10.54
C ASP A 15 3.81 0.03 11.54
N GLN A 16 4.89 0.08 12.28
CA GLN A 16 5.05 1.18 13.27
C GLN A 16 5.01 2.55 12.59
N SER A 17 5.51 2.64 11.39
CA SER A 17 5.50 3.95 10.68
C SER A 17 4.10 4.26 10.15
N VAL A 18 3.40 3.27 9.68
CA VAL A 18 2.03 3.50 9.13
C VAL A 18 1.08 3.93 10.25
N ARG A 19 1.16 3.31 11.40
CA ARG A 19 0.25 3.70 12.51
C ARG A 19 0.57 5.13 12.99
N MET A 20 1.83 5.42 13.19
CA MET A 20 2.21 6.78 13.65
C MET A 20 1.80 7.82 12.60
N PHE A 21 1.89 7.49 11.35
CA PHE A 21 1.51 8.45 10.28
C PHE A 21 0.01 8.79 10.37
N ILE A 22 -0.83 7.81 10.54
CA ILE A 22 -2.29 8.11 10.62
C ILE A 22 -2.62 8.83 11.94
N ALA A 23 -2.00 8.44 13.02
CA ALA A 23 -2.29 9.13 14.31
C ALA A 23 -1.93 10.60 14.18
N ALA A 24 -0.76 10.88 13.67
CA ALA A 24 -0.33 12.30 13.50
C ALA A 24 -1.28 12.98 12.50
N GLN A 25 -1.80 12.23 11.58
CA GLN A 25 -2.73 12.82 10.56
C GLN A 25 -4.19 12.66 11.02
N GLY A 26 -4.40 12.00 12.13
CA GLY A 26 -5.79 11.80 12.63
C GLY A 26 -6.76 11.66 11.46
N GLY A 27 -6.73 10.54 10.78
CA GLY A 27 -7.65 10.35 9.63
C GLY A 27 -9.03 9.92 10.13
N GLY A 28 -9.87 9.45 9.26
CA GLY A 28 -11.24 9.02 9.68
C GLY A 28 -11.14 7.69 10.41
N ARG A 29 -12.08 7.41 11.28
CA ARG A 29 -12.04 6.11 12.02
C ARG A 29 -12.59 4.99 11.16
N LYS A 30 -13.26 5.32 10.08
CA LYS A 30 -13.83 4.26 9.19
C LYS A 30 -12.78 3.17 8.95
N GLY A 31 -11.72 3.49 8.27
CA GLY A 31 -10.67 2.47 8.00
C GLY A 31 -9.42 2.81 8.82
N ASP A 32 -8.48 1.91 8.87
CA ASP A 32 -7.24 2.18 9.65
C ASP A 32 -6.00 2.02 8.76
N LEU A 33 -5.21 1.00 9.00
CA LEU A 33 -4.00 0.80 8.15
C LEU A 33 -4.39 0.55 6.70
N SER A 34 -5.36 -0.29 6.47
CA SER A 34 -5.79 -0.57 5.07
C SER A 34 -6.22 0.72 4.36
N ARG A 35 -6.77 1.66 5.08
CA ARG A 35 -7.20 2.93 4.45
C ARG A 35 -5.97 3.76 4.04
N PHE A 36 -4.96 3.78 4.86
CA PHE A 36 -3.74 4.58 4.51
C PHE A 36 -3.19 4.16 3.15
N ILE A 37 -3.07 2.88 2.92
CA ILE A 37 -2.52 2.41 1.61
C ILE A 37 -3.58 2.56 0.50
N GLU A 38 -4.82 2.29 0.81
CA GLU A 38 -5.89 2.41 -0.22
C GLU A 38 -5.93 3.83 -0.79
N ASP A 39 -5.93 4.82 0.05
CA ASP A 39 -5.96 6.22 -0.46
C ASP A 39 -4.72 6.50 -1.30
N ALA A 40 -3.62 5.86 -0.97
CA ALA A 40 -2.37 6.10 -1.74
C ALA A 40 -2.50 5.57 -3.18
N VAL A 41 -3.01 4.38 -3.34
CA VAL A 41 -3.16 3.81 -4.70
C VAL A 41 -4.30 4.51 -5.45
N ARG A 42 -5.33 4.90 -4.75
CA ARG A 42 -6.47 5.60 -5.41
C ARG A 42 -6.04 6.96 -5.96
N ALA A 43 -5.15 7.63 -5.28
CA ALA A 43 -4.70 8.97 -5.76
C ALA A 43 -3.89 8.83 -7.05
N TYR A 44 -3.03 7.85 -7.11
CA TYR A 44 -2.19 7.66 -8.34
C TYR A 44 -3.03 7.17 -9.53
N LEU A 45 -3.92 6.24 -9.29
CA LEU A 45 -4.76 5.71 -10.41
C LEU A 45 -5.79 6.76 -10.85
N PHE A 46 -6.42 7.41 -9.92
CA PHE A 46 -7.44 8.43 -10.30
C PHE A 46 -6.79 9.62 -11.02
N GLU A 47 -5.66 10.05 -10.55
CA GLU A 47 -4.96 11.20 -11.22
C GLU A 47 -4.78 10.93 -12.71
N ARG A 48 -4.29 9.76 -13.05
CA ARG A 48 -4.08 9.43 -14.49
C ARG A 48 -5.41 8.98 -15.12
N ALA A 49 -6.43 8.81 -14.32
CA ALA A 49 -7.75 8.39 -14.87
C ALA A 49 -8.47 9.57 -15.52
N VAL A 50 -8.54 10.69 -14.85
CA VAL A 50 -9.24 11.87 -15.44
C VAL A 50 -8.41 12.46 -16.59
N GLU A 51 -7.11 12.44 -16.47
CA GLU A 51 -6.25 12.99 -17.56
C GLU A 51 -6.41 14.51 -17.62
N MET B 1 14.41 -9.29 13.44
CA MET B 1 14.23 -9.19 11.96
C MET B 1 13.34 -10.33 11.45
N ASN B 2 12.13 -10.04 11.08
CA ASN B 2 11.22 -11.11 10.58
C ASN B 2 10.07 -10.49 9.76
N THR B 3 9.65 -11.16 8.73
CA THR B 3 8.54 -10.62 7.90
C THR B 3 7.22 -10.70 8.66
N VAL B 4 6.37 -9.72 8.51
CA VAL B 4 5.05 -9.74 9.22
C VAL B 4 3.93 -10.10 8.25
N ARG B 5 2.92 -10.76 8.74
CA ARG B 5 1.78 -11.13 7.84
C ARG B 5 0.71 -10.04 7.87
N TRP B 6 0.48 -9.38 6.77
CA TRP B 6 -0.54 -8.29 6.74
C TRP B 6 -1.90 -8.84 6.30
N ASN B 7 -2.94 -8.23 6.82
CA ASN B 7 -4.32 -8.60 6.43
C ASN B 7 -5.07 -7.34 6.04
N ILE B 8 -5.45 -7.18 4.82
CA ILE B 8 -6.16 -5.91 4.47
C ILE B 8 -7.29 -6.15 3.46
N ALA B 9 -8.34 -5.38 3.54
CA ALA B 9 -9.47 -5.58 2.58
C ALA B 9 -9.51 -4.45 1.56
N VAL B 10 -9.60 -4.79 0.29
CA VAL B 10 -9.64 -3.72 -0.75
C VAL B 10 -10.64 -4.11 -1.85
N SER B 11 -11.03 -3.18 -2.67
CA SER B 11 -12.00 -3.49 -3.77
C SER B 11 -11.28 -4.20 -4.92
N PRO B 12 -11.86 -5.28 -5.37
CA PRO B 12 -11.22 -6.02 -6.49
C PRO B 12 -10.77 -5.07 -7.61
N ASP B 13 -11.22 -3.84 -7.57
CA ASP B 13 -10.82 -2.88 -8.64
C ASP B 13 -9.35 -2.46 -8.47
N VAL B 14 -8.88 -2.44 -7.26
CA VAL B 14 -7.46 -2.04 -7.03
C VAL B 14 -6.52 -3.19 -7.41
N ASP B 15 -6.96 -4.40 -7.27
CA ASP B 15 -6.08 -5.56 -7.62
C ASP B 15 -5.79 -5.57 -9.13
N GLN B 16 -6.79 -5.45 -9.94
CA GLN B 16 -6.57 -5.46 -11.41
C GLN B 16 -5.63 -4.32 -11.82
N SER B 17 -5.70 -3.21 -11.15
CA SER B 17 -4.82 -2.05 -11.51
C SER B 17 -3.39 -2.31 -11.00
N VAL B 18 -3.25 -2.89 -9.85
CA VAL B 18 -1.89 -3.16 -9.30
C VAL B 18 -1.16 -4.19 -10.15
N ARG B 19 -1.83 -5.23 -10.58
CA ARG B 19 -1.15 -6.26 -11.41
C ARG B 19 -0.75 -5.66 -12.75
N MET B 20 -1.66 -4.96 -13.39
CA MET B 20 -1.33 -4.36 -14.72
C MET B 20 -0.18 -3.36 -14.56
N PHE B 21 -0.15 -2.65 -13.47
CA PHE B 21 0.95 -1.65 -13.26
C PHE B 21 2.31 -2.35 -13.21
N ILE B 22 2.42 -3.42 -12.47
CA ILE B 22 3.74 -4.12 -12.37
C ILE B 22 4.08 -4.80 -13.70
N ALA B 23 3.10 -5.38 -14.36
CA ALA B 23 3.41 -6.04 -15.67
C ALA B 23 3.96 -5.00 -16.64
N ALA B 24 3.28 -3.88 -16.75
CA ALA B 24 3.76 -2.81 -17.65
C ALA B 24 5.13 -2.31 -17.18
N GLN B 25 5.35 -2.36 -15.89
CA GLN B 25 6.66 -1.90 -15.35
C GLN B 25 7.64 -3.08 -15.21
N GLY B 26 7.19 -4.26 -15.52
CA GLY B 26 8.08 -5.45 -15.42
C GLY B 26 9.06 -5.27 -14.25
N GLY B 27 8.60 -5.39 -13.04
CA GLY B 27 9.51 -5.22 -11.87
C GLY B 27 10.26 -6.52 -11.61
N GLY B 28 10.89 -6.64 -10.48
CA GLY B 28 11.66 -7.88 -10.18
C GLY B 28 10.68 -9.01 -9.84
N ARG B 29 11.07 -10.23 -10.04
CA ARG B 29 10.17 -11.37 -9.72
C ARG B 29 10.20 -11.69 -8.22
N LYS B 30 11.17 -11.16 -7.53
CA LYS B 30 11.26 -11.42 -6.06
C LYS B 30 9.89 -11.25 -5.41
N GLY B 31 9.37 -10.06 -5.39
CA GLY B 31 8.03 -9.83 -4.78
C GLY B 31 7.01 -9.52 -5.87
N ASP B 32 5.75 -9.51 -5.55
CA ASP B 32 4.72 -9.21 -6.58
C ASP B 32 3.85 -8.04 -6.14
N LEU B 33 2.61 -8.28 -5.81
CA LEU B 33 1.72 -7.17 -5.37
C LEU B 33 2.25 -6.54 -4.08
N SER B 34 2.63 -7.35 -3.13
CA SER B 34 3.16 -6.81 -1.84
C SER B 34 4.36 -5.89 -2.10
N ARG B 35 5.15 -6.20 -3.09
CA ARG B 35 6.34 -5.35 -3.39
C ARG B 35 5.90 -3.99 -3.94
N PHE B 36 4.90 -3.97 -4.77
CA PHE B 36 4.44 -2.68 -5.35
C PHE B 36 4.09 -1.69 -4.24
N ILE B 37 3.35 -2.11 -3.25
CA ILE B 37 2.98 -1.20 -2.15
C ILE B 37 4.16 -0.96 -1.21
N GLU B 38 4.93 -1.98 -0.95
CA GLU B 38 6.11 -1.82 -0.04
C GLU B 38 7.05 -0.73 -0.56
N ASP B 39 7.37 -0.76 -1.82
CA ASP B 39 8.30 0.27 -2.38
C ASP B 39 7.65 1.65 -2.28
N ALA B 40 6.35 1.70 -2.34
CA ALA B 40 5.64 3.02 -2.25
C ALA B 40 5.80 3.62 -0.85
N VAL B 41 5.61 2.83 0.17
CA VAL B 41 5.75 3.37 1.56
C VAL B 41 7.23 3.60 1.89
N ARG B 42 8.10 2.78 1.38
CA ARG B 42 9.55 2.95 1.67
C ARG B 42 10.07 4.26 1.05
N ALA B 43 9.56 4.63 -0.10
CA ALA B 43 10.04 5.88 -0.75
C ALA B 43 9.61 7.11 0.07
N TYR B 44 8.40 7.12 0.57
CA TYR B 44 7.91 8.28 1.36
C TYR B 44 8.60 8.35 2.72
N LEU B 45 8.76 7.24 3.39
CA LEU B 45 9.42 7.26 4.73
C LEU B 45 10.92 7.53 4.60
N PHE B 46 11.57 6.91 3.65
CA PHE B 46 13.03 7.13 3.49
C PHE B 46 13.32 8.56 3.06
N GLU B 47 12.53 9.10 2.17
CA GLU B 47 12.76 10.51 1.71
C GLU B 47 12.81 11.45 2.91
N ARG B 48 11.87 11.34 3.80
CA ARG B 48 11.86 12.24 5.00
C ARG B 48 12.84 11.71 6.05
N ALA B 49 13.38 10.54 5.84
CA ALA B 49 14.34 9.97 6.82
C ALA B 49 15.72 10.63 6.68
N VAL B 50 16.23 10.71 5.48
CA VAL B 50 17.57 11.32 5.28
C VAL B 50 17.50 12.84 5.51
N GLU B 51 16.41 13.46 5.13
CA GLU B 51 16.27 14.93 5.33
C GLU B 51 17.26 15.67 4.40
N MET A 1 -20.89 -4.09 -2.75
CA MET A 1 -21.03 -3.58 -1.36
C MET A 1 -20.40 -4.56 -0.37
N ASN A 2 -19.26 -5.10 -0.71
CA ASN A 2 -18.60 -6.07 0.21
C ASN A 2 -17.10 -5.75 0.33
N THR A 3 -16.50 -6.08 1.43
CA THR A 3 -15.04 -5.80 1.60
C THR A 3 -14.21 -7.03 1.20
N VAL A 4 -13.09 -6.82 0.58
CA VAL A 4 -12.23 -7.97 0.17
C VAL A 4 -11.11 -8.16 1.20
N ARG A 5 -10.66 -9.37 1.39
CA ARG A 5 -9.56 -9.61 2.36
C ARG A 5 -8.25 -9.83 1.60
N TRP A 6 -7.19 -9.19 2.01
CA TRP A 6 -5.91 -9.39 1.27
C TRP A 6 -4.78 -9.78 2.22
N ASN A 7 -4.27 -10.98 2.08
CA ASN A 7 -3.17 -11.43 2.97
C ASN A 7 -1.87 -11.41 2.18
N ILE A 8 -0.93 -10.61 2.59
CA ILE A 8 0.35 -10.53 1.83
C ILE A 8 1.54 -10.51 2.79
N ALA A 9 2.71 -10.86 2.32
CA ALA A 9 3.90 -10.87 3.21
C ALA A 9 4.71 -9.57 3.05
N VAL A 10 4.97 -8.90 4.14
CA VAL A 10 5.75 -7.64 4.08
C VAL A 10 6.75 -7.57 5.24
N SER A 11 7.71 -6.69 5.17
CA SER A 11 8.69 -6.59 6.28
C SER A 11 8.07 -5.84 7.46
N PRO A 12 8.14 -6.44 8.62
CA PRO A 12 7.56 -5.77 9.82
C PRO A 12 8.00 -4.30 9.92
N ASP A 13 8.91 -3.88 9.08
CA ASP A 13 9.36 -2.46 9.14
C ASP A 13 8.28 -1.53 8.58
N VAL A 14 7.46 -2.03 7.70
CA VAL A 14 6.39 -1.17 7.12
C VAL A 14 5.26 -0.95 8.13
N ASP A 15 5.00 -1.89 8.99
CA ASP A 15 3.90 -1.71 9.98
C ASP A 15 4.27 -0.58 10.97
N GLN A 16 5.45 -0.63 11.51
CA GLN A 16 5.86 0.43 12.48
C GLN A 16 5.79 1.81 11.83
N SER A 17 6.19 1.91 10.59
CA SER A 17 6.14 3.24 9.91
C SER A 17 4.68 3.63 9.64
N VAL A 18 3.86 2.69 9.30
CA VAL A 18 2.43 3.00 9.02
C VAL A 18 1.77 3.63 10.26
N ARG A 19 2.04 3.11 11.42
CA ARG A 19 1.43 3.68 12.66
C ARG A 19 1.91 5.12 12.88
N MET A 20 3.17 5.34 12.73
CA MET A 20 3.70 6.73 12.94
C MET A 20 3.06 7.67 11.92
N PHE A 21 2.96 7.25 10.68
CA PHE A 21 2.35 8.11 9.63
C PHE A 21 0.91 8.48 10.00
N ILE A 22 0.10 7.52 10.35
CA ILE A 22 -1.32 7.84 10.71
C ILE A 22 -1.34 8.80 11.90
N ALA A 23 -0.47 8.62 12.85
CA ALA A 23 -0.44 9.54 14.02
C ALA A 23 -0.22 10.98 13.55
N ALA A 24 0.52 11.15 12.49
CA ALA A 24 0.76 12.51 11.95
C ALA A 24 -0.49 13.01 11.23
N GLN A 25 -1.22 12.13 10.62
CA GLN A 25 -2.46 12.53 9.90
C GLN A 25 -3.67 12.42 10.83
N GLY A 26 -3.46 11.96 12.04
CA GLY A 26 -4.59 11.82 12.99
C GLY A 26 -4.94 13.19 13.58
N GLY A 27 -6.06 13.74 13.19
CA GLY A 27 -6.44 15.07 13.74
C GLY A 27 -7.95 15.28 13.51
N GLY A 28 -8.69 14.23 13.38
CA GLY A 28 -10.16 14.37 13.17
C GLY A 28 -10.76 13.01 12.82
N ARG A 29 -10.11 12.27 11.96
CA ARG A 29 -10.66 10.93 11.57
C ARG A 29 -9.65 9.83 11.97
N LYS A 30 -10.14 8.64 12.18
CA LYS A 30 -9.23 7.53 12.57
C LYS A 30 -8.96 6.63 11.35
N GLY A 31 -9.48 5.42 11.35
CA GLY A 31 -9.25 4.51 10.20
C GLY A 31 -8.20 3.46 10.58
N ASP A 32 -7.94 2.53 9.71
CA ASP A 32 -6.93 1.48 10.02
C ASP A 32 -5.84 1.47 8.95
N LEU A 33 -5.09 0.41 8.86
CA LEU A 33 -4.01 0.33 7.84
C LEU A 33 -4.62 0.14 6.45
N SER A 34 -5.67 -0.62 6.35
CA SER A 34 -6.30 -0.87 5.02
C SER A 34 -6.63 0.44 4.31
N ARG A 35 -7.13 1.41 5.04
CA ARG A 35 -7.47 2.71 4.38
C ARG A 35 -6.19 3.45 3.98
N PHE A 36 -5.18 3.40 4.80
CA PHE A 36 -3.91 4.10 4.46
C PHE A 36 -3.38 3.63 3.11
N ILE A 37 -3.34 2.34 2.88
CA ILE A 37 -2.83 1.84 1.58
C ILE A 37 -3.85 2.07 0.47
N GLU A 38 -5.11 1.92 0.76
CA GLU A 38 -6.16 2.12 -0.27
C GLU A 38 -6.07 3.52 -0.88
N ASP A 39 -5.96 4.52 -0.05
CA ASP A 39 -5.87 5.91 -0.57
C ASP A 39 -4.51 6.11 -1.26
N ALA A 40 -3.50 5.44 -0.77
CA ALA A 40 -2.14 5.59 -1.37
C ALA A 40 -2.11 5.09 -2.82
N VAL A 41 -2.68 3.95 -3.08
CA VAL A 41 -2.69 3.41 -4.47
C VAL A 41 -3.54 4.29 -5.39
N ARG A 42 -4.61 4.84 -4.87
CA ARG A 42 -5.48 5.69 -5.73
C ARG A 42 -4.69 6.89 -6.28
N ALA A 43 -3.89 7.51 -5.47
CA ALA A 43 -3.10 8.68 -5.95
C ALA A 43 -2.20 8.28 -7.11
N TYR A 44 -1.58 7.13 -7.03
CA TYR A 44 -0.67 6.69 -8.13
C TYR A 44 -1.48 6.32 -9.38
N LEU A 45 -2.50 5.53 -9.22
CA LEU A 45 -3.32 5.12 -10.40
C LEU A 45 -3.88 6.35 -11.13
N PHE A 46 -4.27 7.37 -10.40
CA PHE A 46 -4.82 8.58 -11.07
C PHE A 46 -3.71 9.32 -11.83
N GLU A 47 -2.57 9.50 -11.22
CA GLU A 47 -1.46 10.22 -11.91
C GLU A 47 -1.14 9.52 -13.24
N ARG A 48 -1.12 8.22 -13.25
CA ARG A 48 -0.80 7.49 -14.51
C ARG A 48 -2.00 7.53 -15.47
N ALA A 49 -3.18 7.71 -14.95
CA ALA A 49 -4.38 7.77 -15.83
C ALA A 49 -4.31 8.99 -16.76
N VAL A 50 -4.07 10.14 -16.20
CA VAL A 50 -3.99 11.37 -17.06
C VAL A 50 -2.94 11.18 -18.16
N GLU A 51 -1.75 10.80 -17.79
CA GLU A 51 -0.68 10.60 -18.82
C GLU A 51 -1.12 9.54 -19.82
N MET B 1 15.23 -11.58 9.69
CA MET B 1 15.30 -12.32 8.40
C MET B 1 14.02 -13.13 8.20
N ASN B 2 12.89 -12.57 8.52
CA ASN B 2 11.61 -13.32 8.33
C ASN B 2 10.56 -12.42 7.69
N THR B 3 9.63 -12.99 6.99
CA THR B 3 8.57 -12.17 6.33
C THR B 3 7.33 -12.09 7.22
N VAL B 4 6.68 -10.96 7.25
CA VAL B 4 5.46 -10.81 8.09
C VAL B 4 4.21 -10.97 7.22
N ARG B 5 3.15 -11.48 7.78
CA ARG B 5 1.90 -11.64 6.98
C ARG B 5 0.91 -10.54 7.35
N TRP B 6 0.30 -9.90 6.38
CA TRP B 6 -0.65 -8.82 6.72
C TRP B 6 -2.01 -9.04 6.04
N ASN B 7 -3.03 -9.28 6.80
CA ASN B 7 -4.38 -9.50 6.21
C ASN B 7 -5.23 -8.26 6.44
N ILE B 8 -5.64 -7.61 5.39
CA ILE B 8 -6.44 -6.38 5.57
C ILE B 8 -7.62 -6.35 4.58
N ALA B 9 -8.63 -5.59 4.88
CA ALA B 9 -9.81 -5.53 3.97
C ALA B 9 -9.71 -4.33 3.02
N VAL B 10 -9.81 -4.56 1.75
CA VAL B 10 -9.74 -3.44 0.77
C VAL B 10 -10.78 -3.64 -0.34
N SER B 11 -11.06 -2.62 -1.11
CA SER B 11 -12.06 -2.78 -2.20
C SER B 11 -11.43 -3.51 -3.39
N PRO B 12 -12.09 -4.54 -3.83
CA PRO B 12 -11.54 -5.32 -4.97
C PRO B 12 -11.12 -4.40 -6.12
N ASP B 13 -11.41 -3.14 -6.03
CA ASP B 13 -11.01 -2.19 -7.12
C ASP B 13 -9.50 -1.93 -7.08
N VAL B 14 -8.91 -2.06 -5.93
CA VAL B 14 -7.44 -1.82 -5.82
C VAL B 14 -6.65 -2.99 -6.41
N ASP B 15 -7.17 -4.19 -6.34
CA ASP B 15 -6.41 -5.34 -6.91
C ASP B 15 -6.33 -5.22 -8.44
N GLN B 16 -7.44 -4.96 -9.08
CA GLN B 16 -7.43 -4.85 -10.57
C GLN B 16 -6.46 -3.75 -11.00
N SER B 17 -6.44 -2.65 -10.29
CA SER B 17 -5.51 -1.54 -10.67
C SER B 17 -4.06 -1.95 -10.39
N VAL B 18 -3.83 -2.66 -9.33
CA VAL B 18 -2.43 -3.09 -9.00
C VAL B 18 -1.86 -3.95 -10.13
N ARG B 19 -2.65 -4.85 -10.67
CA ARG B 19 -2.12 -5.71 -11.77
C ARG B 19 -1.78 -4.85 -13.00
N MET B 20 -2.64 -3.94 -13.36
CA MET B 20 -2.35 -3.09 -14.53
C MET B 20 -1.08 -2.27 -14.29
N PHE B 21 -0.94 -1.74 -13.11
CA PHE B 21 0.27 -0.92 -12.79
C PHE B 21 1.54 -1.76 -12.96
N ILE B 22 1.59 -2.93 -12.36
CA ILE B 22 2.82 -3.76 -12.49
C ILE B 22 3.08 -4.09 -13.97
N ALA B 23 2.05 -4.33 -14.73
CA ALA B 23 2.24 -4.62 -16.18
C ALA B 23 2.96 -3.45 -16.85
N ALA B 24 2.71 -2.25 -16.38
CA ALA B 24 3.40 -1.07 -16.98
C ALA B 24 4.84 -1.01 -16.50
N GLN B 25 5.09 -1.46 -15.29
CA GLN B 25 6.48 -1.45 -14.76
C GLN B 25 7.17 -2.78 -15.06
N GLY B 26 6.46 -3.70 -15.64
CA GLY B 26 7.07 -5.03 -15.96
C GLY B 26 7.96 -4.90 -17.20
N GLY B 27 9.24 -4.98 -17.03
CA GLY B 27 10.17 -4.87 -18.20
C GLY B 27 11.54 -5.42 -17.82
N GLY B 28 11.59 -6.29 -16.85
CA GLY B 28 12.90 -6.87 -16.42
C GLY B 28 12.72 -7.67 -15.14
N ARG B 29 12.00 -7.12 -14.19
CA ARG B 29 11.79 -7.84 -12.90
C ARG B 29 10.31 -8.12 -12.69
N LYS B 30 9.99 -9.14 -11.94
CA LYS B 30 8.55 -9.46 -11.70
C LYS B 30 8.13 -8.97 -10.30
N GLY B 31 7.90 -9.87 -9.39
CA GLY B 31 7.49 -9.45 -8.02
C GLY B 31 5.99 -9.67 -7.84
N ASP B 32 5.48 -9.42 -6.67
CA ASP B 32 4.02 -9.62 -6.43
C ASP B 32 3.39 -8.31 -5.93
N LEU B 33 2.23 -8.40 -5.35
CA LEU B 33 1.55 -7.17 -4.83
C LEU B 33 2.26 -6.67 -3.57
N SER B 34 2.72 -7.57 -2.74
CA SER B 34 3.40 -7.16 -1.49
C SER B 34 4.56 -6.19 -1.78
N ARG B 35 5.32 -6.46 -2.81
CA ARG B 35 6.46 -5.54 -3.13
C ARG B 35 5.93 -4.20 -3.64
N PHE B 36 4.89 -4.22 -4.43
CA PHE B 36 4.34 -2.94 -4.97
C PHE B 36 3.99 -1.98 -3.82
N ILE B 37 3.30 -2.47 -2.81
CA ILE B 37 2.92 -1.58 -1.68
C ILE B 37 4.14 -1.28 -0.80
N GLU B 38 4.98 -2.26 -0.60
CA GLU B 38 6.19 -2.03 0.25
C GLU B 38 7.02 -0.86 -0.28
N ASP B 39 7.29 -0.85 -1.55
CA ASP B 39 8.10 0.27 -2.12
C ASP B 39 7.28 1.56 -2.10
N ALA B 40 5.98 1.45 -2.24
CA ALA B 40 5.12 2.67 -2.25
C ALA B 40 5.18 3.39 -0.89
N VAL B 41 5.06 2.66 0.19
CA VAL B 41 5.10 3.31 1.53
C VAL B 41 6.49 3.90 1.80
N ARG B 42 7.53 3.27 1.32
CA ARG B 42 8.90 3.79 1.57
C ARG B 42 9.04 5.21 0.99
N ALA B 43 8.55 5.42 -0.20
CA ALA B 43 8.66 6.77 -0.82
C ALA B 43 7.98 7.83 0.05
N TYR B 44 6.84 7.52 0.61
CA TYR B 44 6.13 8.52 1.46
C TYR B 44 6.88 8.72 2.78
N LEU B 45 7.23 7.66 3.44
CA LEU B 45 7.96 7.78 4.74
C LEU B 45 9.24 8.60 4.58
N PHE B 46 9.93 8.43 3.48
CA PHE B 46 11.20 9.19 3.28
C PHE B 46 10.89 10.68 3.05
N GLU B 47 9.93 10.98 2.23
CA GLU B 47 9.59 12.41 1.97
C GLU B 47 9.25 13.12 3.29
N ARG B 48 8.56 12.45 4.17
CA ARG B 48 8.20 13.09 5.47
C ARG B 48 9.41 13.10 6.41
N ALA B 49 10.34 12.20 6.21
CA ALA B 49 11.54 12.16 7.09
C ALA B 49 12.37 13.43 6.92
N VAL B 50 12.67 13.81 5.71
CA VAL B 50 13.47 15.04 5.48
C VAL B 50 12.78 16.24 6.13
N GLU B 51 11.53 16.46 5.84
CA GLU B 51 10.81 17.62 6.44
C GLU B 51 10.80 17.49 7.97
N MET A 1 -21.47 -6.20 -4.21
CA MET A 1 -20.30 -7.12 -4.28
C MET A 1 -19.91 -7.58 -2.87
N ASN A 2 -18.65 -7.63 -2.57
CA ASN A 2 -18.22 -8.07 -1.21
C ASN A 2 -16.79 -7.59 -0.92
N THR A 3 -16.57 -7.03 0.23
CA THR A 3 -15.20 -6.55 0.57
C THR A 3 -14.18 -7.66 0.35
N VAL A 4 -13.03 -7.33 -0.16
CA VAL A 4 -12.00 -8.38 -0.40
C VAL A 4 -10.91 -8.32 0.69
N ARG A 5 -10.33 -9.44 1.01
CA ARG A 5 -9.27 -9.46 2.04
C ARG A 5 -7.91 -9.67 1.36
N TRP A 6 -6.91 -8.92 1.72
CA TRP A 6 -5.59 -9.11 1.06
C TRP A 6 -4.49 -9.42 2.08
N ASN A 7 -3.96 -10.61 2.06
CA ASN A 7 -2.89 -10.96 3.02
C ASN A 7 -1.56 -11.09 2.28
N ILE A 8 -0.56 -10.37 2.72
CA ILE A 8 0.74 -10.44 2.01
C ILE A 8 1.90 -10.45 3.02
N ALA A 9 3.08 -10.77 2.57
CA ALA A 9 4.24 -10.81 3.50
C ALA A 9 5.04 -9.51 3.44
N VAL A 10 5.18 -8.84 4.55
CA VAL A 10 5.95 -7.57 4.58
C VAL A 10 6.77 -7.48 5.87
N SER A 11 7.73 -6.60 5.93
CA SER A 11 8.55 -6.47 7.17
C SER A 11 7.75 -5.72 8.24
N PRO A 12 7.76 -6.26 9.43
CA PRO A 12 7.01 -5.59 10.53
C PRO A 12 7.40 -4.10 10.63
N ASP A 13 8.34 -3.66 9.85
CA ASP A 13 8.75 -2.23 9.89
C ASP A 13 7.68 -1.35 9.26
N VAL A 14 6.92 -1.92 8.35
CA VAL A 14 5.84 -1.12 7.69
C VAL A 14 4.65 -0.92 8.63
N ASP A 15 4.34 -1.89 9.44
CA ASP A 15 3.18 -1.73 10.37
C ASP A 15 3.49 -0.64 11.40
N GLN A 16 4.64 -0.71 12.02
CA GLN A 16 5.00 0.33 13.04
C GLN A 16 5.01 1.72 12.40
N SER A 17 5.52 1.82 11.20
CA SER A 17 5.57 3.15 10.52
C SER A 17 4.14 3.63 10.21
N VAL A 18 3.29 2.75 9.76
CA VAL A 18 1.90 3.14 9.44
C VAL A 18 1.20 3.67 10.69
N ARG A 19 1.40 3.05 11.82
CA ARG A 19 0.75 3.53 13.07
C ARG A 19 1.31 4.89 13.47
N MET A 20 2.60 5.05 13.40
CA MET A 20 3.21 6.35 13.79
C MET A 20 2.68 7.47 12.87
N PHE A 21 2.57 7.18 11.60
CA PHE A 21 2.08 8.21 10.64
C PHE A 21 0.67 8.71 11.01
N ILE A 22 -0.25 7.82 11.23
CA ILE A 22 -1.63 8.25 11.59
C ILE A 22 -1.59 9.16 12.82
N ALA A 23 -0.72 8.87 13.75
CA ALA A 23 -0.64 9.73 14.97
C ALA A 23 -0.37 11.17 14.55
N ALA A 24 0.34 11.36 13.48
CA ALA A 24 0.63 12.74 13.00
C ALA A 24 -0.61 13.33 12.34
N GLN A 25 -1.39 12.51 11.69
CA GLN A 25 -2.63 13.02 11.02
C GLN A 25 -3.83 12.86 11.95
N GLY A 26 -3.64 12.28 13.11
CA GLY A 26 -4.76 12.09 14.07
C GLY A 26 -6.08 11.91 13.31
N GLY A 27 -7.11 12.57 13.73
CA GLY A 27 -8.43 12.44 13.04
C GLY A 27 -9.29 11.41 13.75
N GLY A 28 -8.74 10.27 14.07
CA GLY A 28 -9.53 9.22 14.77
C GLY A 28 -10.59 8.67 13.81
N ARG A 29 -10.19 7.83 12.90
CA ARG A 29 -11.18 7.25 11.94
C ARG A 29 -11.63 5.86 12.41
N LYS A 30 -11.05 4.83 11.88
CA LYS A 30 -11.45 3.45 12.29
C LYS A 30 -10.21 2.62 12.66
N GLY A 31 -9.12 3.27 12.94
CA GLY A 31 -7.88 2.52 13.31
C GLY A 31 -7.69 1.36 12.33
N ASP A 32 -7.72 1.64 11.05
CA ASP A 32 -7.54 0.56 10.04
C ASP A 32 -6.41 0.92 9.07
N LEU A 33 -5.42 0.07 8.97
CA LEU A 33 -4.27 0.36 8.06
C LEU A 33 -4.70 0.17 6.60
N SER A 34 -5.71 -0.63 6.36
CA SER A 34 -6.17 -0.85 4.96
C SER A 34 -6.51 0.48 4.29
N ARG A 35 -7.00 1.43 5.05
CA ARG A 35 -7.35 2.74 4.44
C ARG A 35 -6.08 3.51 4.05
N PHE A 36 -5.07 3.46 4.88
CA PHE A 36 -3.81 4.19 4.57
C PHE A 36 -3.26 3.74 3.21
N ILE A 37 -3.15 2.46 3.00
CA ILE A 37 -2.62 1.98 1.69
C ILE A 37 -3.62 2.26 0.57
N GLU A 38 -4.88 2.10 0.85
CA GLU A 38 -5.92 2.35 -0.20
C GLU A 38 -5.81 3.77 -0.76
N ASP A 39 -5.73 4.75 0.10
CA ASP A 39 -5.62 6.15 -0.39
C ASP A 39 -4.25 6.38 -1.02
N ALA A 40 -3.24 5.71 -0.53
CA ALA A 40 -1.87 5.89 -1.09
C ALA A 40 -1.80 5.41 -2.54
N VAL A 41 -2.35 4.25 -2.82
CA VAL A 41 -2.31 3.73 -4.21
C VAL A 41 -3.27 4.54 -5.10
N ARG A 42 -4.37 4.99 -4.54
CA ARG A 42 -5.33 5.79 -5.35
C ARG A 42 -4.65 7.06 -5.87
N ALA A 43 -3.88 7.72 -5.03
CA ALA A 43 -3.19 8.96 -5.48
C ALA A 43 -2.29 8.67 -6.68
N TYR A 44 -1.65 7.53 -6.68
CA TYR A 44 -0.74 7.20 -7.82
C TYR A 44 -1.55 6.93 -9.10
N LEU A 45 -2.64 6.21 -8.98
CA LEU A 45 -3.45 5.91 -10.19
C LEU A 45 -4.12 7.17 -10.73
N PHE A 46 -4.49 8.09 -9.88
CA PHE A 46 -5.16 9.33 -10.37
C PHE A 46 -4.17 10.16 -11.20
N GLU A 47 -2.98 10.33 -10.73
CA GLU A 47 -1.97 11.12 -11.50
C GLU A 47 -1.83 10.54 -12.91
N ARG A 48 -1.60 9.26 -13.01
CA ARG A 48 -1.46 8.64 -14.35
C ARG A 48 -2.78 8.71 -15.11
N ALA A 49 -3.86 8.96 -14.42
CA ALA A 49 -5.18 9.04 -15.10
C ALA A 49 -5.19 10.21 -16.08
N VAL A 50 -4.73 11.35 -15.65
CA VAL A 50 -4.70 12.53 -16.56
C VAL A 50 -3.82 12.23 -17.79
N GLU A 51 -2.74 11.54 -17.59
CA GLU A 51 -1.84 11.22 -18.74
C GLU A 51 -2.00 9.74 -19.14
N MET B 1 14.94 -12.08 12.16
CA MET B 1 13.51 -11.88 12.54
C MET B 1 12.62 -12.85 11.76
N ASN B 2 11.50 -12.38 11.28
CA ASN B 2 10.58 -13.27 10.51
C ASN B 2 9.62 -12.44 9.65
N THR B 3 9.48 -12.77 8.40
CA THR B 3 8.56 -11.98 7.53
C THR B 3 7.19 -11.87 8.19
N VAL B 4 6.55 -10.74 8.06
CA VAL B 4 5.21 -10.56 8.68
C VAL B 4 4.12 -10.67 7.62
N ARG B 5 2.97 -11.15 7.99
CA ARG B 5 1.85 -11.27 7.02
C ARG B 5 0.80 -10.19 7.32
N TRP B 6 0.33 -9.50 6.33
CA TRP B 6 -0.68 -8.44 6.62
C TRP B 6 -1.98 -8.67 5.83
N ASN B 7 -3.05 -8.97 6.52
CA ASN B 7 -4.34 -9.22 5.81
C ASN B 7 -5.30 -8.07 6.11
N ILE B 8 -5.81 -7.45 5.09
CA ILE B 8 -6.72 -6.30 5.32
C ILE B 8 -7.89 -6.34 4.35
N ALA B 9 -8.92 -5.57 4.59
CA ALA B 9 -10.10 -5.58 3.67
C ALA B 9 -10.02 -4.43 2.68
N VAL B 10 -10.04 -4.75 1.40
CA VAL B 10 -9.98 -3.69 0.36
C VAL B 10 -10.89 -4.06 -0.81
N SER B 11 -11.20 -3.12 -1.65
CA SER B 11 -12.10 -3.43 -2.81
C SER B 11 -11.31 -4.18 -3.89
N PRO B 12 -11.89 -5.24 -4.38
CA PRO B 12 -11.19 -6.03 -5.42
C PRO B 12 -10.71 -5.13 -6.57
N ASP B 13 -11.04 -3.86 -6.53
CA ASP B 13 -10.62 -2.94 -7.61
C ASP B 13 -9.12 -2.65 -7.48
N VAL B 14 -8.59 -2.76 -6.30
CA VAL B 14 -7.15 -2.49 -6.10
C VAL B 14 -6.30 -3.66 -6.63
N ASP B 15 -6.77 -4.87 -6.47
CA ASP B 15 -5.98 -6.03 -6.97
C ASP B 15 -5.88 -5.98 -8.49
N GLN B 16 -6.98 -5.80 -9.16
CA GLN B 16 -6.95 -5.75 -10.65
C GLN B 16 -6.06 -4.60 -11.12
N SER B 17 -6.13 -3.47 -10.47
CA SER B 17 -5.28 -2.31 -10.88
C SER B 17 -3.81 -2.63 -10.64
N VAL B 18 -3.49 -3.26 -9.54
CA VAL B 18 -2.06 -3.59 -9.24
C VAL B 18 -1.52 -4.54 -10.32
N ARG B 19 -2.29 -5.49 -10.74
CA ARG B 19 -1.81 -6.43 -11.79
C ARG B 19 -1.62 -5.69 -13.12
N MET B 20 -2.56 -4.87 -13.48
CA MET B 20 -2.43 -4.12 -14.76
C MET B 20 -1.18 -3.22 -14.72
N PHE B 21 -0.94 -2.58 -13.61
CA PHE B 21 0.25 -1.68 -13.49
C PHE B 21 1.55 -2.44 -13.75
N ILE B 22 1.76 -3.55 -13.10
CA ILE B 22 3.03 -4.32 -13.32
C ILE B 22 3.19 -4.64 -14.81
N ALA B 23 2.11 -4.93 -15.48
CA ALA B 23 2.22 -5.25 -16.94
C ALA B 23 2.89 -4.08 -17.66
N ALA B 24 2.67 -2.89 -17.19
CA ALA B 24 3.30 -1.70 -17.84
C ALA B 24 4.79 -1.63 -17.46
N GLN B 25 5.12 -2.06 -16.28
CA GLN B 25 6.55 -2.03 -15.84
C GLN B 25 7.22 -3.38 -16.12
N GLY B 26 6.46 -4.34 -16.59
CA GLY B 26 7.04 -5.68 -16.89
C GLY B 26 8.18 -5.98 -15.92
N GLY B 27 9.28 -6.49 -16.42
CA GLY B 27 10.43 -6.81 -15.53
C GLY B 27 10.39 -8.29 -15.14
N GLY B 28 9.25 -8.78 -14.74
CA GLY B 28 9.15 -10.21 -14.36
C GLY B 28 9.93 -10.44 -13.06
N ARG B 29 9.37 -10.06 -11.95
CA ARG B 29 10.08 -10.25 -10.65
C ARG B 29 9.59 -11.52 -9.96
N LYS B 30 8.67 -11.39 -9.03
CA LYS B 30 8.16 -12.59 -8.32
C LYS B 30 6.62 -12.59 -8.31
N GLY B 31 6.02 -11.86 -9.22
CA GLY B 31 4.54 -11.81 -9.26
C GLY B 31 3.99 -11.65 -7.84
N ASP B 32 4.46 -10.67 -7.12
CA ASP B 32 3.98 -10.47 -5.72
C ASP B 32 3.49 -9.03 -5.54
N LEU B 33 2.26 -8.85 -5.14
CA LEU B 33 1.72 -7.47 -4.94
C LEU B 33 2.32 -6.84 -3.69
N SER B 34 2.74 -7.64 -2.75
CA SER B 34 3.34 -7.09 -1.50
C SER B 34 4.49 -6.14 -1.83
N ARG B 35 5.22 -6.42 -2.87
CA ARG B 35 6.36 -5.52 -3.23
C ARG B 35 5.84 -4.18 -3.77
N PHE B 36 4.82 -4.21 -4.57
CA PHE B 36 4.27 -2.93 -5.13
C PHE B 36 3.90 -1.97 -3.99
N ILE B 37 3.16 -2.43 -3.01
CA ILE B 37 2.79 -1.52 -1.89
C ILE B 37 4.02 -1.18 -1.05
N GLU B 38 4.88 -2.14 -0.84
CA GLU B 38 6.10 -1.88 -0.01
C GLU B 38 6.92 -0.72 -0.59
N ASP B 39 7.17 -0.73 -1.87
CA ASP B 39 7.96 0.37 -2.47
C ASP B 39 7.13 1.65 -2.51
N ALA B 40 5.84 1.53 -2.65
CA ALA B 40 4.97 2.74 -2.70
C ALA B 40 5.01 3.48 -1.36
N VAL B 41 4.89 2.79 -0.27
CA VAL B 41 4.91 3.45 1.06
C VAL B 41 6.33 3.94 1.37
N ARG B 42 7.32 3.20 0.94
CA ARG B 42 8.72 3.63 1.21
C ARG B 42 8.99 4.99 0.57
N ALA B 43 8.54 5.19 -0.64
CA ALA B 43 8.77 6.51 -1.31
C ALA B 43 8.16 7.64 -0.48
N TYR B 44 7.04 7.40 0.13
CA TYR B 44 6.39 8.48 0.95
C TYR B 44 7.20 8.75 2.21
N LEU B 45 7.65 7.71 2.87
CA LEU B 45 8.44 7.91 4.12
C LEU B 45 9.79 8.56 3.83
N PHE B 46 10.39 8.26 2.71
CA PHE B 46 11.72 8.87 2.39
C PHE B 46 11.57 10.38 2.20
N GLU B 47 10.58 10.80 1.46
CA GLU B 47 10.40 12.27 1.25
C GLU B 47 10.30 12.99 2.60
N ARG B 48 9.45 12.51 3.46
CA ARG B 48 9.31 13.16 4.80
C ARG B 48 10.60 12.97 5.61
N ALA B 49 11.43 12.05 5.20
CA ALA B 49 12.71 11.83 5.95
C ALA B 49 13.59 13.08 5.87
N VAL B 50 13.74 13.64 4.70
CA VAL B 50 14.57 14.86 4.56
C VAL B 50 14.00 15.99 5.42
N GLU B 51 12.70 16.11 5.48
CA GLU B 51 12.07 17.19 6.30
C GLU B 51 11.52 16.61 7.60
N MET A 1 -21.38 -2.85 -3.04
CA MET A 1 -19.96 -2.67 -2.62
C MET A 1 -19.54 -3.82 -1.70
N ASN A 2 -18.47 -4.50 -2.04
CA ASN A 2 -18.01 -5.63 -1.19
C ASN A 2 -16.55 -5.42 -0.77
N THR A 3 -16.18 -5.87 0.39
CA THR A 3 -14.77 -5.69 0.85
C THR A 3 -13.95 -6.94 0.52
N VAL A 4 -12.77 -6.76 -0.02
CA VAL A 4 -11.91 -7.94 -0.36
C VAL A 4 -10.84 -8.13 0.73
N ARG A 5 -10.45 -9.34 0.96
CA ARG A 5 -9.39 -9.59 2.00
C ARG A 5 -8.05 -9.82 1.31
N TRP A 6 -7.00 -9.17 1.76
CA TRP A 6 -5.69 -9.37 1.09
C TRP A 6 -4.59 -9.68 2.12
N ASN A 7 -4.06 -10.86 2.08
CA ASN A 7 -2.97 -11.22 3.04
C ASN A 7 -1.64 -11.24 2.30
N ILE A 8 -0.72 -10.44 2.70
CA ILE A 8 0.59 -10.41 1.98
C ILE A 8 1.74 -10.37 2.99
N ALA A 9 2.94 -10.67 2.54
CA ALA A 9 4.10 -10.67 3.47
C ALA A 9 4.88 -9.36 3.36
N VAL A 10 5.05 -8.67 4.47
CA VAL A 10 5.79 -7.38 4.45
C VAL A 10 6.69 -7.28 5.68
N SER A 11 7.63 -6.38 5.67
CA SER A 11 8.53 -6.23 6.86
C SER A 11 7.81 -5.46 7.97
N PRO A 12 7.98 -5.90 9.18
CA PRO A 12 7.32 -5.22 10.31
C PRO A 12 7.57 -3.70 10.26
N ASP A 13 8.40 -3.26 9.36
CA ASP A 13 8.69 -1.80 9.24
C ASP A 13 7.49 -1.07 8.65
N VAL A 14 6.69 -1.76 7.88
CA VAL A 14 5.51 -1.10 7.26
C VAL A 14 4.40 -0.87 8.30
N ASP A 15 4.14 -1.81 9.15
CA ASP A 15 3.07 -1.61 10.17
C ASP A 15 3.51 -0.53 11.17
N GLN A 16 4.70 -0.64 11.68
CA GLN A 16 5.19 0.38 12.66
C GLN A 16 5.15 1.77 12.02
N SER A 17 5.57 1.89 10.79
CA SER A 17 5.56 3.22 10.12
C SER A 17 4.12 3.71 9.96
N VAL A 18 3.22 2.84 9.62
CA VAL A 18 1.80 3.26 9.42
C VAL A 18 1.23 3.82 10.74
N ARG A 19 1.51 3.20 11.84
CA ARG A 19 0.98 3.70 13.14
C ARG A 19 1.55 5.10 13.43
N MET A 20 2.82 5.28 13.24
CA MET A 20 3.43 6.61 13.50
C MET A 20 2.82 7.66 12.56
N PHE A 21 2.66 7.32 11.31
CA PHE A 21 2.08 8.30 10.34
C PHE A 21 0.69 8.75 10.77
N ILE A 22 -0.19 7.82 11.06
CA ILE A 22 -1.57 8.22 11.47
C ILE A 22 -1.51 9.08 12.74
N ALA A 23 -0.62 8.75 13.65
CA ALA A 23 -0.51 9.56 14.90
C ALA A 23 -0.28 11.03 14.54
N ALA A 24 0.33 11.27 13.41
CA ALA A 24 0.57 12.68 12.98
C ALA A 24 -0.75 13.27 12.47
N GLN A 25 -1.61 12.45 11.95
CA GLN A 25 -2.92 12.95 11.43
C GLN A 25 -4.03 12.68 12.44
N GLY A 26 -3.70 12.04 13.53
CA GLY A 26 -4.74 11.75 14.56
C GLY A 26 -4.64 10.28 14.99
N GLY A 27 -5.48 9.44 14.45
CA GLY A 27 -5.44 7.99 14.83
C GLY A 27 -6.67 7.28 14.27
N GLY A 28 -6.76 6.00 14.46
CA GLY A 28 -7.93 5.25 13.93
C GLY A 28 -8.04 3.89 14.64
N ARG A 29 -9.19 3.27 14.59
CA ARG A 29 -9.34 1.96 15.26
C ARG A 29 -9.63 0.87 14.22
N LYS A 30 -10.67 1.03 13.45
CA LYS A 30 -11.00 0.01 12.42
C LYS A 30 -10.16 0.24 11.15
N GLY A 31 -10.72 0.84 10.14
CA GLY A 31 -9.96 1.08 8.89
C GLY A 31 -8.77 2.00 9.19
N ASP A 32 -7.59 1.47 9.26
CA ASP A 32 -6.40 2.32 9.55
C ASP A 32 -5.33 2.12 8.47
N LEU A 33 -4.49 1.12 8.63
CA LEU A 33 -3.44 0.88 7.61
C LEU A 33 -4.06 0.55 6.24
N SER A 34 -5.01 -0.34 6.21
CA SER A 34 -5.65 -0.70 4.91
C SER A 34 -6.17 0.55 4.20
N ARG A 35 -6.73 1.46 4.93
CA ARG A 35 -7.25 2.71 4.29
C ARG A 35 -6.08 3.58 3.82
N PHE A 36 -5.03 3.63 4.59
CA PHE A 36 -3.85 4.45 4.19
C PHE A 36 -3.32 4.02 2.81
N ILE A 37 -3.19 2.75 2.58
CA ILE A 37 -2.67 2.28 1.27
C ILE A 37 -3.73 2.47 0.17
N GLU A 38 -4.97 2.24 0.50
CA GLU A 38 -6.04 2.39 -0.53
C GLU A 38 -6.03 3.80 -1.13
N ASP A 39 -5.98 4.80 -0.30
CA ASP A 39 -5.97 6.20 -0.83
C ASP A 39 -4.66 6.47 -1.56
N ALA A 40 -3.60 5.84 -1.13
CA ALA A 40 -2.28 6.06 -1.80
C ALA A 40 -2.29 5.51 -3.23
N VAL A 41 -2.77 4.32 -3.40
CA VAL A 41 -2.81 3.71 -4.77
C VAL A 41 -3.88 4.40 -5.63
N ARG A 42 -4.97 4.78 -5.03
CA ARG A 42 -6.05 5.45 -5.81
C ARG A 42 -5.56 6.79 -6.35
N ALA A 43 -4.79 7.51 -5.58
CA ALA A 43 -4.28 8.83 -6.05
C ALA A 43 -3.36 8.65 -7.25
N TYR A 44 -2.50 7.68 -7.22
CA TYR A 44 -1.57 7.45 -8.36
C TYR A 44 -2.34 6.94 -9.59
N LEU A 45 -3.24 6.02 -9.39
CA LEU A 45 -4.02 5.49 -10.54
C LEU A 45 -4.87 6.58 -11.18
N PHE A 46 -5.34 7.52 -10.40
CA PHE A 46 -6.18 8.61 -10.98
C PHE A 46 -5.31 9.53 -11.83
N GLU A 47 -4.11 9.82 -11.40
CA GLU A 47 -3.22 10.72 -12.19
C GLU A 47 -2.82 10.04 -13.51
N ARG A 48 -2.60 8.76 -13.49
CA ARG A 48 -2.20 8.06 -14.74
C ARG A 48 -3.42 7.85 -15.64
N ALA A 49 -4.59 7.82 -15.06
CA ALA A 49 -5.83 7.62 -15.88
C ALA A 49 -6.19 8.90 -16.62
N VAL A 50 -5.98 10.04 -16.01
CA VAL A 50 -6.32 11.33 -16.68
C VAL A 50 -5.34 11.60 -17.82
N GLU A 51 -4.10 11.23 -17.66
CA GLU A 51 -3.10 11.48 -18.73
C GLU A 51 -3.07 10.30 -19.72
N MET B 1 16.36 -11.04 9.18
CA MET B 1 15.22 -10.46 8.43
C MET B 1 14.03 -11.43 8.44
N ASN B 2 12.89 -10.97 8.87
CA ASN B 2 11.69 -11.87 8.90
C ASN B 2 10.55 -11.24 8.12
N THR B 3 9.72 -12.05 7.50
CA THR B 3 8.58 -11.50 6.72
C THR B 3 7.32 -11.47 7.58
N VAL B 4 6.59 -10.38 7.55
CA VAL B 4 5.34 -10.29 8.36
C VAL B 4 4.12 -10.53 7.47
N ARG B 5 3.08 -11.11 8.00
CA ARG B 5 1.86 -11.34 7.18
C ARG B 5 0.81 -10.28 7.50
N TRP B 6 0.23 -9.68 6.50
CA TRP B 6 -0.79 -8.62 6.79
C TRP B 6 -2.08 -8.86 6.01
N ASN B 7 -3.15 -9.15 6.69
CA ASN B 7 -4.44 -9.38 5.99
C ASN B 7 -5.35 -8.18 6.21
N ILE B 8 -5.75 -7.52 5.15
CA ILE B 8 -6.61 -6.32 5.34
C ILE B 8 -7.76 -6.34 4.32
N ALA B 9 -8.78 -5.55 4.56
CA ALA B 9 -9.94 -5.53 3.62
C ALA B 9 -9.81 -4.37 2.62
N VAL B 10 -9.83 -4.66 1.36
CA VAL B 10 -9.72 -3.58 0.32
C VAL B 10 -10.68 -3.86 -0.83
N SER B 11 -10.95 -2.89 -1.65
CA SER B 11 -11.87 -3.12 -2.80
C SER B 11 -11.13 -3.84 -3.93
N PRO B 12 -11.80 -4.78 -4.52
CA PRO B 12 -11.15 -5.55 -5.63
C PRO B 12 -10.53 -4.59 -6.66
N ASP B 13 -10.73 -3.31 -6.51
CA ASP B 13 -10.14 -2.34 -7.48
C ASP B 13 -8.64 -2.21 -7.25
N VAL B 14 -8.20 -2.49 -6.05
CA VAL B 14 -6.75 -2.38 -5.76
C VAL B 14 -5.97 -3.55 -6.40
N ASP B 15 -6.47 -4.75 -6.30
CA ASP B 15 -5.75 -5.91 -6.90
C ASP B 15 -5.75 -5.78 -8.42
N GLN B 16 -6.89 -5.52 -9.01
CA GLN B 16 -6.95 -5.39 -10.49
C GLN B 16 -6.01 -4.27 -10.96
N SER B 17 -5.99 -3.16 -10.26
CA SER B 17 -5.10 -2.04 -10.67
C SER B 17 -3.64 -2.46 -10.53
N VAL B 18 -3.31 -3.17 -9.48
CA VAL B 18 -1.89 -3.59 -9.29
C VAL B 18 -1.44 -4.49 -10.45
N ARG B 19 -2.28 -5.40 -10.88
CA ARG B 19 -1.87 -6.29 -12.02
C ARG B 19 -1.64 -5.45 -13.28
N MET B 20 -2.52 -4.53 -13.57
CA MET B 20 -2.34 -3.70 -14.79
C MET B 20 -1.06 -2.87 -14.67
N PHE B 21 -0.81 -2.30 -13.54
CA PHE B 21 0.40 -1.46 -13.34
C PHE B 21 1.68 -2.27 -13.61
N ILE B 22 1.81 -3.42 -12.99
CA ILE B 22 3.04 -4.24 -13.22
C ILE B 22 3.15 -4.61 -14.70
N ALA B 23 2.05 -4.89 -15.34
CA ALA B 23 2.10 -5.26 -16.79
C ALA B 23 2.81 -4.13 -17.56
N ALA B 24 2.72 -2.93 -17.06
CA ALA B 24 3.40 -1.80 -17.74
C ALA B 24 4.90 -1.86 -17.47
N GLN B 25 5.27 -2.40 -16.33
CA GLN B 25 6.72 -2.51 -15.99
C GLN B 25 7.22 -3.93 -16.26
N GLY B 26 6.36 -4.80 -16.69
CA GLY B 26 6.78 -6.21 -16.97
C GLY B 26 5.80 -7.18 -16.34
N GLY B 27 6.15 -7.72 -15.19
CA GLY B 27 5.24 -8.69 -14.51
C GLY B 27 5.97 -9.35 -13.35
N GLY B 28 5.30 -10.18 -12.60
CA GLY B 28 5.96 -10.86 -11.45
C GLY B 28 5.13 -12.07 -11.04
N ARG B 29 5.73 -12.99 -10.31
CA ARG B 29 4.98 -14.20 -9.88
C ARG B 29 4.87 -14.22 -8.34
N LYS B 30 5.97 -14.18 -7.66
CA LYS B 30 5.91 -14.20 -6.16
C LYS B 30 5.67 -12.78 -5.63
N GLY B 31 6.70 -12.11 -5.17
CA GLY B 31 6.50 -10.74 -4.64
C GLY B 31 5.98 -9.82 -5.75
N ASP B 32 4.72 -9.51 -5.72
CA ASP B 32 4.16 -8.62 -6.78
C ASP B 32 3.44 -7.42 -6.14
N LEU B 33 2.19 -7.58 -5.79
CA LEU B 33 1.44 -6.45 -5.16
C LEU B 33 2.09 -6.05 -3.82
N SER B 34 2.38 -7.01 -2.98
CA SER B 34 2.99 -6.67 -1.66
C SER B 34 4.27 -5.84 -1.87
N ARG B 35 5.05 -6.17 -2.86
CA ARG B 35 6.30 -5.39 -3.11
C ARG B 35 5.94 -3.99 -3.63
N PHE B 36 4.94 -3.90 -4.45
CA PHE B 36 4.54 -2.57 -5.01
C PHE B 36 4.20 -1.60 -3.88
N ILE B 37 3.45 -2.02 -2.90
CA ILE B 37 3.09 -1.10 -1.79
C ILE B 37 4.30 -0.86 -0.88
N GLU B 38 5.10 -1.86 -0.65
CA GLU B 38 6.29 -1.69 0.25
C GLU B 38 7.19 -0.56 -0.27
N ASP B 39 7.50 -0.57 -1.54
CA ASP B 39 8.38 0.50 -2.09
C ASP B 39 7.65 1.84 -2.07
N ALA B 40 6.35 1.81 -2.22
CA ALA B 40 5.58 3.09 -2.22
C ALA B 40 5.61 3.74 -0.83
N VAL B 41 5.39 2.98 0.20
CA VAL B 41 5.41 3.56 1.57
C VAL B 41 6.85 3.91 1.99
N ARG B 42 7.80 3.11 1.59
CA ARG B 42 9.21 3.40 1.95
C ARG B 42 9.67 4.70 1.33
N ALA B 43 9.27 4.98 0.12
CA ALA B 43 9.69 6.25 -0.55
C ALA B 43 9.13 7.45 0.20
N TYR B 44 7.90 7.39 0.62
CA TYR B 44 7.29 8.55 1.36
C TYR B 44 7.93 8.68 2.75
N LEU B 45 8.11 7.59 3.44
CA LEU B 45 8.71 7.65 4.80
C LEU B 45 10.14 8.18 4.73
N PHE B 46 10.85 7.89 3.66
CA PHE B 46 12.25 8.38 3.55
C PHE B 46 12.26 9.90 3.33
N GLU B 47 11.35 10.40 2.55
CA GLU B 47 11.31 11.87 2.30
C GLU B 47 10.93 12.62 3.59
N ARG B 48 10.04 12.06 4.37
CA ARG B 48 9.64 12.75 5.63
C ARG B 48 10.72 12.57 6.69
N ALA B 49 11.52 11.55 6.59
CA ALA B 49 12.60 11.32 7.60
C ALA B 49 13.75 12.29 7.35
N VAL B 50 14.09 12.55 6.11
CA VAL B 50 15.22 13.48 5.83
C VAL B 50 14.84 14.92 6.22
N GLU B 51 13.59 15.28 6.05
CA GLU B 51 13.17 16.67 6.41
C GLU B 51 12.74 16.72 7.88
N MET A 1 -21.51 -6.41 -4.99
CA MET A 1 -20.43 -5.68 -4.26
C MET A 1 -20.03 -6.46 -3.01
N ASN A 2 -18.77 -6.77 -2.88
CA ASN A 2 -18.31 -7.53 -1.68
C ASN A 2 -16.89 -7.09 -1.29
N THR A 3 -16.57 -7.13 -0.02
CA THR A 3 -15.21 -6.71 0.42
C THR A 3 -14.21 -7.85 0.17
N VAL A 4 -13.05 -7.52 -0.31
CA VAL A 4 -12.03 -8.58 -0.58
C VAL A 4 -10.98 -8.59 0.54
N ARG A 5 -10.42 -9.74 0.83
CA ARG A 5 -9.39 -9.82 1.89
C ARG A 5 -8.01 -9.99 1.24
N TRP A 6 -7.01 -9.27 1.71
CA TRP A 6 -5.67 -9.42 1.08
C TRP A 6 -4.61 -9.79 2.12
N ASN A 7 -4.07 -10.98 2.02
CA ASN A 7 -3.04 -11.41 3.00
C ASN A 7 -1.67 -11.43 2.32
N ILE A 8 -0.76 -10.63 2.77
CA ILE A 8 0.58 -10.60 2.12
C ILE A 8 1.68 -10.57 3.18
N ALA A 9 2.87 -10.97 2.83
CA ALA A 9 3.99 -10.99 3.82
C ALA A 9 4.83 -9.71 3.70
N VAL A 10 5.05 -9.04 4.80
CA VAL A 10 5.85 -7.79 4.76
C VAL A 10 6.73 -7.70 6.02
N SER A 11 7.72 -6.84 6.00
CA SER A 11 8.60 -6.70 7.21
C SER A 11 7.85 -5.94 8.30
N PRO A 12 8.13 -6.28 9.53
CA PRO A 12 7.44 -5.58 10.64
C PRO A 12 7.81 -4.08 10.65
N ASP A 13 8.70 -3.68 9.79
CA ASP A 13 9.11 -2.25 9.75
C ASP A 13 8.02 -1.40 9.11
N VAL A 14 7.26 -1.98 8.23
CA VAL A 14 6.17 -1.19 7.56
C VAL A 14 4.99 -0.97 8.51
N ASP A 15 4.67 -1.94 9.34
CA ASP A 15 3.53 -1.76 10.27
C ASP A 15 3.87 -0.68 11.30
N GLN A 16 5.02 -0.77 11.91
CA GLN A 16 5.42 0.24 12.93
C GLN A 16 5.43 1.64 12.30
N SER A 17 6.00 1.76 11.12
CA SER A 17 6.04 3.10 10.46
C SER A 17 4.62 3.59 10.14
N VAL A 18 3.77 2.70 9.70
CA VAL A 18 2.37 3.11 9.37
C VAL A 18 1.66 3.64 10.62
N ARG A 19 1.84 3.00 11.74
CA ARG A 19 1.17 3.48 12.99
C ARG A 19 1.70 4.87 13.36
N MET A 20 2.98 5.07 13.27
CA MET A 20 3.56 6.39 13.63
C MET A 20 3.03 7.47 12.66
N PHE A 21 2.97 7.15 11.39
CA PHE A 21 2.49 8.14 10.40
C PHE A 21 1.06 8.61 10.71
N ILE A 22 0.15 7.69 10.90
CA ILE A 22 -1.26 8.11 11.20
C ILE A 22 -1.29 9.00 12.44
N ALA A 23 -0.46 8.72 13.41
CA ALA A 23 -0.44 9.56 14.64
C ALA A 23 -0.18 11.02 14.25
N ALA A 24 0.59 11.22 13.21
CA ALA A 24 0.88 12.62 12.76
C ALA A 24 -0.35 13.18 12.04
N GLN A 25 -1.08 12.34 11.37
CA GLN A 25 -2.30 12.83 10.65
C GLN A 25 -3.53 12.66 11.52
N GLY A 26 -3.38 12.11 12.70
CA GLY A 26 -4.54 11.93 13.60
C GLY A 26 -5.71 11.31 12.82
N GLY A 27 -5.60 10.06 12.47
CA GLY A 27 -6.70 9.41 11.69
C GLY A 27 -7.89 9.16 12.62
N GLY A 28 -8.15 7.92 12.95
CA GLY A 28 -9.30 7.61 13.85
C GLY A 28 -8.88 6.55 14.87
N ARG A 29 -9.44 5.38 14.78
CA ARG A 29 -9.07 4.30 15.74
C ARG A 29 -7.87 3.51 15.21
N LYS A 30 -7.49 2.46 15.90
CA LYS A 30 -6.33 1.66 15.43
C LYS A 30 -6.74 0.78 14.25
N GLY A 31 -5.79 0.29 13.50
CA GLY A 31 -6.13 -0.57 12.34
C GLY A 31 -6.48 0.32 11.13
N ASP A 32 -5.89 1.48 11.06
CA ASP A 32 -6.19 2.41 9.92
C ASP A 32 -5.11 2.27 8.85
N LEU A 33 -4.39 1.18 8.84
CA LEU A 33 -3.33 1.00 7.80
C LEU A 33 -3.95 0.69 6.45
N SER A 34 -4.94 -0.17 6.42
CA SER A 34 -5.59 -0.54 5.13
C SER A 34 -6.06 0.71 4.37
N ARG A 35 -6.67 1.64 5.05
CA ARG A 35 -7.17 2.86 4.34
C ARG A 35 -5.98 3.74 3.92
N PHE A 36 -4.95 3.81 4.72
CA PHE A 36 -3.78 4.66 4.37
C PHE A 36 -3.22 4.24 3.00
N ILE A 37 -3.07 2.96 2.78
CA ILE A 37 -2.52 2.49 1.47
C ILE A 37 -3.59 2.60 0.38
N GLU A 38 -4.83 2.35 0.71
CA GLU A 38 -5.91 2.43 -0.31
C GLU A 38 -5.95 3.83 -0.94
N ASP A 39 -5.92 4.85 -0.14
CA ASP A 39 -5.96 6.24 -0.70
C ASP A 39 -4.64 6.54 -1.43
N ALA A 40 -3.58 5.96 -0.98
CA ALA A 40 -2.25 6.20 -1.65
C ALA A 40 -2.26 5.63 -3.07
N VAL A 41 -2.73 4.43 -3.23
CA VAL A 41 -2.75 3.80 -4.59
C VAL A 41 -3.76 4.52 -5.49
N ARG A 42 -4.85 4.97 -4.94
CA ARG A 42 -5.87 5.67 -5.77
C ARG A 42 -5.30 6.97 -6.34
N ALA A 43 -4.59 7.71 -5.53
CA ALA A 43 -4.00 9.00 -6.01
C ALA A 43 -2.95 8.73 -7.10
N TYR A 44 -2.13 7.75 -6.91
CA TYR A 44 -1.07 7.45 -7.93
C TYR A 44 -1.73 6.97 -9.23
N LEU A 45 -2.68 6.09 -9.14
CA LEU A 45 -3.35 5.57 -10.37
C LEU A 45 -4.06 6.72 -11.09
N PHE A 46 -4.45 7.73 -10.36
CA PHE A 46 -5.15 8.89 -10.99
C PHE A 46 -4.18 9.67 -11.89
N GLU A 47 -2.97 9.86 -11.44
CA GLU A 47 -1.98 10.61 -12.27
C GLU A 47 -1.71 9.87 -13.59
N ARG A 48 -1.74 8.57 -13.57
CA ARG A 48 -1.49 7.79 -14.82
C ARG A 48 -2.78 7.67 -15.63
N ALA A 49 -3.91 7.86 -15.01
CA ALA A 49 -5.20 7.76 -15.77
C ALA A 49 -5.25 8.83 -16.86
N VAL A 50 -4.86 10.04 -16.54
CA VAL A 50 -4.89 11.12 -17.56
C VAL A 50 -3.68 11.00 -18.48
N GLU A 51 -2.59 10.48 -17.99
CA GLU A 51 -1.36 10.35 -18.84
C GLU A 51 -0.94 11.72 -19.37
N MET B 1 15.03 -11.69 12.88
CA MET B 1 14.39 -11.21 11.61
C MET B 1 13.34 -12.21 11.14
N ASN B 2 12.13 -11.78 10.96
CA ASN B 2 11.06 -12.71 10.50
C ASN B 2 10.07 -11.96 9.61
N THR B 3 9.48 -12.64 8.65
CA THR B 3 8.50 -11.97 7.76
C THR B 3 7.14 -11.84 8.45
N VAL B 4 6.50 -10.73 8.30
CA VAL B 4 5.17 -10.55 8.95
C VAL B 4 4.05 -10.73 7.92
N ARG B 5 2.91 -11.21 8.34
CA ARG B 5 1.78 -11.40 7.39
C ARG B 5 0.74 -10.31 7.63
N TRP B 6 0.23 -9.70 6.60
CA TRP B 6 -0.79 -8.63 6.82
C TRP B 6 -2.10 -8.94 6.08
N ASN B 7 -3.15 -9.20 6.80
CA ASN B 7 -4.45 -9.50 6.15
C ASN B 7 -5.40 -8.32 6.33
N ILE B 8 -5.81 -7.71 5.26
CA ILE B 8 -6.71 -6.54 5.38
C ILE B 8 -7.83 -6.63 4.35
N ALA B 9 -8.92 -5.95 4.58
CA ALA B 9 -10.06 -6.00 3.62
C ALA B 9 -10.02 -4.81 2.66
N VAL B 10 -10.08 -5.07 1.38
CA VAL B 10 -10.05 -3.96 0.38
C VAL B 10 -11.01 -4.28 -0.77
N SER B 11 -11.33 -3.30 -1.56
CA SER B 11 -12.26 -3.56 -2.71
C SER B 11 -11.50 -4.29 -3.82
N PRO B 12 -12.21 -5.12 -4.53
CA PRO B 12 -11.54 -5.87 -5.62
C PRO B 12 -11.04 -4.90 -6.70
N ASP B 13 -11.34 -3.64 -6.58
CA ASP B 13 -10.88 -2.65 -7.59
C ASP B 13 -9.39 -2.38 -7.44
N VAL B 14 -8.87 -2.51 -6.25
CA VAL B 14 -7.41 -2.25 -6.04
C VAL B 14 -6.57 -3.41 -6.58
N ASP B 15 -7.03 -4.63 -6.45
CA ASP B 15 -6.24 -5.78 -6.96
C ASP B 15 -6.17 -5.72 -8.50
N GLN B 16 -7.30 -5.54 -9.13
CA GLN B 16 -7.31 -5.48 -10.62
C GLN B 16 -6.41 -4.32 -11.10
N SER B 17 -6.51 -3.19 -10.48
CA SER B 17 -5.67 -2.03 -10.90
C SER B 17 -4.19 -2.35 -10.67
N VAL B 18 -3.87 -2.98 -9.57
CA VAL B 18 -2.44 -3.31 -9.28
C VAL B 18 -1.88 -4.25 -10.36
N ARG B 19 -2.65 -5.23 -10.76
CA ARG B 19 -2.15 -6.17 -11.81
C ARG B 19 -1.90 -5.40 -13.12
N MET B 20 -2.82 -4.56 -13.50
CA MET B 20 -2.63 -3.79 -14.76
C MET B 20 -1.40 -2.89 -14.66
N PHE B 21 -1.22 -2.25 -13.53
CA PHE B 21 -0.05 -1.33 -13.37
C PHE B 21 1.28 -2.08 -13.56
N ILE B 22 1.47 -3.18 -12.88
CA ILE B 22 2.75 -3.93 -13.04
C ILE B 22 2.95 -4.31 -14.50
N ALA B 23 1.91 -4.65 -15.19
CA ALA B 23 2.06 -5.01 -16.63
C ALA B 23 2.73 -3.86 -17.39
N ALA B 24 2.48 -2.65 -16.97
CA ALA B 24 3.10 -1.48 -17.64
C ALA B 24 4.56 -1.37 -17.21
N GLN B 25 4.87 -1.77 -16.01
CA GLN B 25 6.28 -1.70 -15.52
C GLN B 25 6.98 -3.04 -15.75
N GLY B 26 6.27 -4.01 -16.25
CA GLY B 26 6.90 -5.34 -16.50
C GLY B 26 7.68 -5.77 -15.26
N GLY B 27 7.00 -6.11 -14.20
CA GLY B 27 7.72 -6.54 -12.96
C GLY B 27 8.31 -7.93 -13.18
N GLY B 28 7.77 -8.92 -12.52
CA GLY B 28 8.31 -10.30 -12.69
C GLY B 28 7.15 -11.29 -12.80
N ARG B 29 6.99 -12.16 -11.83
CA ARG B 29 5.88 -13.15 -11.89
C ARG B 29 4.61 -12.55 -11.27
N LYS B 30 3.57 -13.33 -11.16
CA LYS B 30 2.31 -12.81 -10.56
C LYS B 30 2.46 -12.70 -9.05
N GLY B 31 1.60 -11.94 -8.41
CA GLY B 31 1.69 -11.79 -6.93
C GLY B 31 2.74 -10.72 -6.59
N ASP B 32 2.91 -9.76 -7.45
CA ASP B 32 3.92 -8.70 -7.19
C ASP B 32 3.24 -7.46 -6.58
N LEU B 33 2.07 -7.63 -6.03
CA LEU B 33 1.36 -6.46 -5.42
C LEU B 33 2.02 -6.06 -4.10
N SER B 34 2.35 -7.02 -3.28
CA SER B 34 2.98 -6.71 -1.97
C SER B 34 4.22 -5.82 -2.15
N ARG B 35 5.07 -6.13 -3.09
CA ARG B 35 6.29 -5.29 -3.29
C ARG B 35 5.92 -3.91 -3.85
N PHE B 36 4.94 -3.86 -4.71
CA PHE B 36 4.54 -2.54 -5.29
C PHE B 36 4.19 -1.56 -4.18
N ILE B 37 3.42 -1.98 -3.22
CA ILE B 37 3.05 -1.07 -2.10
C ILE B 37 4.22 -0.87 -1.15
N GLU B 38 5.00 -1.89 -0.93
CA GLU B 38 6.17 -1.75 0.00
C GLU B 38 7.10 -0.64 -0.46
N ASP B 39 7.46 -0.62 -1.72
CA ASP B 39 8.36 0.44 -2.23
C ASP B 39 7.64 1.79 -2.23
N ALA B 40 6.36 1.78 -2.41
CA ALA B 40 5.59 3.06 -2.42
C ALA B 40 5.62 3.71 -1.03
N VAL B 41 5.39 2.94 0.00
CA VAL B 41 5.40 3.51 1.37
C VAL B 41 6.81 3.92 1.78
N ARG B 42 7.80 3.19 1.36
CA ARG B 42 9.20 3.55 1.73
C ARG B 42 9.58 4.91 1.12
N ALA B 43 9.22 5.15 -0.11
CA ALA B 43 9.56 6.45 -0.76
C ALA B 43 8.84 7.60 -0.06
N TYR B 44 7.58 7.43 0.26
CA TYR B 44 6.83 8.52 0.93
C TYR B 44 7.40 8.78 2.33
N LEU B 45 7.66 7.74 3.07
CA LEU B 45 8.22 7.92 4.44
C LEU B 45 9.60 8.60 4.36
N PHE B 46 10.28 8.44 3.26
CA PHE B 46 11.62 9.06 3.11
C PHE B 46 11.48 10.58 3.01
N GLU B 47 10.50 11.05 2.27
CA GLU B 47 10.32 12.52 2.13
C GLU B 47 10.01 13.16 3.49
N ARG B 48 9.31 12.45 4.34
CA ARG B 48 8.99 13.03 5.68
C ARG B 48 10.15 12.80 6.65
N ALA B 49 11.02 11.88 6.36
CA ALA B 49 12.17 11.62 7.26
C ALA B 49 13.06 12.86 7.35
N VAL B 50 13.33 13.48 6.23
CA VAL B 50 14.19 14.70 6.24
C VAL B 50 13.38 15.92 6.68
N GLU B 51 12.10 15.91 6.42
CA GLU B 51 11.25 17.07 6.82
C GLU B 51 11.77 18.36 6.19
N MET A 1 -20.37 -4.06 2.36
CA MET A 1 -20.59 -5.53 2.14
C MET A 1 -19.78 -6.00 0.93
N ASN A 2 -18.74 -5.31 0.59
CA ASN A 2 -17.91 -5.73 -0.58
C ASN A 2 -16.42 -5.66 -0.24
N THR A 3 -16.10 -5.43 1.01
CA THR A 3 -14.67 -5.33 1.42
C THR A 3 -13.93 -6.62 1.02
N VAL A 4 -12.77 -6.50 0.45
CA VAL A 4 -12.00 -7.71 0.05
C VAL A 4 -10.89 -7.97 1.07
N ARG A 5 -10.54 -9.22 1.27
CA ARG A 5 -9.45 -9.53 2.24
C ARG A 5 -8.14 -9.76 1.49
N TRP A 6 -7.06 -9.19 1.94
CA TRP A 6 -5.78 -9.40 1.23
C TRP A 6 -4.64 -9.71 2.20
N ASN A 7 -4.10 -10.90 2.14
CA ASN A 7 -2.99 -11.26 3.05
C ASN A 7 -1.68 -11.27 2.26
N ILE A 8 -0.73 -10.48 2.65
CA ILE A 8 0.54 -10.44 1.89
C ILE A 8 1.74 -10.42 2.84
N ALA A 9 2.91 -10.73 2.33
CA ALA A 9 4.11 -10.76 3.21
C ALA A 9 4.88 -9.43 3.11
N VAL A 10 5.07 -8.77 4.21
CA VAL A 10 5.81 -7.47 4.19
C VAL A 10 6.73 -7.37 5.43
N SER A 11 7.67 -6.47 5.41
CA SER A 11 8.58 -6.33 6.58
C SER A 11 7.87 -5.56 7.71
N PRO A 12 8.05 -6.02 8.91
CA PRO A 12 7.39 -5.33 10.06
C PRO A 12 7.65 -3.82 10.03
N ASP A 13 8.47 -3.36 9.11
CA ASP A 13 8.76 -1.91 9.03
C ASP A 13 7.57 -1.14 8.45
N VAL A 14 6.76 -1.81 7.67
CA VAL A 14 5.58 -1.11 7.08
C VAL A 14 4.50 -0.87 8.14
N ASP A 15 4.27 -1.80 9.02
CA ASP A 15 3.23 -1.59 10.07
C ASP A 15 3.67 -0.48 11.03
N GLN A 16 4.88 -0.55 11.52
CA GLN A 16 5.37 0.49 12.46
C GLN A 16 5.30 1.87 11.80
N SER A 17 5.69 1.99 10.57
CA SER A 17 5.64 3.30 9.88
C SER A 17 4.18 3.75 9.70
N VAL A 18 3.31 2.83 9.38
CA VAL A 18 1.88 3.19 9.17
C VAL A 18 1.31 3.81 10.45
N ARG A 19 1.63 3.26 11.59
CA ARG A 19 1.10 3.83 12.86
C ARG A 19 1.60 5.27 13.03
N MET A 20 2.85 5.50 12.80
CA MET A 20 3.40 6.88 12.96
C MET A 20 2.71 7.83 11.97
N PHE A 21 2.53 7.41 10.74
CA PHE A 21 1.88 8.29 9.73
C PHE A 21 0.47 8.70 10.16
N ILE A 22 -0.35 7.75 10.55
CA ILE A 22 -1.73 8.12 10.99
C ILE A 22 -1.67 9.03 12.21
N ALA A 23 -0.76 8.78 13.11
CA ALA A 23 -0.66 9.65 14.32
C ALA A 23 -0.46 11.10 13.88
N ALA A 24 0.20 11.29 12.77
CA ALA A 24 0.42 12.67 12.26
C ALA A 24 -0.87 13.20 11.64
N GLN A 25 -1.66 12.32 11.08
CA GLN A 25 -2.94 12.77 10.45
C GLN A 25 -4.10 12.58 11.43
N GLY A 26 -3.83 12.05 12.60
CA GLY A 26 -4.92 11.84 13.59
C GLY A 26 -4.68 10.55 14.36
N GLY A 27 -5.73 9.85 14.70
CA GLY A 27 -5.56 8.58 15.46
C GLY A 27 -6.11 8.74 16.88
N GLY A 28 -7.39 8.94 17.00
CA GLY A 28 -7.99 9.10 18.37
C GLY A 28 -8.71 7.82 18.78
N ARG A 29 -9.51 7.27 17.92
CA ARG A 29 -10.23 6.02 18.27
C ARG A 29 -9.53 4.80 17.65
N LYS A 30 -10.22 4.02 16.87
CA LYS A 30 -9.59 2.83 16.25
C LYS A 30 -8.62 3.27 15.14
N GLY A 31 -8.14 2.34 14.37
CA GLY A 31 -7.20 2.69 13.27
C GLY A 31 -7.10 1.52 12.28
N ASP A 32 -7.33 1.78 11.02
CA ASP A 32 -7.24 0.68 10.02
C ASP A 32 -6.11 0.97 9.02
N LEU A 33 -5.13 0.13 8.98
CA LEU A 33 -4.00 0.35 8.02
C LEU A 33 -4.49 0.17 6.59
N SER A 34 -5.51 -0.61 6.39
CA SER A 34 -6.04 -0.84 5.02
C SER A 34 -6.41 0.49 4.37
N ARG A 35 -6.88 1.44 5.13
CA ARG A 35 -7.25 2.76 4.53
C ARG A 35 -6.01 3.53 4.10
N PHE A 36 -4.97 3.49 4.89
CA PHE A 36 -3.73 4.23 4.53
C PHE A 36 -3.21 3.77 3.15
N ILE A 37 -3.19 2.49 2.90
CA ILE A 37 -2.70 2.01 1.58
C ILE A 37 -3.74 2.26 0.49
N GLU A 38 -5.00 2.10 0.79
CA GLU A 38 -6.05 2.31 -0.24
C GLU A 38 -5.96 3.73 -0.81
N ASP A 39 -5.87 4.72 0.03
CA ASP A 39 -5.78 6.12 -0.47
C ASP A 39 -4.46 6.30 -1.24
N ALA A 40 -3.44 5.60 -0.85
CA ALA A 40 -2.13 5.73 -1.55
C ALA A 40 -2.23 5.20 -2.97
N VAL A 41 -2.81 4.05 -3.16
CA VAL A 41 -2.92 3.48 -4.53
C VAL A 41 -3.94 4.25 -5.37
N ARG A 42 -4.99 4.70 -4.75
CA ARG A 42 -6.04 5.45 -5.51
C ARG A 42 -5.50 6.80 -5.97
N ALA A 43 -4.80 7.49 -5.11
CA ALA A 43 -4.27 8.83 -5.49
C ALA A 43 -3.28 8.74 -6.64
N TYR A 44 -2.32 7.86 -6.58
CA TYR A 44 -1.33 7.79 -7.70
C TYR A 44 -1.96 7.16 -8.94
N LEU A 45 -2.78 6.15 -8.78
CA LEU A 45 -3.42 5.53 -9.98
C LEU A 45 -4.18 6.59 -10.77
N PHE A 46 -4.67 7.60 -10.10
CA PHE A 46 -5.42 8.67 -10.80
C PHE A 46 -4.48 9.56 -11.61
N GLU A 47 -3.32 9.86 -11.08
CA GLU A 47 -2.36 10.72 -11.81
C GLU A 47 -2.07 10.14 -13.20
N ARG A 48 -1.75 8.88 -13.27
CA ARG A 48 -1.47 8.24 -14.59
C ARG A 48 -2.77 8.02 -15.36
N ALA A 49 -3.88 7.99 -14.67
CA ALA A 49 -5.18 7.78 -15.36
C ALA A 49 -5.50 8.96 -16.29
N VAL A 50 -5.24 10.16 -15.84
CA VAL A 50 -5.52 11.34 -16.70
C VAL A 50 -4.39 11.54 -17.72
N GLU A 51 -3.20 11.12 -17.38
CA GLU A 51 -2.07 11.28 -18.33
C GLU A 51 -0.95 10.27 -18.01
N MET B 1 13.62 -14.73 5.90
CA MET B 1 13.06 -15.45 7.07
C MET B 1 12.43 -14.46 8.06
N ASN B 2 12.05 -13.31 7.58
CA ASN B 2 11.43 -12.29 8.50
C ASN B 2 10.20 -11.68 7.85
N THR B 3 9.77 -12.22 6.73
CA THR B 3 8.57 -11.66 6.04
C THR B 3 7.37 -11.65 7.00
N VAL B 4 6.64 -10.57 7.04
CA VAL B 4 5.44 -10.51 7.94
C VAL B 4 4.17 -10.72 7.12
N ARG B 5 3.16 -11.30 7.72
CA ARG B 5 1.89 -11.52 6.99
C ARG B 5 0.89 -10.44 7.36
N TRP B 6 0.23 -9.85 6.39
CA TRP B 6 -0.76 -8.78 6.74
C TRP B 6 -2.08 -8.97 5.97
N ASN B 7 -3.14 -9.25 6.68
CA ASN B 7 -4.45 -9.44 6.01
C ASN B 7 -5.32 -8.21 6.26
N ILE B 8 -5.74 -7.54 5.23
CA ILE B 8 -6.56 -6.33 5.45
C ILE B 8 -7.75 -6.30 4.48
N ALA B 9 -8.73 -5.48 4.75
CA ALA B 9 -9.92 -5.42 3.86
C ALA B 9 -9.80 -4.26 2.87
N VAL B 10 -9.85 -4.55 1.60
CA VAL B 10 -9.74 -3.46 0.58
C VAL B 10 -10.70 -3.74 -0.58
N SER B 11 -10.97 -2.75 -1.39
CA SER B 11 -11.89 -2.96 -2.54
C SER B 11 -11.18 -3.70 -3.67
N PRO B 12 -11.87 -4.63 -4.27
CA PRO B 12 -11.23 -5.41 -5.38
C PRO B 12 -10.61 -4.46 -6.41
N ASP B 13 -10.80 -3.18 -6.27
CA ASP B 13 -10.23 -2.21 -7.25
C ASP B 13 -8.71 -2.09 -7.05
N VAL B 14 -8.23 -2.36 -5.87
CA VAL B 14 -6.77 -2.25 -5.62
C VAL B 14 -6.01 -3.41 -6.29
N ASP B 15 -6.56 -4.60 -6.23
CA ASP B 15 -5.85 -5.75 -6.87
C ASP B 15 -5.83 -5.58 -8.39
N GLN B 16 -6.96 -5.28 -8.98
CA GLN B 16 -7.01 -5.10 -10.46
C GLN B 16 -6.04 -4.00 -10.89
N SER B 17 -6.01 -2.90 -10.18
CA SER B 17 -5.08 -1.79 -10.55
C SER B 17 -3.62 -2.23 -10.37
N VAL B 18 -3.35 -2.97 -9.32
CA VAL B 18 -1.95 -3.42 -9.07
C VAL B 18 -1.45 -4.27 -10.26
N ARG B 19 -2.28 -5.13 -10.78
CA ARG B 19 -1.84 -5.96 -11.93
C ARG B 19 -1.50 -5.07 -13.13
N MET B 20 -2.33 -4.11 -13.41
CA MET B 20 -2.05 -3.22 -14.57
C MET B 20 -0.75 -2.44 -14.33
N PHE B 21 -0.56 -1.95 -13.14
CA PHE B 21 0.69 -1.17 -12.84
C PHE B 21 1.94 -2.02 -13.09
N ILE B 22 2.00 -3.20 -12.54
CA ILE B 22 3.21 -4.05 -12.76
C ILE B 22 3.37 -4.37 -14.25
N ALA B 23 2.29 -4.61 -14.94
CA ALA B 23 2.39 -4.90 -16.40
C ALA B 23 3.13 -3.76 -17.10
N ALA B 24 2.96 -2.56 -16.60
CA ALA B 24 3.65 -1.40 -17.20
C ALA B 24 5.13 -1.41 -16.81
N GLN B 25 5.42 -1.92 -15.64
CA GLN B 25 6.84 -1.98 -15.17
C GLN B 25 7.45 -3.35 -15.47
N GLY B 26 6.66 -4.25 -16.01
CA GLY B 26 7.20 -5.61 -16.32
C GLY B 26 6.11 -6.65 -16.07
N GLY B 27 6.49 -7.81 -15.59
CA GLY B 27 5.48 -8.88 -15.33
C GLY B 27 5.68 -10.02 -16.31
N GLY B 28 6.78 -10.71 -16.22
CA GLY B 28 7.04 -11.85 -17.16
C GLY B 28 6.81 -13.17 -16.43
N ARG B 29 7.36 -13.32 -15.26
CA ARG B 29 7.18 -14.59 -14.51
C ARG B 29 6.10 -14.42 -13.44
N LYS B 30 6.42 -14.68 -12.19
CA LYS B 30 5.41 -14.54 -11.11
C LYS B 30 5.13 -13.05 -10.84
N GLY B 31 4.42 -12.75 -9.79
CA GLY B 31 4.12 -11.33 -9.48
C GLY B 31 3.64 -11.23 -8.03
N ASP B 32 4.26 -10.39 -7.25
CA ASP B 32 3.83 -10.23 -5.83
C ASP B 32 3.32 -8.81 -5.58
N LEU B 33 2.07 -8.68 -5.23
CA LEU B 33 1.51 -7.32 -4.98
C LEU B 33 2.15 -6.73 -3.72
N SER B 34 2.59 -7.56 -2.82
CA SER B 34 3.22 -7.04 -1.57
C SER B 34 4.40 -6.13 -1.89
N ARG B 35 5.11 -6.40 -2.95
CA ARG B 35 6.27 -5.54 -3.31
C ARG B 35 5.78 -4.17 -3.81
N PHE B 36 4.74 -4.15 -4.60
CA PHE B 36 4.23 -2.86 -5.13
C PHE B 36 3.90 -1.90 -3.97
N ILE B 37 3.24 -2.38 -2.96
CA ILE B 37 2.89 -1.49 -1.82
C ILE B 37 4.12 -1.19 -0.96
N GLU B 38 4.97 -2.17 -0.76
CA GLU B 38 6.19 -1.94 0.08
C GLU B 38 7.02 -0.79 -0.48
N ASP B 39 7.29 -0.79 -1.76
CA ASP B 39 8.09 0.32 -2.35
C ASP B 39 7.32 1.64 -2.23
N ALA B 40 6.02 1.56 -2.29
CA ALA B 40 5.21 2.82 -2.19
C ALA B 40 5.33 3.44 -0.80
N VAL B 41 5.22 2.64 0.23
CA VAL B 41 5.32 3.21 1.60
C VAL B 41 6.76 3.60 1.92
N ARG B 42 7.71 2.85 1.44
CA ARG B 42 9.13 3.17 1.73
C ARG B 42 9.55 4.47 1.03
N ALA B 43 9.15 4.64 -0.20
CA ALA B 43 9.54 5.86 -0.94
C ALA B 43 8.97 7.12 -0.30
N TYR B 44 7.71 7.14 0.00
CA TYR B 44 7.13 8.39 0.62
C TYR B 44 7.59 8.55 2.07
N LEU B 45 7.66 7.48 2.82
CA LEU B 45 8.12 7.60 4.23
C LEU B 45 9.51 8.26 4.27
N PHE B 46 10.29 8.08 3.24
CA PHE B 46 11.65 8.68 3.21
C PHE B 46 11.56 10.19 2.96
N GLU B 47 10.66 10.61 2.12
CA GLU B 47 10.53 12.07 1.83
C GLU B 47 10.31 12.84 3.14
N ARG B 48 9.39 12.41 3.94
CA ARG B 48 9.13 13.11 5.23
C ARG B 48 10.24 12.81 6.24
N ALA B 49 10.96 11.74 6.04
CA ALA B 49 12.06 11.38 6.98
C ALA B 49 13.17 12.44 6.93
N VAL B 50 13.51 12.89 5.76
CA VAL B 50 14.58 13.92 5.65
C VAL B 50 14.02 15.31 5.97
N GLU B 51 12.75 15.52 5.73
CA GLU B 51 12.14 16.85 6.02
C GLU B 51 10.63 16.71 6.20
N MET A 1 -19.10 -1.76 -3.13
CA MET A 1 -19.26 -1.48 -1.68
C MET A 1 -18.93 -2.72 -0.85
N ASN A 2 -18.05 -3.55 -1.34
CA ASN A 2 -17.69 -4.79 -0.58
C ASN A 2 -16.18 -4.81 -0.31
N THR A 3 -15.79 -5.22 0.88
CA THR A 3 -14.34 -5.28 1.21
C THR A 3 -13.75 -6.62 0.79
N VAL A 4 -12.61 -6.59 0.15
CA VAL A 4 -11.98 -7.87 -0.29
C VAL A 4 -10.92 -8.28 0.73
N ARG A 5 -10.71 -9.56 0.89
CA ARG A 5 -9.68 -10.03 1.87
C ARG A 5 -8.30 -10.07 1.19
N TRP A 6 -7.39 -9.26 1.64
CA TRP A 6 -6.04 -9.27 1.00
C TRP A 6 -4.94 -9.66 1.99
N ASN A 7 -4.33 -10.79 1.77
CA ASN A 7 -3.25 -11.23 2.69
C ASN A 7 -1.89 -11.11 2.00
N ILE A 8 -1.03 -10.29 2.52
CA ILE A 8 0.29 -10.11 1.87
C ILE A 8 1.40 -10.02 2.93
N ALA A 9 2.60 -10.37 2.57
CA ALA A 9 3.71 -10.32 3.56
C ALA A 9 4.54 -9.06 3.38
N VAL A 10 4.81 -8.35 4.45
CA VAL A 10 5.61 -7.11 4.36
C VAL A 10 6.63 -7.05 5.51
N SER A 11 7.61 -6.20 5.41
CA SER A 11 8.60 -6.11 6.53
C SER A 11 7.99 -5.39 7.72
N PRO A 12 7.96 -6.06 8.84
CA PRO A 12 7.38 -5.42 10.05
C PRO A 12 7.83 -3.96 10.19
N ASP A 13 8.83 -3.55 9.46
CA ASP A 13 9.31 -2.15 9.57
C ASP A 13 8.32 -1.20 8.90
N VAL A 14 7.60 -1.67 7.92
CA VAL A 14 6.61 -0.78 7.23
C VAL A 14 5.36 -0.60 8.10
N ASP A 15 4.96 -1.61 8.82
CA ASP A 15 3.75 -1.47 9.67
C ASP A 15 4.02 -0.45 10.79
N GLN A 16 5.12 -0.59 11.48
CA GLN A 16 5.44 0.36 12.58
C GLN A 16 5.49 1.79 12.04
N SER A 17 6.03 1.98 10.87
CA SER A 17 6.09 3.35 10.30
C SER A 17 4.69 3.85 9.94
N VAL A 18 3.86 2.97 9.45
CA VAL A 18 2.47 3.39 9.09
C VAL A 18 1.73 3.93 10.32
N ARG A 19 1.87 3.27 11.44
CA ARG A 19 1.19 3.76 12.67
C ARG A 19 1.73 5.14 13.07
N MET A 20 3.02 5.31 12.96
CA MET A 20 3.62 6.62 13.33
C MET A 20 3.06 7.72 12.42
N PHE A 21 2.94 7.45 11.14
CA PHE A 21 2.41 8.49 10.20
C PHE A 21 1.00 8.93 10.61
N ILE A 22 0.10 8.01 10.81
CA ILE A 22 -1.29 8.42 11.21
C ILE A 22 -1.26 9.20 12.52
N ALA A 23 -0.43 8.81 13.45
CA ALA A 23 -0.38 9.54 14.75
C ALA A 23 -0.09 11.02 14.49
N ALA A 24 0.62 11.32 13.43
CA ALA A 24 0.91 12.74 13.11
C ALA A 24 -0.34 13.41 12.54
N GLN A 25 -1.19 12.63 11.91
CA GLN A 25 -2.44 13.20 11.33
C GLN A 25 -3.60 12.99 12.31
N GLY A 26 -3.30 12.74 13.55
CA GLY A 26 -4.37 12.51 14.57
C GLY A 26 -5.71 13.06 14.08
N GLY A 27 -6.69 12.22 13.95
CA GLY A 27 -8.03 12.70 13.49
C GLY A 27 -9.11 11.75 14.02
N GLY A 28 -8.85 10.48 14.04
CA GLY A 28 -9.87 9.51 14.54
C GLY A 28 -10.98 9.35 13.51
N ARG A 29 -10.65 9.42 12.25
CA ARG A 29 -11.70 9.28 11.19
C ARG A 29 -11.75 7.83 10.71
N LYS A 30 -12.91 7.36 10.34
CA LYS A 30 -13.03 5.95 9.85
C LYS A 30 -11.91 5.66 8.84
N GLY A 31 -11.10 4.68 9.12
CA GLY A 31 -9.99 4.33 8.19
C GLY A 31 -8.66 4.41 8.94
N ASP A 32 -8.04 3.29 9.17
CA ASP A 32 -6.74 3.30 9.90
C ASP A 32 -5.59 2.95 8.96
N LEU A 33 -5.03 1.78 9.08
CA LEU A 33 -3.90 1.40 8.19
C LEU A 33 -4.41 1.11 6.77
N SER A 34 -5.43 0.31 6.65
CA SER A 34 -5.96 -0.03 5.30
C SER A 34 -6.30 1.23 4.50
N ARG A 35 -6.81 2.24 5.15
CA ARG A 35 -7.16 3.49 4.41
C ARG A 35 -5.88 4.19 3.91
N PHE A 36 -4.83 4.13 4.68
CA PHE A 36 -3.57 4.80 4.26
C PHE A 36 -3.11 4.29 2.89
N ILE A 37 -3.06 2.99 2.71
CA ILE A 37 -2.62 2.46 1.39
C ILE A 37 -3.72 2.61 0.33
N GLU A 38 -4.95 2.42 0.72
CA GLU A 38 -6.08 2.53 -0.27
C GLU A 38 -6.06 3.90 -0.94
N ASP A 39 -5.95 4.95 -0.17
CA ASP A 39 -5.94 6.31 -0.77
C ASP A 39 -4.66 6.54 -1.58
N ALA A 40 -3.59 5.90 -1.17
CA ALA A 40 -2.30 6.07 -1.91
C ALA A 40 -2.37 5.43 -3.30
N VAL A 41 -2.85 4.22 -3.38
CA VAL A 41 -2.93 3.54 -4.71
C VAL A 41 -4.04 4.15 -5.58
N ARG A 42 -5.12 4.56 -4.99
CA ARG A 42 -6.24 5.15 -5.80
C ARG A 42 -5.81 6.49 -6.41
N ALA A 43 -5.15 7.32 -5.65
CA ALA A 43 -4.73 8.65 -6.19
C ALA A 43 -3.68 8.49 -7.29
N TYR A 44 -2.68 7.67 -7.07
CA TYR A 44 -1.61 7.51 -8.10
C TYR A 44 -2.12 6.73 -9.31
N LEU A 45 -2.77 5.62 -9.10
CA LEU A 45 -3.29 4.83 -10.26
C LEU A 45 -4.26 5.68 -11.08
N PHE A 46 -5.11 6.41 -10.43
CA PHE A 46 -6.09 7.27 -11.18
C PHE A 46 -5.34 8.37 -11.94
N GLU A 47 -4.19 8.77 -11.45
CA GLU A 47 -3.42 9.84 -12.14
C GLU A 47 -2.76 9.27 -13.41
N ARG A 48 -2.23 8.08 -13.33
CA ARG A 48 -1.58 7.47 -14.53
C ARG A 48 -2.65 6.98 -15.51
N ALA A 49 -3.84 6.77 -15.05
CA ALA A 49 -4.93 6.29 -15.96
C ALA A 49 -5.32 7.41 -16.94
N VAL A 50 -5.53 8.60 -16.44
CA VAL A 50 -5.91 9.72 -17.34
C VAL A 50 -4.78 10.02 -18.33
N GLU A 51 -3.56 10.05 -17.85
CA GLU A 51 -2.42 10.35 -18.76
C GLU A 51 -1.96 9.06 -19.45
N MET B 1 15.15 -9.19 7.98
CA MET B 1 15.09 -10.10 6.80
C MET B 1 13.95 -11.10 6.96
N ASN B 2 12.90 -10.73 7.64
CA ASN B 2 11.76 -11.67 7.84
C ASN B 2 10.47 -11.05 7.29
N THR B 3 9.66 -11.83 6.63
CA THR B 3 8.39 -11.30 6.07
C THR B 3 7.27 -11.38 7.12
N VAL B 4 6.53 -10.32 7.29
CA VAL B 4 5.41 -10.35 8.28
C VAL B 4 4.10 -10.66 7.59
N ARG B 5 3.19 -11.32 8.27
CA ARG B 5 1.88 -11.65 7.64
C ARG B 5 0.92 -10.47 7.81
N TRP B 6 0.51 -9.85 6.73
CA TRP B 6 -0.42 -8.69 6.88
C TRP B 6 -1.75 -8.96 6.17
N ASN B 7 -2.82 -9.05 6.92
CA ASN B 7 -4.15 -9.31 6.30
C ASN B 7 -5.01 -8.05 6.39
N ILE B 8 -5.36 -7.50 5.27
CA ILE B 8 -6.18 -6.26 5.29
C ILE B 8 -7.27 -6.32 4.22
N ALA B 9 -8.34 -5.61 4.41
CA ALA B 9 -9.45 -5.63 3.42
C ALA B 9 -9.38 -4.41 2.50
N VAL B 10 -9.47 -4.63 1.21
CA VAL B 10 -9.42 -3.48 0.26
C VAL B 10 -10.47 -3.67 -0.83
N SER B 11 -10.78 -2.64 -1.57
CA SER B 11 -11.80 -2.78 -2.66
C SER B 11 -11.19 -3.54 -3.84
N PRO B 12 -11.80 -4.64 -4.17
CA PRO B 12 -11.27 -5.44 -5.31
C PRO B 12 -10.87 -4.54 -6.49
N ASP B 13 -11.27 -3.30 -6.48
CA ASP B 13 -10.92 -2.39 -7.60
C ASP B 13 -9.44 -2.00 -7.53
N VAL B 14 -8.89 -1.98 -6.34
CA VAL B 14 -7.46 -1.61 -6.21
C VAL B 14 -6.56 -2.77 -6.65
N ASP B 15 -6.96 -3.98 -6.38
CA ASP B 15 -6.10 -5.14 -6.80
C ASP B 15 -6.03 -5.20 -8.33
N GLN B 16 -7.16 -5.14 -8.99
CA GLN B 16 -7.16 -5.21 -10.48
C GLN B 16 -6.28 -4.09 -11.06
N SER B 17 -6.34 -2.92 -10.48
CA SER B 17 -5.52 -1.80 -11.00
C SER B 17 -4.03 -2.07 -10.73
N VAL B 18 -3.71 -2.64 -9.61
CA VAL B 18 -2.29 -2.94 -9.29
C VAL B 18 -1.69 -3.89 -10.35
N ARG B 19 -2.42 -4.89 -10.74
CA ARG B 19 -1.90 -5.84 -11.77
C ARG B 19 -1.68 -5.09 -13.09
N MET B 20 -2.60 -4.24 -13.45
CA MET B 20 -2.45 -3.48 -14.72
C MET B 20 -1.19 -2.62 -14.67
N PHE B 21 -0.94 -1.97 -13.56
CA PHE B 21 0.27 -1.10 -13.45
C PHE B 21 1.56 -1.90 -13.69
N ILE B 22 1.74 -3.01 -13.02
CA ILE B 22 2.98 -3.80 -13.22
C ILE B 22 3.07 -4.26 -14.69
N ALA B 23 1.97 -4.63 -15.28
CA ALA B 23 2.02 -5.08 -16.70
C ALA B 23 2.65 -3.99 -17.57
N ALA B 24 2.50 -2.75 -17.18
CA ALA B 24 3.11 -1.65 -17.97
C ALA B 24 4.62 -1.62 -17.70
N GLN B 25 5.03 -2.05 -16.54
CA GLN B 25 6.48 -2.06 -16.20
C GLN B 25 7.07 -3.45 -16.47
N GLY B 26 6.39 -4.24 -17.27
CA GLY B 26 6.89 -5.61 -17.59
C GLY B 26 8.38 -5.73 -17.28
N GLY B 27 8.74 -6.61 -16.40
CA GLY B 27 10.18 -6.79 -16.06
C GLY B 27 10.42 -8.21 -15.55
N GLY B 28 9.51 -8.73 -14.79
CA GLY B 28 9.68 -10.12 -14.26
C GLY B 28 10.74 -10.13 -13.14
N ARG B 29 10.81 -9.07 -12.38
CA ARG B 29 11.82 -9.01 -11.28
C ARG B 29 11.19 -9.46 -9.97
N LYS B 30 11.96 -10.09 -9.12
CA LYS B 30 11.40 -10.55 -7.82
C LYS B 30 10.58 -9.43 -7.17
N GLY B 31 9.33 -9.68 -6.91
CA GLY B 31 8.47 -8.63 -6.29
C GLY B 31 7.25 -8.38 -7.19
N ASP B 32 6.09 -8.75 -6.76
CA ASP B 32 4.87 -8.54 -7.60
C ASP B 32 3.98 -7.46 -6.98
N LEU B 33 2.87 -7.84 -6.43
CA LEU B 33 1.96 -6.83 -5.81
C LEU B 33 2.55 -6.31 -4.49
N SER B 34 2.96 -7.19 -3.63
CA SER B 34 3.52 -6.75 -2.31
C SER B 34 4.68 -5.76 -2.51
N ARG B 35 5.49 -5.95 -3.51
CA ARG B 35 6.63 -5.01 -3.73
C ARG B 35 6.10 -3.64 -4.15
N PHE B 36 5.04 -3.60 -4.91
CA PHE B 36 4.48 -2.29 -5.36
C PHE B 36 4.16 -1.40 -4.16
N ILE B 37 3.46 -1.91 -3.18
CA ILE B 37 3.12 -1.07 -2.00
C ILE B 37 4.34 -0.90 -1.08
N GLU B 38 5.14 -1.92 -0.93
CA GLU B 38 6.33 -1.82 -0.04
C GLU B 38 7.23 -0.66 -0.48
N ASP B 39 7.54 -0.57 -1.74
CA ASP B 39 8.40 0.54 -2.23
C ASP B 39 7.69 1.88 -2.11
N ALA B 40 6.39 1.87 -2.23
CA ALA B 40 5.62 3.15 -2.13
C ALA B 40 5.65 3.70 -0.70
N VAL B 41 5.41 2.88 0.28
CA VAL B 41 5.40 3.37 1.69
C VAL B 41 6.84 3.66 2.17
N ARG B 42 7.79 2.88 1.74
CA ARG B 42 9.20 3.12 2.18
C ARG B 42 9.73 4.45 1.63
N ALA B 43 9.47 4.72 0.39
CA ALA B 43 9.99 5.98 -0.22
C ALA B 43 9.31 7.22 0.41
N TYR B 44 8.02 7.18 0.56
CA TYR B 44 7.30 8.36 1.15
C TYR B 44 7.59 8.50 2.64
N LEU B 45 7.45 7.44 3.39
CA LEU B 45 7.70 7.52 4.85
C LEU B 45 9.14 7.98 5.11
N PHE B 46 10.09 7.46 4.36
CA PHE B 46 11.50 7.86 4.56
C PHE B 46 11.68 9.34 4.19
N GLU B 47 10.86 9.84 3.30
CA GLU B 47 10.98 11.26 2.90
C GLU B 47 10.45 12.18 4.02
N ARG B 48 9.36 11.80 4.62
CA ARG B 48 8.79 12.64 5.72
C ARG B 48 9.60 12.46 7.00
N ALA B 49 10.35 11.40 7.09
CA ALA B 49 11.17 11.17 8.32
C ALA B 49 12.33 12.17 8.36
N VAL B 50 13.02 12.35 7.28
CA VAL B 50 14.16 13.31 7.27
C VAL B 50 13.64 14.73 7.49
N GLU B 51 12.57 15.10 6.84
CA GLU B 51 12.02 16.47 7.02
C GLU B 51 11.12 16.52 8.25
N MET A 1 -20.26 -4.27 -5.97
CA MET A 1 -19.38 -3.77 -4.87
C MET A 1 -19.23 -4.84 -3.79
N ASN A 2 -18.06 -5.38 -3.64
CA ASN A 2 -17.85 -6.43 -2.60
C ASN A 2 -16.48 -6.25 -1.93
N THR A 3 -16.47 -6.07 -0.64
CA THR A 3 -15.16 -5.88 0.07
C THR A 3 -14.25 -7.08 -0.16
N VAL A 4 -13.04 -6.85 -0.57
CA VAL A 4 -12.09 -7.99 -0.80
C VAL A 4 -11.10 -8.08 0.36
N ARG A 5 -10.64 -9.27 0.65
CA ARG A 5 -9.66 -9.43 1.76
C ARG A 5 -8.26 -9.65 1.17
N TRP A 6 -7.26 -9.00 1.69
CA TRP A 6 -5.90 -9.21 1.11
C TRP A 6 -4.88 -9.52 2.22
N ASN A 7 -4.35 -10.71 2.22
CA ASN A 7 -3.35 -11.07 3.25
C ASN A 7 -1.96 -11.07 2.62
N ILE A 8 -1.07 -10.25 3.10
CA ILE A 8 0.27 -10.20 2.49
C ILE A 8 1.35 -10.07 3.57
N ALA A 9 2.59 -10.24 3.20
CA ALA A 9 3.70 -10.13 4.21
C ALA A 9 4.46 -8.83 4.04
N VAL A 10 4.78 -8.18 5.13
CA VAL A 10 5.54 -6.91 5.05
C VAL A 10 6.58 -6.83 6.17
N SER A 11 7.58 -6.01 6.02
CA SER A 11 8.61 -5.89 7.10
C SER A 11 8.06 -5.07 8.26
N PRO A 12 8.24 -5.58 9.44
CA PRO A 12 7.73 -4.85 10.65
C PRO A 12 8.03 -3.35 10.56
N ASP A 13 8.87 -2.94 9.64
CA ASP A 13 9.19 -1.49 9.52
C ASP A 13 8.00 -0.75 8.92
N VAL A 14 7.20 -1.42 8.14
CA VAL A 14 6.03 -0.76 7.52
C VAL A 14 4.92 -0.52 8.55
N ASP A 15 4.69 -1.45 9.44
CA ASP A 15 3.63 -1.24 10.46
C ASP A 15 4.05 -0.13 11.43
N GLN A 16 5.25 -0.21 11.93
CA GLN A 16 5.73 0.83 12.89
C GLN A 16 5.68 2.21 12.23
N SER A 17 6.15 2.32 11.03
CA SER A 17 6.11 3.65 10.34
C SER A 17 4.67 4.10 10.14
N VAL A 18 3.80 3.19 9.78
CA VAL A 18 2.37 3.57 9.56
C VAL A 18 1.77 4.15 10.84
N ARG A 19 2.03 3.53 11.96
CA ARG A 19 1.48 4.05 13.24
C ARG A 19 1.93 5.51 13.45
N MET A 20 3.19 5.77 13.24
CA MET A 20 3.71 7.15 13.44
C MET A 20 3.04 8.11 12.44
N PHE A 21 2.89 7.69 11.22
CA PHE A 21 2.26 8.59 10.19
C PHE A 21 0.85 9.02 10.62
N ILE A 22 0.01 8.10 10.99
CA ILE A 22 -1.38 8.49 11.40
C ILE A 22 -1.34 9.23 12.73
N ALA A 23 -0.51 8.81 13.65
CA ALA A 23 -0.44 9.52 14.96
C ALA A 23 -0.14 11.00 14.73
N ALA A 24 0.53 11.30 13.65
CA ALA A 24 0.85 12.72 13.34
C ALA A 24 -0.41 13.41 12.81
N GLN A 25 -1.27 12.66 12.17
CA GLN A 25 -2.52 13.25 11.62
C GLN A 25 -3.69 12.98 12.56
N GLY A 26 -3.44 12.29 13.65
CA GLY A 26 -4.51 11.97 14.64
C GLY A 26 -5.84 12.62 14.22
N GLY A 27 -6.80 11.83 13.83
CA GLY A 27 -8.11 12.39 13.41
C GLY A 27 -9.23 11.41 13.73
N GLY A 28 -9.01 10.53 14.67
CA GLY A 28 -10.06 9.53 15.01
C GLY A 28 -10.26 8.55 13.85
N ARG A 29 -10.60 9.05 12.69
CA ARG A 29 -10.80 8.14 11.52
C ARG A 29 -9.45 7.62 11.04
N LYS A 30 -8.65 7.11 11.93
CA LYS A 30 -7.33 6.56 11.50
C LYS A 30 -7.50 5.14 10.98
N GLY A 31 -8.27 4.98 9.92
CA GLY A 31 -8.49 3.62 9.36
C GLY A 31 -7.24 2.76 9.57
N ASP A 32 -7.43 1.49 9.78
CA ASP A 32 -6.25 0.60 9.99
C ASP A 32 -5.32 0.66 8.79
N LEU A 33 -4.64 -0.42 8.50
CA LEU A 33 -3.72 -0.42 7.33
C LEU A 33 -4.51 -0.45 6.02
N SER A 34 -5.64 -1.10 6.02
CA SER A 34 -6.45 -1.18 4.77
C SER A 34 -6.72 0.22 4.20
N ARG A 35 -7.09 1.17 5.01
CA ARG A 35 -7.35 2.53 4.50
C ARG A 35 -6.05 3.21 4.07
N PHE A 36 -5.00 3.04 4.83
CA PHE A 36 -3.71 3.68 4.48
C PHE A 36 -3.25 3.26 3.09
N ILE A 37 -3.25 1.99 2.80
CA ILE A 37 -2.79 1.53 1.47
C ILE A 37 -3.86 1.81 0.39
N GLU A 38 -5.10 1.62 0.72
CA GLU A 38 -6.18 1.86 -0.28
C GLU A 38 -6.13 3.29 -0.81
N ASP A 39 -6.04 4.24 0.06
CA ASP A 39 -5.99 5.67 -0.38
C ASP A 39 -4.68 5.93 -1.13
N ALA A 40 -3.63 5.25 -0.77
CA ALA A 40 -2.32 5.47 -1.45
C ALA A 40 -2.37 4.97 -2.89
N VAL A 41 -2.88 3.79 -3.11
CA VAL A 41 -2.94 3.24 -4.49
C VAL A 41 -4.03 3.96 -5.31
N ARG A 42 -5.11 4.33 -4.67
CA ARG A 42 -6.20 5.03 -5.41
C ARG A 42 -5.72 6.41 -5.89
N ALA A 43 -5.03 7.13 -5.05
CA ALA A 43 -4.54 8.48 -5.45
C ALA A 43 -3.60 8.37 -6.65
N TYR A 44 -2.73 7.39 -6.64
CA TYR A 44 -1.78 7.23 -7.78
C TYR A 44 -2.53 6.79 -9.04
N LEU A 45 -3.45 5.87 -8.90
CA LEU A 45 -4.22 5.39 -10.10
C LEU A 45 -4.99 6.55 -10.72
N PHE A 46 -5.54 7.42 -9.92
CA PHE A 46 -6.31 8.57 -10.47
C PHE A 46 -5.39 9.50 -11.26
N GLU A 47 -4.20 9.72 -10.76
CA GLU A 47 -3.25 10.62 -11.48
C GLU A 47 -2.85 10.01 -12.82
N ARG A 48 -2.64 8.71 -12.86
CA ARG A 48 -2.24 8.06 -14.14
C ARG A 48 -3.44 7.98 -15.09
N ALA A 49 -4.64 8.03 -14.56
CA ALA A 49 -5.85 7.95 -15.42
C ALA A 49 -5.91 9.17 -16.35
N VAL A 50 -5.63 10.33 -15.84
CA VAL A 50 -5.68 11.55 -16.69
C VAL A 50 -4.62 11.47 -17.80
N GLU A 51 -3.40 11.20 -17.45
CA GLU A 51 -2.33 11.11 -18.48
C GLU A 51 -2.16 9.65 -18.95
N MET B 1 15.98 -10.42 10.82
CA MET B 1 14.67 -10.07 11.44
C MET B 1 13.61 -11.11 11.05
N ASN B 2 12.37 -10.71 10.98
CA ASN B 2 11.30 -11.67 10.60
C ASN B 2 10.19 -10.97 9.81
N THR B 3 9.56 -11.66 8.90
CA THR B 3 8.49 -11.03 8.10
C THR B 3 7.17 -11.04 8.89
N VAL B 4 6.42 -9.98 8.81
CA VAL B 4 5.13 -9.92 9.56
C VAL B 4 3.95 -10.18 8.63
N ARG B 5 2.91 -10.77 9.13
CA ARG B 5 1.71 -11.04 8.28
C ARG B 5 0.82 -9.80 8.23
N TRP B 6 0.32 -9.45 7.07
CA TRP B 6 -0.55 -8.25 6.97
C TRP B 6 -1.99 -8.65 6.60
N ASN B 7 -2.95 -7.98 7.19
CA ASN B 7 -4.37 -8.29 6.85
C ASN B 7 -5.10 -7.00 6.46
N ILE B 8 -5.46 -6.84 5.22
CA ILE B 8 -6.18 -5.60 4.82
C ILE B 8 -7.28 -5.91 3.81
N ALA B 9 -8.38 -5.21 3.90
CA ALA B 9 -9.50 -5.46 2.94
C ALA B 9 -9.56 -4.34 1.91
N VAL B 10 -9.59 -4.67 0.65
CA VAL B 10 -9.64 -3.62 -0.40
C VAL B 10 -10.60 -4.03 -1.52
N SER B 11 -10.99 -3.11 -2.35
CA SER B 11 -11.93 -3.45 -3.46
C SER B 11 -11.16 -4.17 -4.58
N PRO B 12 -11.85 -5.06 -5.23
CA PRO B 12 -11.20 -5.82 -6.34
C PRO B 12 -10.56 -4.84 -7.35
N ASP B 13 -10.83 -3.57 -7.22
CA ASP B 13 -10.25 -2.59 -8.16
C ASP B 13 -8.74 -2.44 -7.88
N VAL B 14 -8.35 -2.73 -6.67
CA VAL B 14 -6.92 -2.62 -6.31
C VAL B 14 -6.11 -3.72 -6.99
N ASP B 15 -6.63 -4.92 -7.02
CA ASP B 15 -5.89 -6.04 -7.68
C ASP B 15 -5.81 -5.79 -9.20
N GLN B 16 -6.91 -5.46 -9.81
CA GLN B 16 -6.90 -5.23 -11.28
C GLN B 16 -5.92 -4.10 -11.63
N SER B 17 -5.95 -3.02 -10.88
CA SER B 17 -5.02 -1.89 -11.17
C SER B 17 -3.57 -2.33 -10.94
N VAL B 18 -3.33 -3.10 -9.91
CA VAL B 18 -1.94 -3.56 -9.64
C VAL B 18 -1.40 -4.35 -10.83
N ARG B 19 -2.21 -5.20 -11.41
CA ARG B 19 -1.75 -6.00 -12.58
C ARG B 19 -1.43 -5.07 -13.75
N MET B 20 -2.25 -4.07 -13.95
CA MET B 20 -1.99 -3.12 -15.07
C MET B 20 -0.68 -2.40 -14.85
N PHE B 21 -0.42 -1.96 -13.64
CA PHE B 21 0.85 -1.24 -13.36
C PHE B 21 2.07 -2.08 -13.73
N ILE B 22 2.14 -3.30 -13.27
CA ILE B 22 3.31 -4.16 -13.61
C ILE B 22 3.37 -4.39 -15.11
N ALA B 23 2.24 -4.56 -15.75
CA ALA B 23 2.25 -4.79 -17.22
C ALA B 23 2.99 -3.64 -17.91
N ALA B 24 2.92 -2.47 -17.34
CA ALA B 24 3.64 -1.31 -17.95
C ALA B 24 5.13 -1.43 -17.66
N GLN B 25 5.48 -2.04 -16.56
CA GLN B 25 6.93 -2.19 -16.21
C GLN B 25 7.43 -3.57 -16.63
N GLY B 26 6.58 -4.39 -17.18
CA GLY B 26 7.01 -5.74 -17.62
C GLY B 26 5.99 -6.79 -17.17
N GLY B 27 6.44 -7.88 -16.63
CA GLY B 27 5.50 -8.94 -16.17
C GLY B 27 5.99 -9.53 -14.84
N GLY B 28 6.95 -10.41 -14.89
CA GLY B 28 7.46 -11.01 -13.63
C GLY B 28 6.32 -11.72 -12.89
N ARG B 29 6.61 -12.37 -11.80
CA ARG B 29 5.54 -13.10 -11.06
C ARG B 29 5.58 -12.73 -9.57
N LYS B 30 6.59 -13.16 -8.87
CA LYS B 30 6.68 -12.84 -7.40
C LYS B 30 6.73 -11.33 -7.19
N GLY B 31 6.79 -10.89 -5.96
CA GLY B 31 6.83 -9.43 -5.68
C GLY B 31 5.86 -8.71 -6.61
N ASP B 32 4.61 -9.12 -6.61
CA ASP B 32 3.61 -8.46 -7.49
C ASP B 32 2.77 -7.45 -6.70
N LEU B 33 1.78 -7.93 -6.00
CA LEU B 33 0.91 -6.99 -5.22
C LEU B 33 1.67 -6.50 -3.97
N SER B 34 2.21 -7.41 -3.21
CA SER B 34 2.93 -7.01 -1.96
C SER B 34 4.12 -6.08 -2.26
N ARG B 35 4.83 -6.31 -3.33
CA ARG B 35 6.00 -5.45 -3.64
C ARG B 35 5.54 -4.05 -4.09
N PHE B 36 4.51 -3.97 -4.88
CA PHE B 36 4.05 -2.63 -5.36
C PHE B 36 3.76 -1.71 -4.16
N ILE B 37 3.00 -2.17 -3.21
CA ILE B 37 2.70 -1.29 -2.03
C ILE B 37 3.94 -1.11 -1.16
N GLU B 38 4.77 -2.13 -1.07
CA GLU B 38 5.99 -2.02 -0.22
C GLU B 38 6.86 -0.85 -0.67
N ASP B 39 7.11 -0.75 -1.95
CA ASP B 39 7.97 0.37 -2.45
C ASP B 39 7.23 1.70 -2.28
N ALA B 40 5.94 1.67 -2.35
CA ALA B 40 5.15 2.94 -2.20
C ALA B 40 5.29 3.49 -0.77
N VAL B 41 5.13 2.65 0.22
CA VAL B 41 5.25 3.13 1.63
C VAL B 41 6.70 3.46 1.97
N ARG B 42 7.63 2.71 1.43
CA ARG B 42 9.07 2.98 1.74
C ARG B 42 9.49 4.35 1.18
N ALA B 43 9.08 4.68 -0.01
CA ALA B 43 9.47 5.99 -0.61
C ALA B 43 8.86 7.14 0.19
N TYR B 44 7.66 6.99 0.65
CA TYR B 44 7.01 8.09 1.43
C TYR B 44 7.69 8.25 2.80
N LEU B 45 8.03 7.16 3.44
CA LEU B 45 8.68 7.26 4.78
C LEU B 45 10.12 7.78 4.64
N PHE B 46 10.75 7.51 3.53
CA PHE B 46 12.16 7.98 3.35
C PHE B 46 12.18 9.50 3.10
N GLU B 47 11.34 9.99 2.24
CA GLU B 47 11.33 11.45 1.95
C GLU B 47 11.03 12.24 3.23
N ARG B 48 9.99 11.89 3.93
CA ARG B 48 9.64 12.63 5.18
C ARG B 48 10.72 12.41 6.24
N ALA B 49 11.54 11.40 6.06
CA ALA B 49 12.61 11.14 7.07
C ALA B 49 13.64 12.27 7.06
N VAL B 50 14.04 12.71 5.91
CA VAL B 50 15.05 13.81 5.83
C VAL B 50 14.49 15.09 6.46
N GLU B 51 13.25 15.40 6.18
CA GLU B 51 12.65 16.64 6.75
C GLU B 51 11.85 16.29 8.01
N MET A 1 -18.21 -7.85 -7.46
CA MET A 1 -19.25 -7.31 -6.55
C MET A 1 -19.08 -7.89 -5.14
N ASN A 2 -17.86 -7.99 -4.68
CA ASN A 2 -17.63 -8.55 -3.31
C ASN A 2 -16.27 -8.10 -2.79
N THR A 3 -16.21 -7.63 -1.56
CA THR A 3 -14.91 -7.17 -1.00
C THR A 3 -13.88 -8.30 -1.11
N VAL A 4 -12.67 -7.96 -1.48
CA VAL A 4 -11.62 -9.01 -1.61
C VAL A 4 -10.72 -9.02 -0.37
N ARG A 5 -10.22 -10.16 0.00
CA ARG A 5 -9.34 -10.24 1.20
C ARG A 5 -7.87 -10.22 0.78
N TRP A 6 -7.11 -9.30 1.28
CA TRP A 6 -5.66 -9.23 0.90
C TRP A 6 -4.81 -9.99 1.91
N ASN A 7 -3.81 -10.68 1.42
CA ASN A 7 -2.87 -11.41 2.30
C ASN A 7 -1.45 -11.03 1.92
N ILE A 8 -0.75 -10.33 2.76
CA ILE A 8 0.63 -9.95 2.35
C ILE A 8 1.61 -10.02 3.53
N ALA A 9 2.83 -10.38 3.28
CA ALA A 9 3.84 -10.46 4.38
C ALA A 9 4.78 -9.26 4.32
N VAL A 10 5.01 -8.62 5.43
CA VAL A 10 5.94 -7.44 5.43
C VAL A 10 6.78 -7.42 6.70
N SER A 11 7.84 -6.66 6.71
CA SER A 11 8.68 -6.59 7.93
C SER A 11 8.02 -5.70 8.98
N PRO A 12 8.10 -6.10 10.21
CA PRO A 12 7.46 -5.29 11.28
C PRO A 12 7.91 -3.82 11.20
N ASP A 13 8.84 -3.51 10.34
CA ASP A 13 9.31 -2.10 10.22
C ASP A 13 8.25 -1.26 9.52
N VAL A 14 7.53 -1.85 8.60
CA VAL A 14 6.48 -1.07 7.86
C VAL A 14 5.26 -0.85 8.75
N ASP A 15 4.91 -1.80 9.57
CA ASP A 15 3.71 -1.62 10.44
C ASP A 15 3.96 -0.48 11.42
N GLN A 16 5.09 -0.48 12.08
CA GLN A 16 5.39 0.61 13.06
C GLN A 16 5.35 1.96 12.36
N SER A 17 5.91 2.06 11.18
CA SER A 17 5.90 3.37 10.46
C SER A 17 4.46 3.76 10.11
N VAL A 18 3.64 2.82 9.71
CA VAL A 18 2.23 3.14 9.36
C VAL A 18 1.52 3.76 10.56
N ARG A 19 1.71 3.23 11.73
CA ARG A 19 1.04 3.80 12.93
C ARG A 19 1.62 5.18 13.23
N MET A 20 2.90 5.35 13.04
CA MET A 20 3.52 6.67 13.32
C MET A 20 2.89 7.73 12.41
N PHE A 21 2.70 7.43 11.16
CA PHE A 21 2.11 8.41 10.23
C PHE A 21 0.74 8.88 10.73
N ILE A 22 -0.14 7.97 11.07
CA ILE A 22 -1.48 8.38 11.57
C ILE A 22 -1.34 9.16 12.88
N ALA A 23 -0.46 8.74 13.75
CA ALA A 23 -0.30 9.46 15.03
C ALA A 23 -0.02 10.94 14.78
N ALA A 24 0.71 11.23 13.72
CA ALA A 24 1.00 12.65 13.39
C ALA A 24 -0.24 13.31 12.79
N GLN A 25 -1.06 12.53 12.13
CA GLN A 25 -2.30 13.08 11.52
C GLN A 25 -3.51 12.80 12.41
N GLY A 26 -3.31 12.12 13.51
CA GLY A 26 -4.46 11.81 14.41
C GLY A 26 -4.61 10.30 14.55
N GLY A 27 -5.39 9.69 13.69
CA GLY A 27 -5.58 8.21 13.77
C GLY A 27 -7.07 7.87 13.68
N GLY A 28 -7.41 6.84 12.97
CA GLY A 28 -8.84 6.46 12.83
C GLY A 28 -9.12 5.19 13.65
N ARG A 29 -10.32 4.71 13.64
CA ARG A 29 -10.65 3.48 14.41
C ARG A 29 -11.15 2.39 13.47
N LYS A 30 -11.48 2.73 12.25
CA LYS A 30 -11.98 1.70 11.30
C LYS A 30 -10.96 1.49 10.17
N GLY A 31 -9.97 0.68 10.39
CA GLY A 31 -8.95 0.45 9.33
C GLY A 31 -7.89 1.55 9.38
N ASP A 32 -6.72 1.24 9.87
CA ASP A 32 -5.64 2.27 9.94
C ASP A 32 -4.68 2.11 8.76
N LEU A 33 -3.91 1.06 8.74
CA LEU A 33 -2.95 0.84 7.62
C LEU A 33 -3.70 0.54 6.32
N SER A 34 -4.72 -0.27 6.39
CA SER A 34 -5.48 -0.61 5.15
C SER A 34 -5.96 0.65 4.42
N ARG A 35 -6.47 1.61 5.15
CA ARG A 35 -6.96 2.86 4.48
C ARG A 35 -5.77 3.69 3.97
N PHE A 36 -4.69 3.71 4.71
CA PHE A 36 -3.51 4.50 4.27
C PHE A 36 -3.06 4.07 2.88
N ILE A 37 -2.99 2.79 2.63
CA ILE A 37 -2.56 2.31 1.27
C ILE A 37 -3.70 2.50 0.26
N GLU A 38 -4.92 2.34 0.68
CA GLU A 38 -6.05 2.50 -0.27
C GLU A 38 -6.03 3.89 -0.92
N ASP A 39 -5.88 4.91 -0.14
CA ASP A 39 -5.85 6.30 -0.71
C ASP A 39 -4.55 6.51 -1.49
N ALA A 40 -3.50 5.87 -1.08
CA ALA A 40 -2.19 6.06 -1.78
C ALA A 40 -2.24 5.47 -3.20
N VAL A 41 -2.75 4.28 -3.34
CA VAL A 41 -2.83 3.66 -4.70
C VAL A 41 -3.89 4.37 -5.55
N ARG A 42 -4.95 4.82 -4.95
CA ARG A 42 -6.01 5.52 -5.75
C ARG A 42 -5.46 6.81 -6.35
N ALA A 43 -4.72 7.57 -5.57
CA ALA A 43 -4.15 8.85 -6.10
C ALA A 43 -3.31 8.58 -7.35
N TYR A 44 -2.52 7.54 -7.34
CA TYR A 44 -1.67 7.25 -8.52
C TYR A 44 -2.54 6.83 -9.71
N LEU A 45 -3.55 6.05 -9.48
CA LEU A 45 -4.43 5.62 -10.60
C LEU A 45 -5.17 6.83 -11.18
N PHE A 46 -5.41 7.84 -10.38
CA PHE A 46 -6.13 9.04 -10.89
C PHE A 46 -5.21 9.86 -11.80
N GLU A 47 -3.98 10.05 -11.40
CA GLU A 47 -3.05 10.87 -12.23
C GLU A 47 -2.73 10.13 -13.54
N ARG A 48 -2.56 8.83 -13.48
CA ARG A 48 -2.24 8.07 -14.73
C ARG A 48 -3.51 7.87 -15.56
N ALA A 49 -4.66 8.10 -14.97
CA ALA A 49 -5.92 7.91 -15.73
C ALA A 49 -6.06 9.00 -16.80
N VAL A 50 -5.91 10.24 -16.42
CA VAL A 50 -6.03 11.34 -17.41
C VAL A 50 -4.96 11.22 -18.49
N GLU A 51 -3.78 10.77 -18.12
CA GLU A 51 -2.69 10.62 -19.11
C GLU A 51 -1.74 9.50 -18.70
N MET B 1 12.16 -9.01 14.85
CA MET B 1 13.08 -9.90 14.09
C MET B 1 12.29 -11.03 13.43
N ASN B 2 11.14 -10.73 12.88
CA ASN B 2 10.32 -11.79 12.23
C ASN B 2 9.35 -11.17 11.22
N THR B 3 9.27 -11.72 10.04
CA THR B 3 8.33 -11.14 9.03
C THR B 3 6.91 -11.08 9.60
N VAL B 4 6.21 -10.02 9.36
CA VAL B 4 4.82 -9.90 9.90
C VAL B 4 3.80 -10.25 8.80
N ARG B 5 2.69 -10.81 9.18
CA ARG B 5 1.65 -11.16 8.17
C ARG B 5 0.59 -10.07 8.10
N TRP B 6 0.36 -9.51 6.94
CA TRP B 6 -0.67 -8.44 6.82
C TRP B 6 -2.02 -9.04 6.41
N ASN B 7 -3.07 -8.53 6.99
CA ASN B 7 -4.44 -8.98 6.62
C ASN B 7 -5.28 -7.76 6.30
N ILE B 8 -5.67 -7.57 5.08
CA ILE B 8 -6.48 -6.35 4.77
C ILE B 8 -7.57 -6.64 3.75
N ALA B 9 -8.70 -5.99 3.88
CA ALA B 9 -9.81 -6.22 2.91
C ALA B 9 -9.91 -5.04 1.93
N VAL B 10 -10.00 -5.32 0.67
CA VAL B 10 -10.10 -4.21 -0.33
C VAL B 10 -11.07 -4.60 -1.46
N SER B 11 -11.52 -3.64 -2.22
CA SER B 11 -12.45 -3.96 -3.34
C SER B 11 -11.67 -4.57 -4.51
N PRO B 12 -12.26 -5.54 -5.13
CA PRO B 12 -11.56 -6.18 -6.28
C PRO B 12 -11.10 -5.13 -7.30
N ASP B 13 -11.48 -3.89 -7.11
CA ASP B 13 -11.06 -2.83 -8.08
C ASP B 13 -9.58 -2.50 -7.89
N VAL B 14 -9.10 -2.58 -6.68
CA VAL B 14 -7.67 -2.27 -6.42
C VAL B 14 -6.77 -3.40 -6.90
N ASP B 15 -7.20 -4.63 -6.77
CA ASP B 15 -6.34 -5.77 -7.23
C ASP B 15 -6.15 -5.69 -8.74
N GLN B 16 -7.22 -5.51 -9.47
CA GLN B 16 -7.11 -5.44 -10.95
C GLN B 16 -6.17 -4.30 -11.35
N SER B 17 -6.29 -3.17 -10.72
CA SER B 17 -5.40 -2.03 -11.06
C SER B 17 -3.94 -2.37 -10.73
N VAL B 18 -3.71 -3.03 -9.63
CA VAL B 18 -2.31 -3.40 -9.25
C VAL B 18 -1.68 -4.26 -10.35
N ARG B 19 -2.41 -5.21 -10.87
CA ARG B 19 -1.84 -6.08 -11.93
C ARG B 19 -1.63 -5.25 -13.21
N MET B 20 -2.51 -4.34 -13.48
CA MET B 20 -2.37 -3.50 -14.70
C MET B 20 -1.07 -2.70 -14.63
N PHE B 21 -0.79 -2.13 -13.48
CA PHE B 21 0.45 -1.32 -13.33
C PHE B 21 1.69 -2.16 -13.68
N ILE B 22 1.81 -3.33 -13.11
CA ILE B 22 3.01 -4.18 -13.42
C ILE B 22 3.00 -4.58 -14.89
N ALA B 23 1.86 -4.89 -15.44
CA ALA B 23 1.81 -5.28 -16.87
C ALA B 23 2.45 -4.18 -17.73
N ALA B 24 2.28 -2.96 -17.35
CA ALA B 24 2.89 -1.84 -18.13
C ALA B 24 4.39 -1.78 -17.84
N GLN B 25 4.79 -2.20 -16.66
CA GLN B 25 6.23 -2.17 -16.30
C GLN B 25 6.85 -3.57 -16.46
N GLY B 26 6.05 -4.53 -16.82
CA GLY B 26 6.59 -5.91 -16.99
C GLY B 26 5.85 -6.87 -16.05
N GLY B 27 6.35 -7.04 -14.85
CA GLY B 27 5.69 -7.95 -13.88
C GLY B 27 6.72 -8.87 -13.24
N GLY B 28 6.61 -9.11 -11.96
CA GLY B 28 7.59 -10.00 -11.28
C GLY B 28 6.92 -11.35 -10.96
N ARG B 29 7.64 -12.24 -10.34
CA ARG B 29 7.05 -13.56 -10.00
C ARG B 29 7.08 -13.78 -8.48
N LYS B 30 7.82 -12.97 -7.76
CA LYS B 30 7.88 -13.14 -6.29
C LYS B 30 7.23 -11.94 -5.59
N GLY B 31 5.93 -11.97 -5.45
CA GLY B 31 5.23 -10.83 -4.78
C GLY B 31 4.97 -9.73 -5.80
N ASP B 32 3.74 -9.58 -6.22
CA ASP B 32 3.43 -8.51 -7.21
C ASP B 32 2.84 -7.28 -6.50
N LEU B 33 1.65 -7.41 -5.97
CA LEU B 33 1.02 -6.25 -5.27
C LEU B 33 1.78 -5.94 -3.97
N SER B 34 2.13 -6.95 -3.23
CA SER B 34 2.86 -6.72 -1.94
C SER B 34 4.10 -5.86 -2.16
N ARG B 35 4.86 -6.12 -3.17
CA ARG B 35 6.09 -5.30 -3.42
C ARG B 35 5.71 -3.89 -3.88
N PHE B 36 4.67 -3.79 -4.67
CA PHE B 36 4.25 -2.44 -5.17
C PHE B 36 3.98 -1.50 -4.00
N ILE B 37 3.30 -1.95 -2.99
CA ILE B 37 3.01 -1.07 -1.82
C ILE B 37 4.27 -0.91 -0.96
N GLU B 38 5.07 -1.94 -0.86
CA GLU B 38 6.30 -1.84 -0.01
C GLU B 38 7.18 -0.69 -0.48
N ASP B 39 7.44 -0.59 -1.75
CA ASP B 39 8.30 0.51 -2.27
C ASP B 39 7.56 1.85 -2.17
N ALA B 40 6.26 1.82 -2.29
CA ALA B 40 5.47 3.10 -2.23
C ALA B 40 5.54 3.70 -0.82
N VAL B 41 5.34 2.91 0.20
CA VAL B 41 5.38 3.44 1.58
C VAL B 41 6.81 3.80 1.98
N ARG B 42 7.78 3.07 1.52
CA ARG B 42 9.19 3.37 1.87
C ARG B 42 9.61 4.74 1.29
N ALA B 43 9.23 5.02 0.08
CA ALA B 43 9.60 6.32 -0.53
C ALA B 43 9.07 7.48 0.32
N TYR B 44 7.86 7.36 0.81
CA TYR B 44 7.29 8.45 1.65
C TYR B 44 8.05 8.56 2.97
N LEU B 45 8.38 7.45 3.58
CA LEU B 45 9.13 7.50 4.87
C LEU B 45 10.52 8.10 4.66
N PHE B 46 11.06 7.96 3.48
CA PHE B 46 12.41 8.52 3.22
C PHE B 46 12.35 10.05 3.09
N GLU B 47 11.38 10.55 2.39
CA GLU B 47 11.26 12.03 2.22
C GLU B 47 10.91 12.69 3.56
N ARG B 48 10.06 12.09 4.34
CA ARG B 48 9.68 12.69 5.65
C ARG B 48 10.78 12.45 6.67
N ALA B 49 11.70 11.56 6.39
CA ALA B 49 12.79 11.27 7.35
C ALA B 49 13.76 12.47 7.41
N VAL B 50 14.22 12.93 6.29
CA VAL B 50 15.16 14.09 6.28
C VAL B 50 14.47 15.33 6.86
N GLU B 51 13.20 15.48 6.63
CA GLU B 51 12.48 16.66 7.17
C GLU B 51 10.99 16.34 7.38
N MET A 1 -20.94 -3.13 -4.50
CA MET A 1 -19.76 -4.00 -4.74
C MET A 1 -19.48 -4.88 -3.51
N ASN A 2 -18.26 -5.29 -3.33
CA ASN A 2 -17.93 -6.15 -2.16
C ASN A 2 -16.47 -5.95 -1.75
N THR A 3 -16.14 -6.21 -0.52
CA THR A 3 -14.73 -6.04 -0.06
C THR A 3 -13.92 -7.29 -0.34
N VAL A 4 -12.69 -7.14 -0.77
CA VAL A 4 -11.85 -8.33 -1.07
C VAL A 4 -10.87 -8.59 0.09
N ARG A 5 -10.53 -9.83 0.32
CA ARG A 5 -9.59 -10.14 1.43
C ARG A 5 -8.15 -10.13 0.91
N TRP A 6 -7.37 -9.17 1.33
CA TRP A 6 -5.96 -9.11 0.84
C TRP A 6 -5.02 -9.79 1.84
N ASN A 7 -4.07 -10.52 1.32
CA ASN A 7 -3.06 -11.20 2.20
C ASN A 7 -1.65 -10.85 1.75
N ILE A 8 -0.91 -10.13 2.54
CA ILE A 8 0.47 -9.78 2.11
C ILE A 8 1.43 -9.81 3.30
N ALA A 9 2.68 -10.15 3.07
CA ALA A 9 3.66 -10.20 4.19
C ALA A 9 4.62 -9.00 4.09
N VAL A 10 4.90 -8.35 5.18
CA VAL A 10 5.83 -7.18 5.12
C VAL A 10 6.72 -7.15 6.38
N SER A 11 7.83 -6.47 6.31
CA SER A 11 8.74 -6.39 7.48
C SER A 11 8.15 -5.44 8.52
N PRO A 12 8.40 -5.73 9.77
CA PRO A 12 7.86 -4.87 10.85
C PRO A 12 8.34 -3.41 10.68
N ASP A 13 9.17 -3.15 9.71
CA ASP A 13 9.66 -1.76 9.50
C ASP A 13 8.55 -0.89 8.92
N VAL A 14 7.75 -1.46 8.06
CA VAL A 14 6.63 -0.68 7.46
C VAL A 14 5.53 -0.41 8.48
N ASP A 15 5.26 -1.36 9.35
CA ASP A 15 4.19 -1.13 10.36
C ASP A 15 4.62 -0.03 11.35
N GLN A 16 5.82 -0.13 11.85
CA GLN A 16 6.30 0.89 12.83
C GLN A 16 6.23 2.29 12.20
N SER A 17 6.72 2.44 11.01
CA SER A 17 6.68 3.77 10.35
C SER A 17 5.23 4.19 10.11
N VAL A 18 4.38 3.26 9.78
CA VAL A 18 2.96 3.61 9.54
C VAL A 18 2.32 4.23 10.79
N ARG A 19 2.56 3.64 11.93
CA ARG A 19 1.99 4.21 13.19
C ARG A 19 2.55 5.61 13.43
N MET A 20 3.78 5.83 13.05
CA MET A 20 4.38 7.18 13.25
C MET A 20 3.70 8.20 12.34
N PHE A 21 3.49 7.85 11.10
CA PHE A 21 2.86 8.80 10.13
C PHE A 21 1.48 9.25 10.64
N ILE A 22 0.63 8.33 11.01
CA ILE A 22 -0.72 8.74 11.49
C ILE A 22 -0.59 9.70 12.68
N ALA A 23 0.37 9.46 13.54
CA ALA A 23 0.54 10.36 14.72
C ALA A 23 0.67 11.81 14.26
N ALA A 24 1.30 12.04 13.14
CA ALA A 24 1.45 13.43 12.64
C ALA A 24 0.11 13.90 12.06
N GLN A 25 -0.69 12.98 11.61
CA GLN A 25 -2.02 13.36 11.03
C GLN A 25 -3.12 13.15 12.08
N GLY A 26 -2.75 12.71 13.26
CA GLY A 26 -3.78 12.49 14.32
C GLY A 26 -4.52 11.18 14.04
N GLY A 27 -4.91 10.47 15.08
CA GLY A 27 -5.63 9.19 14.87
C GLY A 27 -6.89 9.17 15.74
N GLY A 28 -6.96 8.27 16.68
CA GLY A 28 -8.17 8.20 17.55
C GLY A 28 -9.03 7.02 17.13
N ARG A 29 -9.06 6.71 15.86
CA ARG A 29 -9.89 5.57 15.38
C ARG A 29 -9.02 4.33 15.20
N LYS A 30 -9.62 3.19 14.97
CA LYS A 30 -8.83 1.95 14.79
C LYS A 30 -8.92 1.46 13.34
N GLY A 31 -8.27 0.38 13.02
CA GLY A 31 -8.32 -0.15 11.63
C GLY A 31 -8.18 1.01 10.65
N ASP A 32 -7.08 1.72 10.70
CA ASP A 32 -6.89 2.86 9.76
C ASP A 32 -5.67 2.62 8.88
N LEU A 33 -4.91 1.60 9.15
CA LEU A 33 -3.72 1.31 8.31
C LEU A 33 -4.14 0.83 6.92
N SER A 34 -5.03 -0.12 6.86
CA SER A 34 -5.47 -0.63 5.53
C SER A 34 -6.00 0.51 4.68
N ARG A 35 -6.68 1.46 5.27
CA ARG A 35 -7.21 2.61 4.48
C ARG A 35 -6.06 3.50 4.03
N PHE A 36 -5.06 3.65 4.85
CA PHE A 36 -3.90 4.51 4.46
C PHE A 36 -3.29 4.03 3.15
N ILE A 37 -3.08 2.75 3.00
CA ILE A 37 -2.50 2.23 1.74
C ILE A 37 -3.54 2.24 0.61
N GLU A 38 -4.77 1.92 0.93
CA GLU A 38 -5.83 1.91 -0.12
C GLU A 38 -5.93 3.26 -0.81
N ASP A 39 -5.96 4.31 -0.05
CA ASP A 39 -6.05 5.68 -0.65
C ASP A 39 -4.77 5.98 -1.43
N ALA A 40 -3.67 5.42 -1.00
CA ALA A 40 -2.38 5.68 -1.70
C ALA A 40 -2.34 5.00 -3.09
N VAL A 41 -2.74 3.77 -3.17
CA VAL A 41 -2.73 3.07 -4.49
C VAL A 41 -3.81 3.64 -5.41
N ARG A 42 -4.93 4.02 -4.87
CA ARG A 42 -6.02 4.59 -5.72
C ARG A 42 -5.59 5.93 -6.33
N ALA A 43 -4.90 6.74 -5.57
CA ALA A 43 -4.46 8.07 -6.09
C ALA A 43 -3.43 7.88 -7.20
N TYR A 44 -2.49 6.99 -7.03
CA TYR A 44 -1.45 6.79 -8.08
C TYR A 44 -2.07 6.12 -9.32
N LEU A 45 -2.90 5.15 -9.13
CA LEU A 45 -3.52 4.46 -10.30
C LEU A 45 -4.34 5.45 -11.13
N PHE A 46 -4.99 6.39 -10.49
CA PHE A 46 -5.81 7.38 -11.24
C PHE A 46 -4.91 8.27 -12.11
N GLU A 47 -3.74 8.59 -11.62
CA GLU A 47 -2.83 9.46 -12.42
C GLU A 47 -2.44 8.76 -13.73
N ARG A 48 -2.22 7.48 -13.68
CA ARG A 48 -1.83 6.74 -14.92
C ARG A 48 -3.06 6.43 -15.76
N ALA A 49 -4.23 6.57 -15.21
CA ALA A 49 -5.48 6.28 -15.98
C ALA A 49 -5.62 7.28 -17.12
N VAL A 50 -5.49 8.55 -16.83
CA VAL A 50 -5.62 9.58 -17.90
C VAL A 50 -4.49 9.40 -18.93
N GLU A 51 -3.29 9.16 -18.49
CA GLU A 51 -2.16 8.98 -19.43
C GLU A 51 -1.63 7.55 -19.36
N MET B 1 16.20 -10.01 10.27
CA MET B 1 14.83 -9.65 10.75
C MET B 1 13.85 -10.76 10.39
N ASN B 2 12.59 -10.43 10.24
CA ASN B 2 11.58 -11.46 9.90
C ASN B 2 10.42 -10.83 9.14
N THR B 3 9.72 -11.60 8.34
CA THR B 3 8.57 -11.04 7.57
C THR B 3 7.30 -11.06 8.43
N VAL B 4 6.49 -10.03 8.32
CA VAL B 4 5.24 -9.99 9.11
C VAL B 4 4.04 -10.37 8.23
N ARG B 5 3.04 -10.98 8.81
CA ARG B 5 1.85 -11.37 8.01
C ARG B 5 0.81 -10.22 8.02
N TRP B 6 0.61 -9.58 6.90
CA TRP B 6 -0.37 -8.47 6.86
C TRP B 6 -1.74 -8.97 6.38
N ASN B 7 -2.78 -8.49 7.01
CA ASN B 7 -4.15 -8.87 6.59
C ASN B 7 -5.00 -7.62 6.35
N ILE B 8 -5.39 -7.37 5.13
CA ILE B 8 -6.21 -6.16 4.86
C ILE B 8 -7.27 -6.44 3.81
N ALA B 9 -8.40 -5.79 3.90
CA ALA B 9 -9.48 -6.02 2.90
C ALA B 9 -9.58 -4.82 1.95
N VAL B 10 -9.71 -5.05 0.68
CA VAL B 10 -9.82 -3.91 -0.28
C VAL B 10 -10.81 -4.24 -1.39
N SER B 11 -11.30 -3.25 -2.08
CA SER B 11 -12.27 -3.50 -3.19
C SER B 11 -11.52 -4.03 -4.41
N PRO B 12 -12.20 -4.86 -5.16
CA PRO B 12 -11.54 -5.42 -6.37
C PRO B 12 -11.10 -4.31 -7.33
N ASP B 13 -11.39 -3.07 -7.01
CA ASP B 13 -10.98 -1.95 -7.90
C ASP B 13 -9.47 -1.73 -7.80
N VAL B 14 -8.93 -1.90 -6.62
CA VAL B 14 -7.47 -1.69 -6.44
C VAL B 14 -6.68 -2.83 -7.08
N ASP B 15 -7.18 -4.03 -7.00
CA ASP B 15 -6.44 -5.18 -7.62
C ASP B 15 -6.42 -5.04 -9.14
N GLN B 16 -7.56 -4.77 -9.73
CA GLN B 16 -7.62 -4.63 -11.21
C GLN B 16 -6.65 -3.53 -11.67
N SER B 17 -6.68 -2.39 -11.05
CA SER B 17 -5.77 -1.28 -11.46
C SER B 17 -4.31 -1.71 -11.22
N VAL B 18 -4.06 -2.42 -10.16
CA VAL B 18 -2.67 -2.87 -9.87
C VAL B 18 -2.13 -3.72 -11.02
N ARG B 19 -2.90 -4.66 -11.50
CA ARG B 19 -2.42 -5.51 -12.63
C ARG B 19 -2.17 -4.64 -13.86
N MET B 20 -2.94 -3.62 -14.04
CA MET B 20 -2.74 -2.73 -15.22
C MET B 20 -1.42 -1.96 -15.09
N PHE B 21 -1.16 -1.43 -13.93
CA PHE B 21 0.10 -0.65 -13.71
C PHE B 21 1.34 -1.49 -14.04
N ILE B 22 1.43 -2.67 -13.49
CA ILE B 22 2.63 -3.52 -13.78
C ILE B 22 2.76 -3.76 -15.29
N ALA B 23 1.66 -3.92 -15.97
CA ALA B 23 1.73 -4.14 -17.44
C ALA B 23 2.53 -3.02 -18.11
N ALA B 24 2.39 -1.83 -17.62
CA ALA B 24 3.17 -0.69 -18.22
C ALA B 24 4.64 -0.81 -17.81
N GLN B 25 4.89 -1.41 -16.68
CA GLN B 25 6.30 -1.56 -16.20
C GLN B 25 6.82 -2.95 -16.55
N GLY B 26 6.01 -3.77 -17.16
CA GLY B 26 6.45 -5.14 -17.52
C GLY B 26 6.41 -6.03 -16.28
N GLY B 27 6.09 -7.30 -16.46
CA GLY B 27 6.02 -8.21 -15.30
C GLY B 27 6.82 -9.48 -15.58
N GLY B 28 6.17 -10.61 -15.64
CA GLY B 28 6.89 -11.88 -15.93
C GLY B 28 7.04 -12.68 -14.63
N ARG B 29 7.21 -12.00 -13.53
CA ARG B 29 7.36 -12.72 -12.23
C ARG B 29 6.02 -12.76 -11.49
N LYS B 30 5.94 -13.52 -10.43
CA LYS B 30 4.66 -13.60 -9.67
C LYS B 30 4.81 -12.95 -8.29
N GLY B 31 3.76 -12.93 -7.51
CA GLY B 31 3.85 -12.31 -6.16
C GLY B 31 4.60 -10.99 -6.26
N ASP B 32 4.10 -10.06 -7.04
CA ASP B 32 4.80 -8.74 -7.18
C ASP B 32 3.89 -7.62 -6.69
N LEU B 33 2.66 -7.92 -6.37
CA LEU B 33 1.73 -6.86 -5.88
C LEU B 33 2.14 -6.41 -4.48
N SER B 34 2.35 -7.34 -3.59
CA SER B 34 2.76 -6.97 -2.19
C SER B 34 4.01 -6.09 -2.23
N ARG B 35 4.92 -6.37 -3.11
CA ARG B 35 6.16 -5.55 -3.19
C ARG B 35 5.83 -4.15 -3.74
N PHE B 36 4.91 -4.09 -4.66
CA PHE B 36 4.54 -2.76 -5.24
C PHE B 36 4.11 -1.79 -4.13
N ILE B 37 3.27 -2.25 -3.23
CA ILE B 37 2.81 -1.35 -2.12
C ILE B 37 3.92 -1.18 -1.09
N GLU B 38 4.65 -2.22 -0.81
CA GLU B 38 5.75 -2.10 0.21
C GLU B 38 6.74 -1.00 -0.18
N ASP B 39 7.16 -0.98 -1.41
CA ASP B 39 8.11 0.07 -1.86
C ASP B 39 7.43 1.44 -1.82
N ALA B 40 6.14 1.47 -2.01
CA ALA B 40 5.41 2.76 -1.99
C ALA B 40 5.35 3.36 -0.57
N VAL B 41 5.02 2.55 0.40
CA VAL B 41 4.94 3.08 1.79
C VAL B 41 6.34 3.40 2.33
N ARG B 42 7.32 2.63 1.96
CA ARG B 42 8.70 2.89 2.45
C ARG B 42 9.23 4.23 1.89
N ALA B 43 8.94 4.50 0.65
CA ALA B 43 9.42 5.77 0.04
C ALA B 43 8.76 6.99 0.70
N TYR B 44 7.48 6.91 0.94
CA TYR B 44 6.78 8.08 1.58
C TYR B 44 7.21 8.22 3.04
N LEU B 45 7.30 7.14 3.76
CA LEU B 45 7.70 7.22 5.19
C LEU B 45 9.10 7.83 5.32
N PHE B 46 9.98 7.55 4.40
CA PHE B 46 11.36 8.11 4.47
C PHE B 46 11.33 9.63 4.27
N GLU B 47 10.44 10.11 3.43
CA GLU B 47 10.37 11.57 3.20
C GLU B 47 9.99 12.30 4.49
N ARG B 48 9.10 11.73 5.27
CA ARG B 48 8.69 12.38 6.54
C ARG B 48 9.72 12.11 7.65
N ALA B 49 10.60 11.17 7.43
CA ALA B 49 11.62 10.87 8.47
C ALA B 49 12.55 12.07 8.65
N VAL B 50 13.05 12.60 7.58
CA VAL B 50 13.97 13.78 7.69
C VAL B 50 13.22 14.97 8.27
N GLU B 51 12.02 15.21 7.81
CA GLU B 51 11.23 16.36 8.34
C GLU B 51 10.01 15.86 9.11
N MET A 1 -21.89 -6.19 2.10
CA MET A 1 -20.67 -5.37 1.85
C MET A 1 -19.92 -5.92 0.62
N ASN A 2 -18.74 -5.41 0.38
CA ASN A 2 -17.96 -5.91 -0.80
C ASN A 2 -16.45 -5.83 -0.51
N THR A 3 -16.08 -5.54 0.70
CA THR A 3 -14.63 -5.46 1.03
C THR A 3 -13.94 -6.77 0.68
N VAL A 4 -12.76 -6.69 0.12
CA VAL A 4 -12.02 -7.93 -0.25
C VAL A 4 -10.97 -8.26 0.82
N ARG A 5 -10.69 -9.51 1.01
CA ARG A 5 -9.67 -9.88 2.03
C ARG A 5 -8.28 -9.91 1.39
N TRP A 6 -7.44 -8.97 1.73
CA TRP A 6 -6.08 -8.96 1.11
C TRP A 6 -5.07 -9.69 2.00
N ASN A 7 -4.17 -10.41 1.38
CA ASN A 7 -3.10 -11.11 2.14
C ASN A 7 -1.72 -10.75 1.57
N ILE A 8 -0.91 -10.07 2.33
CA ILE A 8 0.44 -9.71 1.79
C ILE A 8 1.51 -9.82 2.87
N ALA A 9 2.72 -10.16 2.49
CA ALA A 9 3.81 -10.27 3.51
C ALA A 9 4.71 -9.03 3.45
N VAL A 10 4.96 -8.40 4.56
CA VAL A 10 5.82 -7.19 4.55
C VAL A 10 6.71 -7.16 5.80
N SER A 11 7.73 -6.34 5.79
CA SER A 11 8.64 -6.26 6.98
C SER A 11 7.95 -5.50 8.11
N PRO A 12 8.26 -5.90 9.32
CA PRO A 12 7.63 -5.22 10.49
C PRO A 12 8.05 -3.75 10.54
N ASP A 13 9.00 -3.36 9.73
CA ASP A 13 9.45 -1.94 9.73
C ASP A 13 8.38 -1.07 9.08
N VAL A 14 7.62 -1.64 8.20
CA VAL A 14 6.56 -0.86 7.50
C VAL A 14 5.37 -0.61 8.44
N ASP A 15 5.11 -1.51 9.34
CA ASP A 15 3.96 -1.31 10.27
C ASP A 15 4.26 -0.15 11.23
N GLN A 16 5.42 -0.14 11.81
CA GLN A 16 5.76 0.96 12.76
C GLN A 16 5.64 2.32 12.05
N SER A 17 6.05 2.40 10.81
CA SER A 17 5.96 3.69 10.09
C SER A 17 4.48 4.10 9.92
N VAL A 18 3.63 3.15 9.67
CA VAL A 18 2.18 3.48 9.50
C VAL A 18 1.63 4.14 10.76
N ARG A 19 1.96 3.62 11.91
CA ARG A 19 1.45 4.22 13.18
C ARG A 19 1.99 5.65 13.34
N MET A 20 3.25 5.85 13.08
CA MET A 20 3.82 7.21 13.22
C MET A 20 3.12 8.18 12.27
N PHE A 21 2.90 7.76 11.05
CA PHE A 21 2.23 8.67 10.07
C PHE A 21 0.84 9.08 10.57
N ILE A 22 0.03 8.13 10.97
CA ILE A 22 -1.33 8.48 11.46
C ILE A 22 -1.23 9.40 12.68
N ALA A 23 -0.29 9.16 13.54
CA ALA A 23 -0.15 10.03 14.75
C ALA A 23 -0.02 11.50 14.31
N ALA A 24 0.50 11.73 13.14
CA ALA A 24 0.63 13.12 12.65
C ALA A 24 -0.74 13.64 12.21
N GLN A 25 -1.60 12.74 11.81
CA GLN A 25 -2.97 13.14 11.37
C GLN A 25 -4.00 12.76 12.43
N GLY A 26 -3.55 12.50 13.63
CA GLY A 26 -4.49 12.10 14.73
C GLY A 26 -5.85 12.75 14.51
N GLY A 27 -6.85 11.97 14.23
CA GLY A 27 -8.22 12.53 14.01
C GLY A 27 -9.27 11.49 14.35
N GLY A 28 -9.31 10.41 13.61
CA GLY A 28 -10.32 9.35 13.89
C GLY A 28 -9.63 7.98 13.99
N ARG A 29 -10.37 6.95 14.24
CA ARG A 29 -9.75 5.59 14.36
C ARG A 29 -10.43 4.62 13.40
N LYS A 30 -11.23 5.11 12.49
CA LYS A 30 -11.92 4.21 11.53
C LYS A 30 -10.89 3.41 10.72
N GLY A 31 -10.95 3.47 9.42
CA GLY A 31 -9.97 2.72 8.59
C GLY A 31 -8.55 3.04 9.05
N ASP A 32 -7.74 2.05 9.26
CA ASP A 32 -6.35 2.31 9.71
C ASP A 32 -5.35 1.94 8.60
N LEU A 33 -4.87 0.73 8.60
CA LEU A 33 -3.90 0.31 7.55
C LEU A 33 -4.61 0.14 6.20
N SER A 34 -5.70 -0.58 6.19
CA SER A 34 -6.43 -0.80 4.91
C SER A 34 -6.76 0.51 4.22
N ARG A 35 -7.25 1.49 4.93
CA ARG A 35 -7.58 2.79 4.28
C ARG A 35 -6.31 3.53 3.88
N PHE A 36 -5.31 3.49 4.72
CA PHE A 36 -4.04 4.20 4.40
C PHE A 36 -3.49 3.75 3.05
N ILE A 37 -3.42 2.46 2.82
CA ILE A 37 -2.89 1.97 1.53
C ILE A 37 -3.92 2.16 0.41
N GLU A 38 -5.18 1.97 0.71
CA GLU A 38 -6.23 2.13 -0.33
C GLU A 38 -6.19 3.52 -0.94
N ASP A 39 -6.13 4.54 -0.13
CA ASP A 39 -6.09 5.93 -0.67
C ASP A 39 -4.75 6.18 -1.37
N ALA A 40 -3.70 5.55 -0.91
CA ALA A 40 -2.37 5.76 -1.53
C ALA A 40 -2.36 5.19 -2.96
N VAL A 41 -2.85 4.00 -3.14
CA VAL A 41 -2.87 3.39 -4.50
C VAL A 41 -3.91 4.08 -5.39
N ARG A 42 -5.02 4.49 -4.83
CA ARG A 42 -6.06 5.17 -5.64
C ARG A 42 -5.52 6.48 -6.23
N ALA A 43 -4.74 7.21 -5.47
CA ALA A 43 -4.20 8.49 -5.98
C ALA A 43 -3.28 8.24 -7.18
N TYR A 44 -2.44 7.24 -7.11
CA TYR A 44 -1.51 6.95 -8.23
C TYR A 44 -2.28 6.41 -9.44
N LEU A 45 -3.16 5.47 -9.24
CA LEU A 45 -3.93 4.90 -10.37
C LEU A 45 -4.79 5.97 -11.04
N PHE A 46 -5.29 6.91 -10.28
CA PHE A 46 -6.15 7.98 -10.87
C PHE A 46 -5.27 8.96 -11.67
N GLU A 47 -4.13 9.32 -11.15
CA GLU A 47 -3.24 10.28 -11.88
C GLU A 47 -2.74 9.64 -13.18
N ARG A 48 -2.38 8.39 -13.14
CA ARG A 48 -1.88 7.72 -14.37
C ARG A 48 -3.03 7.50 -15.36
N ALA A 49 -4.25 7.47 -14.88
CA ALA A 49 -5.41 7.26 -15.79
C ALA A 49 -5.59 8.48 -16.71
N VAL A 50 -5.65 9.66 -16.15
CA VAL A 50 -5.83 10.87 -16.98
C VAL A 50 -4.65 11.02 -17.95
N GLU A 51 -3.45 10.93 -17.46
CA GLU A 51 -2.27 11.07 -18.35
C GLU A 51 -1.75 9.69 -18.76
N MET B 1 13.76 -16.48 7.80
CA MET B 1 13.28 -15.23 7.15
C MET B 1 12.68 -14.29 8.20
N ASN B 2 12.05 -13.23 7.77
CA ASN B 2 11.44 -12.28 8.74
C ASN B 2 10.19 -11.62 8.14
N THR B 3 9.77 -12.05 6.99
CA THR B 3 8.57 -11.43 6.36
C THR B 3 7.38 -11.49 7.32
N VAL B 4 6.61 -10.45 7.38
CA VAL B 4 5.44 -10.45 8.30
C VAL B 4 4.16 -10.76 7.52
N ARG B 5 3.20 -11.39 8.14
CA ARG B 5 1.94 -11.70 7.41
C ARG B 5 0.96 -10.52 7.56
N TRP B 6 0.70 -9.82 6.50
CA TRP B 6 -0.23 -8.65 6.60
C TRP B 6 -1.66 -9.08 6.21
N ASN B 7 -2.62 -8.54 6.91
CA ASN B 7 -4.04 -8.84 6.59
C ASN B 7 -4.82 -7.52 6.43
N ILE B 8 -5.28 -7.22 5.24
CA ILE B 8 -6.05 -5.95 5.07
C ILE B 8 -7.22 -6.15 4.11
N ALA B 9 -8.28 -5.41 4.31
CA ALA B 9 -9.46 -5.54 3.41
C ALA B 9 -9.50 -4.37 2.42
N VAL B 10 -9.62 -4.66 1.15
CA VAL B 10 -9.66 -3.56 0.14
C VAL B 10 -10.66 -3.88 -0.97
N SER B 11 -11.04 -2.90 -1.75
CA SER B 11 -12.01 -3.16 -2.85
C SER B 11 -11.31 -3.89 -4.00
N PRO B 12 -12.06 -4.73 -4.67
CA PRO B 12 -11.47 -5.49 -5.80
C PRO B 12 -11.02 -4.54 -6.91
N ASP B 13 -11.38 -3.29 -6.82
CA ASP B 13 -10.97 -2.31 -7.87
C ASP B 13 -9.49 -2.02 -7.73
N VAL B 14 -8.98 -2.14 -6.54
CA VAL B 14 -7.53 -1.85 -6.30
C VAL B 14 -6.66 -2.99 -6.86
N ASP B 15 -7.15 -4.20 -6.83
CA ASP B 15 -6.34 -5.34 -7.36
C ASP B 15 -6.18 -5.20 -8.87
N GLN B 16 -7.25 -4.95 -9.58
CA GLN B 16 -7.14 -4.84 -11.06
C GLN B 16 -6.15 -3.73 -11.42
N SER B 17 -6.14 -2.65 -10.71
CA SER B 17 -5.19 -1.54 -11.02
C SER B 17 -3.74 -2.03 -10.82
N VAL B 18 -3.50 -2.82 -9.81
CA VAL B 18 -2.12 -3.32 -9.57
C VAL B 18 -1.62 -4.12 -10.77
N ARG B 19 -2.44 -4.97 -11.32
CA ARG B 19 -2.01 -5.78 -12.50
C ARG B 19 -1.71 -4.86 -13.68
N MET B 20 -2.55 -3.89 -13.93
CA MET B 20 -2.31 -2.98 -15.08
C MET B 20 -0.99 -2.23 -14.88
N PHE B 21 -0.75 -1.75 -13.68
CA PHE B 21 0.51 -1.00 -13.42
C PHE B 21 1.74 -1.89 -13.72
N ILE B 22 1.77 -3.08 -13.18
CA ILE B 22 2.95 -3.96 -13.44
C ILE B 22 3.08 -4.24 -14.94
N ALA B 23 1.99 -4.42 -15.63
CA ALA B 23 2.07 -4.70 -17.09
C ALA B 23 2.86 -3.58 -17.78
N ALA B 24 2.84 -2.40 -17.22
CA ALA B 24 3.61 -1.29 -17.83
C ALA B 24 5.10 -1.48 -17.53
N GLN B 25 5.41 -2.15 -16.45
CA GLN B 25 6.83 -2.40 -16.08
C GLN B 25 7.19 -3.86 -16.34
N GLY B 26 6.40 -4.54 -17.13
CA GLY B 26 6.68 -5.97 -17.42
C GLY B 26 8.19 -6.24 -17.37
N GLY B 27 8.63 -7.01 -16.42
CA GLY B 27 10.08 -7.30 -16.32
C GLY B 27 10.28 -8.65 -15.60
N GLY B 28 9.91 -8.72 -14.35
CA GLY B 28 10.08 -10.01 -13.61
C GLY B 28 8.76 -10.40 -12.96
N ARG B 29 8.73 -11.51 -12.26
CA ARG B 29 7.48 -11.95 -11.59
C ARG B 29 7.72 -12.19 -10.10
N LYS B 30 8.85 -11.76 -9.59
CA LYS B 30 9.13 -11.97 -8.14
C LYS B 30 8.07 -11.28 -7.28
N GLY B 31 8.46 -10.42 -6.38
CA GLY B 31 7.46 -9.72 -5.53
C GLY B 31 6.39 -9.08 -6.42
N ASP B 32 5.14 -9.30 -6.10
CA ASP B 32 4.05 -8.70 -6.93
C ASP B 32 3.31 -7.61 -6.13
N LEU B 33 2.28 -7.97 -5.44
CA LEU B 33 1.52 -6.96 -4.65
C LEU B 33 2.32 -6.56 -3.40
N SER B 34 2.80 -7.51 -2.66
CA SER B 34 3.57 -7.17 -1.42
C SER B 34 4.72 -6.21 -1.73
N ARG B 35 5.48 -6.45 -2.76
CA ARG B 35 6.61 -5.54 -3.09
C ARG B 35 6.07 -4.19 -3.60
N PHE B 36 5.06 -4.23 -4.41
CA PHE B 36 4.49 -2.95 -4.96
C PHE B 36 4.12 -2.00 -3.82
N ILE B 37 3.42 -2.47 -2.83
CA ILE B 37 3.04 -1.58 -1.71
C ILE B 37 4.24 -1.30 -0.80
N GLU B 38 5.07 -2.28 -0.59
CA GLU B 38 6.25 -2.08 0.30
C GLU B 38 7.13 -0.92 -0.21
N ASP B 39 7.44 -0.91 -1.47
CA ASP B 39 8.29 0.18 -2.01
C ASP B 39 7.51 1.50 -2.00
N ALA B 40 6.22 1.43 -2.16
CA ALA B 40 5.41 2.69 -2.17
C ALA B 40 5.44 3.35 -0.78
N VAL B 41 5.23 2.58 0.25
CA VAL B 41 5.23 3.16 1.62
C VAL B 41 6.66 3.54 2.05
N ARG B 42 7.64 2.78 1.64
CA ARG B 42 9.04 3.10 2.02
C ARG B 42 9.46 4.45 1.44
N ALA B 43 9.04 4.75 0.24
CA ALA B 43 9.42 6.05 -0.39
C ALA B 43 8.83 7.22 0.41
N TYR B 44 7.60 7.10 0.82
CA TYR B 44 6.97 8.21 1.59
C TYR B 44 7.57 8.32 3.00
N LEU B 45 7.72 7.22 3.67
CA LEU B 45 8.30 7.25 5.05
C LEU B 45 9.74 7.78 5.01
N PHE B 46 10.46 7.49 3.97
CA PHE B 46 11.88 7.97 3.89
C PHE B 46 11.90 9.48 3.59
N GLU B 47 11.05 9.93 2.71
CA GLU B 47 11.03 11.39 2.38
C GLU B 47 10.60 12.20 3.61
N ARG B 48 9.61 11.73 4.33
CA ARG B 48 9.14 12.47 5.53
C ARG B 48 10.18 12.39 6.65
N ALA B 49 11.03 11.40 6.61
CA ALA B 49 12.07 11.27 7.67
C ALA B 49 13.09 12.39 7.56
N VAL B 50 13.66 12.59 6.40
CA VAL B 50 14.66 13.68 6.23
C VAL B 50 14.02 15.04 6.54
N GLU B 51 12.88 15.31 5.96
CA GLU B 51 12.21 16.62 6.22
C GLU B 51 11.14 16.45 7.30
N MET A 1 -21.17 -8.33 -1.46
CA MET A 1 -20.45 -7.27 -0.71
C MET A 1 -19.41 -6.59 -1.60
N ASN A 2 -18.30 -6.20 -1.03
CA ASN A 2 -17.24 -5.54 -1.84
C ASN A 2 -15.88 -5.67 -1.16
N THR A 3 -15.82 -5.43 0.12
CA THR A 3 -14.52 -5.54 0.83
C THR A 3 -13.84 -6.87 0.47
N VAL A 4 -12.67 -6.81 -0.08
CA VAL A 4 -11.96 -8.07 -0.46
C VAL A 4 -10.92 -8.42 0.61
N ARG A 5 -10.67 -9.69 0.81
CA ARG A 5 -9.66 -10.10 1.84
C ARG A 5 -8.26 -10.08 1.23
N TRP A 6 -7.40 -9.21 1.69
CA TRP A 6 -6.02 -9.16 1.13
C TRP A 6 -5.03 -9.87 2.05
N ASN A 7 -4.12 -10.60 1.45
CA ASN A 7 -3.07 -11.30 2.26
C ASN A 7 -1.68 -10.94 1.72
N ILE A 8 -0.88 -10.25 2.47
CA ILE A 8 0.48 -9.90 1.95
C ILE A 8 1.54 -9.96 3.06
N ALA A 9 2.75 -10.31 2.72
CA ALA A 9 3.82 -10.38 3.75
C ALA A 9 4.76 -9.17 3.63
N VAL A 10 5.08 -8.54 4.72
CA VAL A 10 5.98 -7.35 4.65
C VAL A 10 6.93 -7.31 5.86
N SER A 11 7.97 -6.53 5.78
CA SER A 11 8.93 -6.44 6.92
C SER A 11 8.29 -5.67 8.09
N PRO A 12 8.43 -6.23 9.26
CA PRO A 12 7.84 -5.56 10.45
C PRO A 12 8.28 -4.10 10.53
N ASP A 13 9.26 -3.71 9.77
CA ASP A 13 9.72 -2.29 9.81
C ASP A 13 8.69 -1.42 9.10
N VAL A 14 7.97 -1.99 8.17
CA VAL A 14 6.95 -1.20 7.43
C VAL A 14 5.70 -1.00 8.30
N ASP A 15 5.36 -1.97 9.11
CA ASP A 15 4.15 -1.81 9.98
C ASP A 15 4.38 -0.71 11.02
N GLN A 16 5.50 -0.75 11.70
CA GLN A 16 5.77 0.28 12.73
C GLN A 16 5.72 1.68 12.11
N SER A 17 6.16 1.82 10.89
CA SER A 17 6.13 3.15 10.23
C SER A 17 4.69 3.49 9.82
N VAL A 18 3.93 2.50 9.43
CA VAL A 18 2.53 2.75 9.01
C VAL A 18 1.72 3.35 10.16
N ARG A 19 1.88 2.84 11.35
CA ARG A 19 1.13 3.39 12.51
C ARG A 19 1.52 4.85 12.74
N MET A 20 2.79 5.14 12.70
CA MET A 20 3.23 6.54 12.92
C MET A 20 2.64 7.44 11.84
N PHE A 21 2.65 6.99 10.62
CA PHE A 21 2.09 7.80 9.50
C PHE A 21 0.63 8.16 9.77
N ILE A 22 -0.19 7.20 10.10
CA ILE A 22 -1.63 7.51 10.38
C ILE A 22 -1.74 8.47 11.57
N ALA A 23 -0.93 8.27 12.57
CA ALA A 23 -1.00 9.18 13.75
C ALA A 23 -0.82 10.63 13.29
N ALA A 24 -0.09 10.82 12.23
CA ALA A 24 0.11 12.19 11.71
C ALA A 24 -1.16 12.65 10.97
N GLN A 25 -1.87 11.71 10.39
CA GLN A 25 -3.11 12.07 9.66
C GLN A 25 -4.33 11.77 10.53
N GLY A 26 -4.12 11.25 11.71
CA GLY A 26 -5.26 10.94 12.62
C GLY A 26 -6.12 9.84 12.00
N GLY A 27 -7.16 9.43 12.68
CA GLY A 27 -8.04 8.36 12.14
C GLY A 27 -8.87 7.76 13.28
N GLY A 28 -9.84 6.96 12.96
CA GLY A 28 -10.69 6.35 14.02
C GLY A 28 -11.68 5.36 13.39
N ARG A 29 -12.14 5.65 12.21
CA ARG A 29 -13.11 4.73 11.54
C ARG A 29 -12.52 3.32 11.46
N LYS A 30 -13.36 2.33 11.29
CA LYS A 30 -12.85 0.94 11.20
C LYS A 30 -11.64 0.88 10.26
N GLY A 31 -11.65 1.65 9.20
CA GLY A 31 -10.50 1.64 8.25
C GLY A 31 -9.25 2.15 8.96
N ASP A 32 -8.17 1.42 8.89
CA ASP A 32 -6.92 1.87 9.56
C ASP A 32 -5.76 1.91 8.56
N LEU A 33 -4.80 1.04 8.70
CA LEU A 33 -3.65 1.04 7.75
C LEU A 33 -4.15 0.68 6.33
N SER A 34 -5.08 -0.22 6.23
CA SER A 34 -5.60 -0.61 4.88
C SER A 34 -6.06 0.63 4.11
N ARG A 35 -6.58 1.60 4.80
CA ARG A 35 -7.05 2.84 4.10
C ARG A 35 -5.85 3.64 3.58
N PHE A 36 -4.78 3.65 4.31
CA PHE A 36 -3.58 4.41 3.86
C PHE A 36 -3.14 3.94 2.47
N ILE A 37 -3.07 2.65 2.26
CA ILE A 37 -2.65 2.14 0.91
C ILE A 37 -3.78 2.30 -0.10
N GLU A 38 -5.00 2.10 0.33
CA GLU A 38 -6.15 2.23 -0.63
C GLU A 38 -6.16 3.63 -1.26
N ASP A 39 -6.04 4.65 -0.46
CA ASP A 39 -6.05 6.04 -1.02
C ASP A 39 -4.78 6.26 -1.85
N ALA A 40 -3.70 5.62 -1.49
CA ALA A 40 -2.44 5.80 -2.24
C ALA A 40 -2.57 5.24 -3.66
N VAL A 41 -3.12 4.06 -3.79
CA VAL A 41 -3.28 3.46 -5.14
C VAL A 41 -4.37 4.19 -5.94
N ARG A 42 -5.40 4.66 -5.28
CA ARG A 42 -6.48 5.38 -6.01
C ARG A 42 -5.95 6.69 -6.60
N ALA A 43 -5.16 7.41 -5.85
CA ALA A 43 -4.61 8.69 -6.37
C ALA A 43 -3.72 8.43 -7.59
N TYR A 44 -2.88 7.43 -7.52
CA TYR A 44 -1.99 7.12 -8.67
C TYR A 44 -2.82 6.69 -9.88
N LEU A 45 -3.81 5.86 -9.67
CA LEU A 45 -4.66 5.39 -10.81
C LEU A 45 -5.38 6.59 -11.44
N PHE A 46 -5.77 7.56 -10.66
CA PHE A 46 -6.47 8.73 -11.23
C PHE A 46 -5.50 9.59 -12.06
N GLU A 47 -4.34 9.83 -11.54
CA GLU A 47 -3.35 10.66 -12.31
C GLU A 47 -3.01 9.98 -13.63
N ARG A 48 -2.75 8.70 -13.61
CA ARG A 48 -2.41 7.97 -14.87
C ARG A 48 -3.63 7.91 -15.79
N ALA A 49 -4.80 8.13 -15.25
CA ALA A 49 -6.02 8.08 -16.09
C ALA A 49 -6.03 9.22 -17.10
N VAL A 50 -5.81 10.43 -16.65
CA VAL A 50 -5.80 11.58 -17.59
C VAL A 50 -4.47 11.65 -18.33
N GLU A 51 -3.41 11.24 -17.70
CA GLU A 51 -2.07 11.27 -18.38
C GLU A 51 -1.39 9.91 -18.27
N MET B 1 12.81 -14.80 11.68
CA MET B 1 12.64 -14.37 10.26
C MET B 1 12.37 -12.86 10.19
N ASN B 2 11.56 -12.43 9.27
CA ASN B 2 11.27 -10.97 9.15
C ASN B 2 9.93 -10.75 8.44
N THR B 3 9.70 -11.41 7.34
CA THR B 3 8.42 -11.21 6.62
C THR B 3 7.25 -11.31 7.59
N VAL B 4 6.43 -10.31 7.65
CA VAL B 4 5.28 -10.32 8.57
C VAL B 4 4.00 -10.66 7.80
N ARG B 5 3.07 -11.31 8.44
CA ARG B 5 1.79 -11.67 7.74
C ARG B 5 0.82 -10.48 7.81
N TRP B 6 0.52 -9.86 6.70
CA TRP B 6 -0.41 -8.71 6.72
C TRP B 6 -1.83 -9.15 6.30
N ASN B 7 -2.81 -8.63 6.98
CA ASN B 7 -4.22 -8.95 6.62
C ASN B 7 -5.02 -7.66 6.43
N ILE B 8 -5.46 -7.36 5.24
CA ILE B 8 -6.24 -6.10 5.05
C ILE B 8 -7.38 -6.30 4.05
N ALA B 9 -8.46 -5.58 4.22
CA ALA B 9 -9.61 -5.73 3.28
C ALA B 9 -9.67 -4.52 2.34
N VAL B 10 -9.83 -4.75 1.05
CA VAL B 10 -9.89 -3.62 0.09
C VAL B 10 -10.92 -3.89 -1.00
N SER B 11 -11.32 -2.88 -1.72
CA SER B 11 -12.32 -3.08 -2.82
C SER B 11 -11.67 -3.79 -4.00
N PRO B 12 -12.36 -4.80 -4.49
CA PRO B 12 -11.81 -5.57 -5.64
C PRO B 12 -11.37 -4.62 -6.77
N ASP B 13 -11.79 -3.38 -6.73
CA ASP B 13 -11.38 -2.44 -7.80
C ASP B 13 -9.91 -2.08 -7.64
N VAL B 14 -9.43 -2.13 -6.42
CA VAL B 14 -8.00 -1.79 -6.17
C VAL B 14 -7.09 -2.94 -6.63
N ASP B 15 -7.52 -4.15 -6.48
CA ASP B 15 -6.67 -5.30 -6.90
C ASP B 15 -6.51 -5.30 -8.42
N GLN B 16 -7.58 -5.18 -9.15
CA GLN B 16 -7.48 -5.18 -10.64
C GLN B 16 -6.53 -4.08 -11.11
N SER B 17 -6.53 -2.96 -10.43
CA SER B 17 -5.62 -1.85 -10.84
C SER B 17 -4.17 -2.19 -10.42
N VAL B 18 -4.02 -2.85 -9.30
CA VAL B 18 -2.64 -3.20 -8.84
C VAL B 18 -1.94 -4.09 -9.86
N ARG B 19 -2.63 -5.06 -10.39
CA ARG B 19 -2.00 -5.96 -11.40
C ARG B 19 -1.57 -5.15 -12.63
N MET B 20 -2.42 -4.29 -13.10
CA MET B 20 -2.07 -3.48 -14.29
C MET B 20 -0.84 -2.61 -13.97
N PHE B 21 -0.80 -2.03 -12.81
CA PHE B 21 0.34 -1.18 -12.43
C PHE B 21 1.66 -1.96 -12.50
N ILE B 22 1.72 -3.11 -11.89
CA ILE B 22 2.98 -3.91 -11.94
C ILE B 22 3.30 -4.28 -13.39
N ALA B 23 2.32 -4.62 -14.18
CA ALA B 23 2.59 -4.97 -15.60
C ALA B 23 3.35 -3.82 -16.27
N ALA B 24 3.10 -2.62 -15.83
CA ALA B 24 3.82 -1.45 -16.41
C ALA B 24 5.25 -1.42 -15.89
N GLN B 25 5.45 -1.90 -14.69
CA GLN B 25 6.82 -1.91 -14.10
C GLN B 25 7.44 -3.31 -14.23
N GLY B 26 6.70 -4.24 -14.77
CA GLY B 26 7.25 -5.62 -14.92
C GLY B 26 7.47 -6.25 -13.54
N GLY B 27 7.93 -7.47 -13.51
CA GLY B 27 8.18 -8.14 -12.20
C GLY B 27 8.25 -9.66 -12.41
N GLY B 28 8.68 -10.39 -11.41
CA GLY B 28 8.77 -11.86 -11.55
C GLY B 28 9.17 -12.48 -10.22
N ARG B 29 9.98 -11.80 -9.46
CA ARG B 29 10.42 -12.36 -8.14
C ARG B 29 9.20 -12.70 -7.29
N LYS B 30 9.36 -13.55 -6.31
CA LYS B 30 8.21 -13.92 -5.44
C LYS B 30 7.43 -12.67 -5.04
N GLY B 31 8.11 -11.58 -4.80
CA GLY B 31 7.40 -10.34 -4.40
C GLY B 31 6.50 -9.87 -5.55
N ASP B 32 5.26 -9.60 -5.27
CA ASP B 32 4.33 -9.14 -6.34
C ASP B 32 3.66 -7.83 -5.94
N LEU B 33 2.38 -7.85 -5.70
CA LEU B 33 1.68 -6.59 -5.30
C LEU B 33 2.20 -6.10 -3.95
N SER B 34 2.50 -7.01 -3.05
CA SER B 34 3.02 -6.59 -1.71
C SER B 34 4.25 -5.70 -1.88
N ARG B 35 5.04 -5.93 -2.88
CA ARG B 35 6.25 -5.09 -3.09
C ARG B 35 5.85 -3.68 -3.54
N PHE B 36 4.81 -3.57 -4.33
CA PHE B 36 4.37 -2.23 -4.80
C PHE B 36 4.09 -1.31 -3.62
N ILE B 37 3.38 -1.79 -2.62
CA ILE B 37 3.07 -0.94 -1.44
C ILE B 37 4.31 -0.80 -0.55
N GLU B 38 5.09 -1.84 -0.42
CA GLU B 38 6.30 -1.76 0.44
C GLU B 38 7.22 -0.64 -0.03
N ASP B 39 7.50 -0.57 -1.30
CA ASP B 39 8.39 0.50 -1.82
C ASP B 39 7.70 1.85 -1.69
N ALA B 40 6.40 1.87 -1.79
CA ALA B 40 5.65 3.16 -1.68
C ALA B 40 5.79 3.74 -0.27
N VAL B 41 5.61 2.92 0.74
CA VAL B 41 5.74 3.42 2.14
C VAL B 41 7.20 3.73 2.48
N ARG B 42 8.12 2.99 1.96
CA ARG B 42 9.55 3.25 2.25
C ARG B 42 9.98 4.61 1.67
N ALA B 43 9.56 4.91 0.47
CA ALA B 43 9.94 6.21 -0.14
C ALA B 43 9.37 7.37 0.68
N TYR B 44 8.14 7.27 1.09
CA TYR B 44 7.53 8.36 1.89
C TYR B 44 8.24 8.48 3.24
N LEU B 45 8.54 7.38 3.87
CA LEU B 45 9.23 7.43 5.20
C LEU B 45 10.61 8.08 5.04
N PHE B 46 11.26 7.85 3.93
CA PHE B 46 12.61 8.45 3.73
C PHE B 46 12.49 9.96 3.52
N GLU B 47 11.56 10.38 2.70
CA GLU B 47 11.39 11.84 2.45
C GLU B 47 11.06 12.57 3.77
N ARG B 48 10.15 12.03 4.54
CA ARG B 48 9.78 12.69 5.82
C ARG B 48 10.94 12.60 6.81
N ALA B 49 11.88 11.72 6.57
CA ALA B 49 13.04 11.58 7.50
C ALA B 49 13.90 12.85 7.46
N VAL B 50 14.28 13.29 6.29
CA VAL B 50 15.12 14.51 6.19
C VAL B 50 14.25 15.77 6.35
N GLU B 51 13.02 15.71 5.91
CA GLU B 51 12.13 16.90 6.04
C GLU B 51 10.81 16.50 6.70
N MET A 1 -20.95 -5.20 -4.46
CA MET A 1 -20.48 -4.48 -3.24
C MET A 1 -19.95 -5.48 -2.21
N ASN A 2 -18.82 -6.07 -2.46
CA ASN A 2 -18.26 -7.06 -1.50
C ASN A 2 -16.78 -6.76 -1.23
N THR A 3 -16.45 -6.33 -0.05
CA THR A 3 -15.03 -6.03 0.27
C THR A 3 -14.14 -7.25 -0.05
N VAL A 4 -12.96 -7.01 -0.55
CA VAL A 4 -12.06 -8.15 -0.88
C VAL A 4 -11.03 -8.34 0.23
N ARG A 5 -10.61 -9.55 0.45
CA ARG A 5 -9.59 -9.82 1.52
C ARG A 5 -8.21 -9.96 0.89
N TRP A 6 -7.24 -9.24 1.38
CA TRP A 6 -5.88 -9.36 0.79
C TRP A 6 -4.84 -9.73 1.85
N ASN A 7 -4.26 -10.90 1.75
CA ASN A 7 -3.25 -11.32 2.75
C ASN A 7 -1.86 -11.29 2.12
N ILE A 8 -1.00 -10.46 2.62
CA ILE A 8 0.36 -10.39 2.02
C ILE A 8 1.42 -10.28 3.12
N ALA A 9 2.62 -10.70 2.83
CA ALA A 9 3.70 -10.63 3.86
C ALA A 9 4.58 -9.40 3.65
N VAL A 10 4.90 -8.72 4.72
CA VAL A 10 5.75 -7.50 4.59
C VAL A 10 6.73 -7.44 5.78
N SER A 11 7.75 -6.63 5.67
CA SER A 11 8.72 -6.54 6.80
C SER A 11 8.13 -5.70 7.93
N PRO A 12 8.45 -6.06 9.13
CA PRO A 12 7.88 -5.30 10.28
C PRO A 12 8.27 -3.82 10.17
N ASP A 13 9.06 -3.46 9.20
CA ASP A 13 9.47 -2.03 9.05
C ASP A 13 8.31 -1.20 8.51
N VAL A 14 7.46 -1.80 7.71
CA VAL A 14 6.31 -1.04 7.16
C VAL A 14 5.24 -0.81 8.24
N ASP A 15 4.94 -1.81 9.02
CA ASP A 15 3.91 -1.63 10.08
C ASP A 15 4.42 -0.61 11.12
N GLN A 16 5.63 -0.79 11.58
CA GLN A 16 6.18 0.15 12.59
C GLN A 16 6.13 1.59 12.05
N SER A 17 6.55 1.79 10.84
CA SER A 17 6.52 3.18 10.27
C SER A 17 5.06 3.66 10.17
N VAL A 18 4.16 2.77 9.87
CA VAL A 18 2.73 3.16 9.74
C VAL A 18 2.24 3.74 11.08
N ARG A 19 2.52 3.07 12.16
CA ARG A 19 2.07 3.58 13.49
C ARG A 19 2.70 4.94 13.76
N MET A 20 3.88 5.16 13.23
CA MET A 20 4.54 6.47 13.44
C MET A 20 3.75 7.57 12.73
N PHE A 21 3.32 7.33 11.53
CA PHE A 21 2.55 8.37 10.78
C PHE A 21 1.25 8.72 11.52
N ILE A 22 0.47 7.74 11.88
CA ILE A 22 -0.81 8.05 12.61
C ILE A 22 -0.51 8.75 13.92
N ALA A 23 0.45 8.29 14.67
CA ALA A 23 0.77 8.95 15.97
C ALA A 23 1.04 10.44 15.73
N ALA A 24 1.66 10.77 14.64
CA ALA A 24 1.94 12.21 14.34
C ALA A 24 0.63 12.90 13.95
N GLN A 25 -0.29 12.14 13.41
CA GLN A 25 -1.60 12.74 12.99
C GLN A 25 -2.65 12.54 14.10
N GLY A 26 -2.27 11.87 15.15
CA GLY A 26 -3.25 11.64 16.26
C GLY A 26 -4.60 11.23 15.67
N GLY A 27 -4.82 9.96 15.49
CA GLY A 27 -6.12 9.50 14.93
C GLY A 27 -6.61 8.27 15.71
N GLY A 28 -6.79 7.17 15.06
CA GLY A 28 -7.28 5.95 15.77
C GLY A 28 -6.33 4.79 15.49
N ARG A 29 -6.53 3.67 16.12
CA ARG A 29 -5.64 2.50 15.89
C ARG A 29 -6.47 1.28 15.50
N LYS A 30 -7.66 1.48 15.00
CA LYS A 30 -8.50 0.33 14.59
C LYS A 30 -7.95 -0.32 13.31
N GLY A 31 -8.57 -0.08 12.19
CA GLY A 31 -8.07 -0.68 10.92
C GLY A 31 -7.89 0.43 9.89
N ASP A 32 -7.37 1.55 10.29
CA ASP A 32 -7.17 2.68 9.32
C ASP A 32 -5.96 2.40 8.43
N LEU A 33 -5.29 1.30 8.63
CA LEU A 33 -4.10 0.97 7.79
C LEU A 33 -4.54 0.64 6.36
N SER A 34 -5.50 -0.22 6.21
CA SER A 34 -5.97 -0.61 4.85
C SER A 34 -6.37 0.64 4.06
N ARG A 35 -6.90 1.63 4.71
CA ARG A 35 -7.31 2.87 3.99
C ARG A 35 -6.06 3.64 3.55
N PHE A 36 -5.05 3.65 4.37
CA PHE A 36 -3.80 4.39 4.01
C PHE A 36 -3.24 3.89 2.68
N ILE A 37 -3.17 2.60 2.50
CA ILE A 37 -2.62 2.06 1.22
C ILE A 37 -3.61 2.29 0.08
N GLU A 38 -4.89 2.16 0.35
CA GLU A 38 -5.90 2.36 -0.72
C GLU A 38 -5.76 3.74 -1.36
N ASP A 39 -5.66 4.76 -0.56
CA ASP A 39 -5.51 6.13 -1.13
C ASP A 39 -4.14 6.29 -1.77
N ALA A 40 -3.15 5.61 -1.25
CA ALA A 40 -1.78 5.72 -1.80
C ALA A 40 -1.72 5.17 -3.23
N VAL A 41 -2.27 4.00 -3.45
CA VAL A 41 -2.24 3.41 -4.82
C VAL A 41 -3.10 4.21 -5.79
N ARG A 42 -4.20 4.76 -5.32
CA ARG A 42 -5.09 5.54 -6.22
C ARG A 42 -4.32 6.72 -6.84
N ALA A 43 -3.52 7.39 -6.06
CA ALA A 43 -2.76 8.56 -6.60
C ALA A 43 -1.78 8.10 -7.69
N TYR A 44 -1.14 6.97 -7.50
CA TYR A 44 -0.17 6.49 -8.53
C TYR A 44 -0.90 6.03 -9.80
N LEU A 45 -1.90 5.21 -9.65
CA LEU A 45 -2.65 4.72 -10.84
C LEU A 45 -3.22 5.90 -11.64
N PHE A 46 -3.70 6.91 -10.96
CA PHE A 46 -4.28 8.08 -11.68
C PHE A 46 -3.19 8.79 -12.50
N GLU A 47 -2.05 9.01 -11.92
CA GLU A 47 -0.95 9.70 -12.67
C GLU A 47 -0.66 8.98 -13.98
N ARG A 48 -0.62 7.67 -13.95
CA ARG A 48 -0.34 6.90 -15.20
C ARG A 48 -1.60 6.79 -16.07
N ALA A 49 -2.73 7.12 -15.52
CA ALA A 49 -3.99 7.03 -16.32
C ALA A 49 -3.96 8.04 -17.46
N VAL A 50 -3.62 9.26 -17.17
CA VAL A 50 -3.58 10.30 -18.24
C VAL A 50 -2.55 9.90 -19.30
N GLU A 51 -1.35 9.57 -18.90
CA GLU A 51 -0.30 9.17 -19.89
C GLU A 51 -0.39 10.05 -21.14
N MET B 1 15.11 -11.14 11.57
CA MET B 1 14.83 -11.31 10.12
C MET B 1 13.63 -12.23 9.92
N ASN B 2 12.45 -11.76 10.23
CA ASN B 2 11.24 -12.60 10.06
C ASN B 2 10.14 -11.82 9.34
N THR B 3 9.82 -12.20 8.13
CA THR B 3 8.77 -11.47 7.37
C THR B 3 7.48 -11.41 8.20
N VAL B 4 6.77 -10.31 8.12
CA VAL B 4 5.50 -10.18 8.90
C VAL B 4 4.30 -10.47 7.98
N ARG B 5 3.25 -11.01 8.53
CA ARG B 5 2.04 -11.30 7.71
C ARG B 5 0.99 -10.20 7.92
N TRP B 6 0.48 -9.63 6.86
CA TRP B 6 -0.53 -8.57 7.05
C TRP B 6 -1.82 -8.89 6.29
N ASN B 7 -2.90 -9.12 7.00
CA ASN B 7 -4.18 -9.44 6.33
C ASN B 7 -5.13 -8.25 6.43
N ILE B 8 -5.49 -7.70 5.32
CA ILE B 8 -6.41 -6.52 5.37
C ILE B 8 -7.46 -6.61 4.26
N ALA B 9 -8.59 -5.98 4.46
CA ALA B 9 -9.66 -6.06 3.44
C ALA B 9 -9.64 -4.80 2.55
N VAL B 10 -9.79 -4.97 1.27
CA VAL B 10 -9.79 -3.81 0.35
C VAL B 10 -10.83 -4.01 -0.76
N SER B 11 -11.19 -2.98 -1.46
CA SER B 11 -12.19 -3.14 -2.55
C SER B 11 -11.52 -3.78 -3.77
N PRO B 12 -12.26 -4.61 -4.45
CA PRO B 12 -11.68 -5.27 -5.64
C PRO B 12 -11.15 -4.23 -6.65
N ASP B 13 -11.37 -2.97 -6.38
CA ASP B 13 -10.88 -1.91 -7.31
C ASP B 13 -9.37 -1.76 -7.20
N VAL B 14 -8.82 -2.00 -6.04
CA VAL B 14 -7.35 -1.87 -5.87
C VAL B 14 -6.62 -3.04 -6.54
N ASP B 15 -7.10 -4.25 -6.35
CA ASP B 15 -6.44 -5.41 -7.00
C ASP B 15 -6.54 -5.30 -8.52
N GLN B 16 -7.72 -5.03 -9.02
CA GLN B 16 -7.90 -4.91 -10.50
C GLN B 16 -6.96 -3.85 -11.06
N SER B 17 -6.89 -2.71 -10.43
CA SER B 17 -5.97 -1.64 -10.94
C SER B 17 -4.52 -2.12 -10.84
N VAL B 18 -4.20 -2.87 -9.82
CA VAL B 18 -2.81 -3.36 -9.66
C VAL B 18 -2.42 -4.22 -10.86
N ARG B 19 -3.27 -5.13 -11.25
CA ARG B 19 -2.95 -5.99 -12.43
C ARG B 19 -2.78 -5.11 -13.67
N MET B 20 -3.48 -4.01 -13.72
CA MET B 20 -3.36 -3.11 -14.90
C MET B 20 -1.95 -2.50 -14.94
N PHE B 21 -1.45 -2.07 -13.82
CA PHE B 21 -0.08 -1.46 -13.80
C PHE B 21 0.97 -2.47 -14.25
N ILE B 22 0.98 -3.64 -13.68
CA ILE B 22 2.01 -4.66 -14.09
C ILE B 22 1.84 -5.01 -15.57
N ALA B 23 0.63 -5.21 -16.01
CA ALA B 23 0.42 -5.56 -17.45
C ALA B 23 1.06 -4.50 -18.33
N ALA B 24 1.01 -3.26 -17.93
CA ALA B 24 1.64 -2.18 -18.74
C ALA B 24 3.16 -2.27 -18.60
N GLN B 25 3.62 -2.81 -17.50
CA GLN B 25 5.10 -2.92 -17.29
C GLN B 25 5.57 -4.33 -17.69
N GLY B 26 4.67 -5.18 -18.10
CA GLY B 26 5.05 -6.56 -18.50
C GLY B 26 6.06 -7.12 -17.50
N GLY B 27 5.59 -7.77 -16.46
CA GLY B 27 6.52 -8.34 -15.45
C GLY B 27 6.07 -9.75 -15.08
N GLY B 28 5.77 -9.99 -13.84
CA GLY B 28 5.33 -11.34 -13.42
C GLY B 28 3.99 -11.25 -12.67
N ARG B 29 3.41 -12.36 -12.33
CA ARG B 29 2.11 -12.33 -11.60
C ARG B 29 2.21 -13.15 -10.31
N LYS B 30 3.39 -13.36 -9.81
CA LYS B 30 3.55 -14.14 -8.56
C LYS B 30 3.05 -13.32 -7.36
N GLY B 31 3.96 -12.80 -6.57
CA GLY B 31 3.53 -11.99 -5.39
C GLY B 31 4.24 -10.63 -5.43
N ASP B 32 4.33 -10.04 -6.59
CA ASP B 32 5.02 -8.72 -6.70
C ASP B 32 4.10 -7.61 -6.16
N LEU B 33 2.91 -7.95 -5.73
CA LEU B 33 1.98 -6.91 -5.20
C LEU B 33 2.50 -6.37 -3.86
N SER B 34 2.83 -7.25 -2.96
CA SER B 34 3.33 -6.79 -1.62
C SER B 34 4.52 -5.84 -1.80
N ARG B 35 5.32 -6.05 -2.80
CA ARG B 35 6.50 -5.16 -3.01
C ARG B 35 6.01 -3.79 -3.49
N PHE B 36 5.01 -3.77 -4.33
CA PHE B 36 4.49 -2.48 -4.86
C PHE B 36 4.08 -1.56 -3.71
N ILE B 37 3.37 -2.06 -2.74
CA ILE B 37 2.94 -1.20 -1.60
C ILE B 37 4.14 -0.86 -0.71
N GLU B 38 5.03 -1.80 -0.52
CA GLU B 38 6.21 -1.54 0.35
C GLU B 38 7.00 -0.32 -0.14
N ASP B 39 7.28 -0.27 -1.42
CA ASP B 39 8.04 0.89 -1.95
C ASP B 39 7.16 2.15 -1.93
N ALA B 40 5.88 1.98 -2.09
CA ALA B 40 4.96 3.16 -2.09
C ALA B 40 4.95 3.84 -0.72
N VAL B 41 4.83 3.09 0.33
CA VAL B 41 4.81 3.71 1.69
C VAL B 41 6.17 4.30 2.06
N ARG B 42 7.24 3.67 1.63
CA ARG B 42 8.60 4.19 1.95
C ARG B 42 8.77 5.62 1.42
N ALA B 43 8.29 5.90 0.24
CA ALA B 43 8.43 7.26 -0.33
C ALA B 43 7.67 8.28 0.51
N TYR B 44 6.49 7.92 0.97
CA TYR B 44 5.69 8.88 1.79
C TYR B 44 6.34 9.09 3.17
N LEU B 45 6.67 8.02 3.85
CA LEU B 45 7.29 8.15 5.19
C LEU B 45 8.58 8.97 5.12
N PHE B 46 9.36 8.79 4.08
CA PHE B 46 10.63 9.56 3.96
C PHE B 46 10.34 11.05 3.81
N GLU B 47 9.39 11.41 2.99
CA GLU B 47 9.06 12.85 2.79
C GLU B 47 8.74 13.51 4.14
N ARG B 48 8.01 12.83 4.98
CA ARG B 48 7.65 13.42 6.30
C ARG B 48 8.81 13.25 7.29
N ALA B 49 9.78 12.43 6.96
CA ALA B 49 10.93 12.22 7.88
C ALA B 49 11.74 13.52 8.02
N VAL B 50 12.04 14.15 6.92
CA VAL B 50 12.82 15.43 6.99
C VAL B 50 12.04 16.48 7.76
N GLU B 51 10.80 16.70 7.40
CA GLU B 51 9.98 17.73 8.12
C GLU B 51 10.84 18.95 8.45
N MET A 1 -21.51 -2.33 -1.85
CA MET A 1 -20.18 -2.93 -2.19
C MET A 1 -19.79 -3.96 -1.13
N ASN A 2 -18.62 -4.53 -1.25
CA ASN A 2 -18.18 -5.55 -0.25
C ASN A 2 -16.68 -5.38 0.04
N THR A 3 -16.25 -5.76 1.21
CA THR A 3 -14.81 -5.62 1.56
C THR A 3 -14.05 -6.88 1.15
N VAL A 4 -12.89 -6.73 0.55
CA VAL A 4 -12.10 -7.91 0.13
C VAL A 4 -10.97 -8.17 1.13
N ARG A 5 -10.57 -9.39 1.30
CA ARG A 5 -9.47 -9.70 2.25
C ARG A 5 -8.14 -9.78 1.49
N TRP A 6 -7.22 -8.91 1.80
CA TRP A 6 -5.92 -8.96 1.07
C TRP A 6 -4.79 -9.45 1.98
N ASN A 7 -4.24 -10.59 1.69
CA ASN A 7 -3.15 -11.13 2.55
C ASN A 7 -1.82 -11.05 1.81
N ILE A 8 -0.90 -10.29 2.32
CA ILE A 8 0.42 -10.17 1.65
C ILE A 8 1.54 -10.18 2.69
N ALA A 9 2.72 -10.57 2.29
CA ALA A 9 3.85 -10.63 3.26
C ALA A 9 4.76 -9.40 3.13
N VAL A 10 5.10 -8.78 4.23
CA VAL A 10 5.99 -7.59 4.18
C VAL A 10 7.00 -7.64 5.34
N SER A 11 8.04 -6.87 5.28
CA SER A 11 9.04 -6.88 6.38
C SER A 11 8.47 -6.17 7.61
N PRO A 12 8.65 -6.79 8.74
CA PRO A 12 8.11 -6.15 9.98
C PRO A 12 8.60 -4.71 10.11
N ASP A 13 9.54 -4.30 9.31
CA ASP A 13 10.06 -2.91 9.39
C ASP A 13 9.05 -1.93 8.79
N VAL A 14 8.28 -2.37 7.84
CA VAL A 14 7.27 -1.45 7.22
C VAL A 14 6.06 -1.27 8.14
N ASP A 15 5.70 -2.26 8.90
CA ASP A 15 4.53 -2.11 9.80
C ASP A 15 4.82 -1.09 10.89
N GLN A 16 5.95 -1.21 11.55
CA GLN A 16 6.29 -0.24 12.63
C GLN A 16 6.29 1.19 12.08
N SER A 17 6.73 1.38 10.87
CA SER A 17 6.74 2.75 10.28
C SER A 17 5.31 3.17 9.93
N VAL A 18 4.50 2.23 9.52
CA VAL A 18 3.09 2.57 9.15
C VAL A 18 2.35 3.15 10.36
N ARG A 19 2.54 2.59 11.51
CA ARG A 19 1.84 3.13 12.73
C ARG A 19 2.26 4.59 12.94
N MET A 20 3.52 4.87 12.85
CA MET A 20 3.99 6.26 13.04
C MET A 20 3.37 7.17 11.99
N PHE A 21 3.31 6.71 10.76
CA PHE A 21 2.72 7.54 9.67
C PHE A 21 1.25 7.87 9.98
N ILE A 22 0.46 6.88 10.30
CA ILE A 22 -0.98 7.15 10.60
C ILE A 22 -1.11 8.10 11.80
N ALA A 23 -0.29 7.93 12.80
CA ALA A 23 -0.38 8.83 13.97
C ALA A 23 -0.22 10.28 13.51
N ALA A 24 0.49 10.48 12.44
CA ALA A 24 0.68 11.86 11.90
C ALA A 24 -0.60 12.32 11.19
N GLN A 25 -1.33 11.39 10.63
CA GLN A 25 -2.59 11.75 9.92
C GLN A 25 -3.80 11.55 10.83
N GLY A 26 -3.59 11.07 12.03
CA GLY A 26 -4.71 10.84 12.98
C GLY A 26 -6.06 11.01 12.27
N GLY A 27 -6.62 9.94 11.78
CA GLY A 27 -7.93 10.04 11.08
C GLY A 27 -9.03 9.40 11.94
N GLY A 28 -10.23 9.32 11.42
CA GLY A 28 -11.33 8.71 12.20
C GLY A 28 -11.85 7.46 11.48
N ARG A 29 -13.03 7.51 10.94
CA ARG A 29 -13.58 6.33 10.22
C ARG A 29 -12.48 5.68 9.37
N LYS A 30 -11.84 6.44 8.54
CA LYS A 30 -10.75 5.87 7.69
C LYS A 30 -9.39 6.39 8.17
N GLY A 31 -8.37 5.59 8.06
CA GLY A 31 -7.02 6.04 8.50
C GLY A 31 -6.22 4.84 9.02
N ASP A 32 -6.66 3.64 8.76
CA ASP A 32 -5.91 2.45 9.24
C ASP A 32 -4.89 2.04 8.19
N LEU A 33 -4.46 0.81 8.21
CA LEU A 33 -3.46 0.35 7.20
C LEU A 33 -4.11 0.18 5.83
N SER A 34 -5.22 -0.53 5.78
CA SER A 34 -5.90 -0.75 4.47
C SER A 34 -6.22 0.58 3.77
N ARG A 35 -6.66 1.57 4.50
CA ARG A 35 -7.00 2.87 3.85
C ARG A 35 -5.72 3.58 3.38
N PHE A 36 -4.67 3.51 4.16
CA PHE A 36 -3.42 4.20 3.75
C PHE A 36 -2.97 3.74 2.36
N ILE A 37 -2.94 2.46 2.12
CA ILE A 37 -2.51 1.97 0.79
C ILE A 37 -3.62 2.17 -0.24
N GLU A 38 -4.85 2.00 0.15
CA GLU A 38 -5.98 2.17 -0.81
C GLU A 38 -5.94 3.57 -1.45
N ASP A 39 -5.80 4.60 -0.65
CA ASP A 39 -5.77 5.97 -1.20
C ASP A 39 -4.46 6.18 -1.99
N ALA A 40 -3.41 5.53 -1.58
CA ALA A 40 -2.10 5.69 -2.29
C ALA A 40 -2.16 5.13 -3.71
N VAL A 41 -2.70 3.95 -3.87
CA VAL A 41 -2.77 3.36 -5.24
C VAL A 41 -3.70 4.16 -6.14
N ARG A 42 -4.77 4.69 -5.61
CA ARG A 42 -5.71 5.49 -6.46
C ARG A 42 -5.01 6.72 -7.04
N ALA A 43 -4.23 7.40 -6.26
CA ALA A 43 -3.53 8.61 -6.79
C ALA A 43 -2.53 8.22 -7.88
N TYR A 44 -1.87 7.10 -7.73
CA TYR A 44 -0.89 6.67 -8.77
C TYR A 44 -1.61 6.25 -10.05
N LEU A 45 -2.62 5.43 -9.94
CA LEU A 45 -3.36 4.97 -11.15
C LEU A 45 -3.89 6.15 -11.95
N PHE A 46 -4.32 7.20 -11.30
CA PHE A 46 -4.85 8.38 -12.05
C PHE A 46 -3.72 9.04 -12.86
N GLU A 47 -2.55 9.17 -12.28
CA GLU A 47 -1.43 9.82 -13.01
C GLU A 47 -1.15 9.07 -14.33
N ARG A 48 -1.16 7.77 -14.29
CA ARG A 48 -0.88 6.99 -15.53
C ARG A 48 -2.09 7.07 -16.49
N ALA A 49 -3.25 7.36 -15.98
CA ALA A 49 -4.45 7.44 -16.87
C ALA A 49 -4.28 8.57 -17.89
N VAL A 50 -3.89 9.74 -17.44
CA VAL A 50 -3.72 10.87 -18.39
C VAL A 50 -2.46 10.67 -19.25
N GLU A 51 -1.38 10.24 -18.64
CA GLU A 51 -0.13 10.03 -19.42
C GLU A 51 0.44 11.36 -19.90
N MET B 1 16.48 -11.63 8.02
CA MET B 1 15.16 -11.01 8.35
C MET B 1 14.03 -12.02 8.18
N ASN B 2 12.81 -11.61 8.36
CA ASN B 2 11.67 -12.55 8.21
C ASN B 2 10.48 -11.86 7.54
N THR B 3 9.65 -12.59 6.85
CA THR B 3 8.49 -11.97 6.17
C THR B 3 7.29 -11.93 7.12
N VAL B 4 6.58 -10.83 7.15
CA VAL B 4 5.40 -10.71 8.04
C VAL B 4 4.11 -10.90 7.24
N ARG B 5 3.09 -11.43 7.84
CA ARG B 5 1.81 -11.62 7.10
C ARG B 5 0.87 -10.44 7.37
N TRP B 6 0.53 -9.69 6.35
CA TRP B 6 -0.37 -8.52 6.59
C TRP B 6 -1.76 -8.77 6.00
N ASN B 7 -2.76 -8.86 6.83
CA ASN B 7 -4.13 -9.12 6.32
C ASN B 7 -4.98 -7.86 6.47
N ILE B 8 -5.43 -7.32 5.38
CA ILE B 8 -6.26 -6.08 5.46
C ILE B 8 -7.42 -6.17 4.47
N ALA B 9 -8.48 -5.46 4.72
CA ALA B 9 -9.65 -5.52 3.79
C ALA B 9 -9.69 -4.31 2.86
N VAL B 10 -9.89 -4.54 1.59
CA VAL B 10 -9.95 -3.41 0.62
C VAL B 10 -11.05 -3.66 -0.41
N SER B 11 -11.45 -2.65 -1.13
CA SER B 11 -12.52 -2.85 -2.15
C SER B 11 -11.97 -3.62 -3.35
N PRO B 12 -12.72 -4.59 -3.80
CA PRO B 12 -12.24 -5.39 -4.95
C PRO B 12 -11.87 -4.46 -6.13
N ASP B 13 -12.22 -3.20 -6.04
CA ASP B 13 -11.89 -2.27 -7.15
C ASP B 13 -10.41 -1.91 -7.14
N VAL B 14 -9.79 -1.92 -5.99
CA VAL B 14 -8.35 -1.59 -5.91
C VAL B 14 -7.49 -2.76 -6.40
N ASP B 15 -7.93 -3.98 -6.20
CA ASP B 15 -7.11 -5.14 -6.65
C ASP B 15 -7.05 -5.17 -8.18
N GLN B 16 -8.18 -5.05 -8.83
CA GLN B 16 -8.18 -5.09 -10.33
C GLN B 16 -7.27 -3.99 -10.88
N SER B 17 -7.23 -2.85 -10.24
CA SER B 17 -6.35 -1.75 -10.74
C SER B 17 -4.89 -2.08 -10.42
N VAL B 18 -4.65 -2.72 -9.32
CA VAL B 18 -3.25 -3.07 -8.94
C VAL B 18 -2.62 -3.97 -10.01
N ARG B 19 -3.35 -4.93 -10.50
CA ARG B 19 -2.79 -5.83 -11.54
C ARG B 19 -2.38 -5.00 -12.77
N MET B 20 -3.23 -4.11 -13.19
CA MET B 20 -2.89 -3.26 -14.37
C MET B 20 -1.63 -2.45 -14.07
N PHE B 21 -1.55 -1.90 -12.89
CA PHE B 21 -0.36 -1.07 -12.52
C PHE B 21 0.92 -1.90 -12.59
N ILE B 22 0.94 -3.06 -11.98
CA ILE B 22 2.17 -3.89 -12.03
C ILE B 22 2.51 -4.26 -13.47
N ALA B 23 1.53 -4.58 -14.26
CA ALA B 23 1.81 -4.94 -15.68
C ALA B 23 2.59 -3.80 -16.35
N ALA B 24 2.37 -2.60 -15.89
CA ALA B 24 3.10 -1.43 -16.47
C ALA B 24 4.54 -1.43 -15.96
N GLN B 25 4.75 -1.92 -14.77
CA GLN B 25 6.14 -1.95 -14.20
C GLN B 25 6.79 -3.31 -14.43
N GLY B 26 6.06 -4.23 -15.00
CA GLY B 26 6.63 -5.61 -15.26
C GLY B 26 7.97 -5.78 -14.55
N GLY B 27 7.96 -6.31 -13.35
CA GLY B 27 9.23 -6.50 -12.61
C GLY B 27 9.56 -8.00 -12.53
N GLY B 28 10.61 -8.34 -11.83
CA GLY B 28 10.98 -9.78 -11.71
C GLY B 28 10.88 -10.22 -10.25
N ARG B 29 11.99 -10.48 -9.61
CA ARG B 29 11.96 -10.90 -8.19
C ARG B 29 10.92 -10.08 -7.42
N LYS B 30 11.02 -8.79 -7.49
CA LYS B 30 10.03 -7.92 -6.77
C LYS B 30 9.11 -7.23 -7.77
N GLY B 31 7.87 -7.03 -7.42
CA GLY B 31 6.93 -6.36 -8.36
C GLY B 31 5.51 -6.87 -8.12
N ASP B 32 5.27 -7.56 -7.04
CA ASP B 32 3.90 -8.07 -6.76
C ASP B 32 3.11 -7.03 -5.99
N LEU B 33 2.09 -7.45 -5.29
CA LEU B 33 1.26 -6.48 -4.52
C LEU B 33 2.03 -6.02 -3.27
N SER B 34 2.54 -6.93 -2.50
CA SER B 34 3.28 -6.55 -1.26
C SER B 34 4.42 -5.58 -1.57
N ARG B 35 5.16 -5.80 -2.63
CA ARG B 35 6.28 -4.88 -2.95
C ARG B 35 5.76 -3.52 -3.41
N PHE B 36 4.69 -3.49 -4.15
CA PHE B 36 4.16 -2.18 -4.64
C PHE B 36 3.87 -1.25 -3.45
N ILE B 37 3.20 -1.74 -2.44
CA ILE B 37 2.90 -0.87 -1.27
C ILE B 37 4.15 -0.69 -0.41
N GLU B 38 4.97 -1.71 -0.28
CA GLU B 38 6.20 -1.58 0.56
C GLU B 38 7.07 -0.43 0.08
N ASP B 39 7.33 -0.36 -1.20
CA ASP B 39 8.18 0.75 -1.72
C ASP B 39 7.44 2.08 -1.62
N ALA B 40 6.14 2.04 -1.73
CA ALA B 40 5.34 3.30 -1.66
C ALA B 40 5.41 3.92 -0.26
N VAL B 41 5.26 3.14 0.77
CA VAL B 41 5.31 3.70 2.15
C VAL B 41 6.70 4.21 2.48
N ARG B 42 7.73 3.55 2.00
CA ARG B 42 9.11 4.00 2.31
C ARG B 42 9.35 5.41 1.74
N ALA B 43 8.92 5.67 0.54
CA ALA B 43 9.13 7.02 -0.06
C ALA B 43 8.39 8.09 0.75
N TYR B 44 7.22 7.77 1.22
CA TYR B 44 6.43 8.78 2.01
C TYR B 44 7.09 9.01 3.37
N LEU B 45 7.43 7.97 4.07
CA LEU B 45 8.05 8.14 5.42
C LEU B 45 9.32 9.00 5.33
N PHE B 46 10.07 8.87 4.28
CA PHE B 46 11.32 9.68 4.15
C PHE B 46 10.96 11.16 4.01
N GLU B 47 9.97 11.49 3.24
CA GLU B 47 9.58 12.92 3.06
C GLU B 47 9.26 13.56 4.42
N ARG B 48 8.55 12.86 5.26
CA ARG B 48 8.20 13.43 6.59
C ARG B 48 9.43 13.46 7.51
N ALA B 49 10.41 12.64 7.22
CA ALA B 49 11.63 12.61 8.08
C ALA B 49 12.35 13.96 8.02
N VAL B 50 12.57 14.48 6.84
CA VAL B 50 13.27 15.79 6.72
C VAL B 50 12.35 16.93 7.17
N GLU B 51 11.11 16.91 6.76
CA GLU B 51 10.17 17.99 7.15
C GLU B 51 10.55 19.31 6.48
N MET A 1 -22.24 -2.65 -0.12
CA MET A 1 -21.04 -3.26 -0.75
C MET A 1 -20.42 -4.29 0.20
N ASN A 2 -19.33 -4.88 -0.20
CA ASN A 2 -18.67 -5.89 0.68
C ASN A 2 -17.16 -5.70 0.70
N THR A 3 -16.53 -5.86 1.83
CA THR A 3 -15.06 -5.67 1.90
C THR A 3 -14.34 -6.95 1.47
N VAL A 4 -13.20 -6.82 0.83
CA VAL A 4 -12.45 -8.02 0.39
C VAL A 4 -11.29 -8.29 1.36
N ARG A 5 -10.92 -9.52 1.52
CA ARG A 5 -9.79 -9.84 2.46
C ARG A 5 -8.50 -10.05 1.66
N TRP A 6 -7.42 -9.46 2.09
CA TRP A 6 -6.15 -9.64 1.35
C TRP A 6 -4.99 -10.01 2.29
N ASN A 7 -4.48 -11.20 2.16
CA ASN A 7 -3.35 -11.62 3.03
C ASN A 7 -2.05 -11.60 2.23
N ILE A 8 -1.12 -10.79 2.62
CA ILE A 8 0.15 -10.71 1.85
C ILE A 8 1.35 -10.71 2.81
N ALA A 9 2.51 -11.03 2.31
CA ALA A 9 3.71 -11.07 3.20
C ALA A 9 4.50 -9.77 3.08
N VAL A 10 4.71 -9.10 4.19
CA VAL A 10 5.48 -7.82 4.16
C VAL A 10 6.45 -7.79 5.35
N SER A 11 7.41 -6.91 5.33
CA SER A 11 8.38 -6.84 6.47
C SER A 11 7.75 -6.06 7.64
N PRO A 12 7.83 -6.64 8.80
CA PRO A 12 7.24 -5.94 9.98
C PRO A 12 7.69 -4.48 10.04
N ASP A 13 8.61 -4.08 9.21
CA ASP A 13 9.08 -2.66 9.22
C ASP A 13 8.00 -1.76 8.62
N VAL A 14 7.20 -2.28 7.74
CA VAL A 14 6.13 -1.44 7.12
C VAL A 14 4.99 -1.20 8.11
N ASP A 15 4.74 -2.13 9.00
CA ASP A 15 3.64 -1.93 9.99
C ASP A 15 3.97 -0.77 10.92
N GLN A 16 5.16 -0.75 11.47
CA GLN A 16 5.54 0.35 12.40
C GLN A 16 5.43 1.71 11.69
N SER A 17 5.84 1.78 10.46
CA SER A 17 5.77 3.08 9.72
C SER A 17 4.31 3.43 9.42
N VAL A 18 3.51 2.45 9.10
CA VAL A 18 2.07 2.72 8.77
C VAL A 18 1.34 3.25 10.01
N ARG A 19 1.55 2.65 11.15
CA ARG A 19 0.86 3.13 12.38
C ARG A 19 1.35 4.52 12.75
N MET A 20 2.63 4.74 12.73
CA MET A 20 3.17 6.08 13.08
C MET A 20 2.62 7.14 12.12
N PHE A 21 2.54 6.82 10.85
CA PHE A 21 2.03 7.80 9.87
C PHE A 21 0.61 8.26 10.24
N ILE A 22 -0.25 7.35 10.61
CA ILE A 22 -1.64 7.76 10.97
C ILE A 22 -1.60 8.77 12.11
N ALA A 23 -0.67 8.63 13.03
CA ALA A 23 -0.60 9.61 14.15
C ALA A 23 -0.46 11.03 13.59
N ALA A 24 0.24 11.16 12.50
CA ALA A 24 0.41 12.51 11.88
C ALA A 24 -0.87 12.91 11.15
N GLN A 25 -1.58 11.95 10.61
CA GLN A 25 -2.84 12.27 9.87
C GLN A 25 -4.05 11.95 10.75
N GLY A 26 -3.83 11.44 11.92
CA GLY A 26 -4.97 11.10 12.82
C GLY A 26 -5.62 9.80 12.35
N GLY A 27 -6.81 9.87 11.82
CA GLY A 27 -7.49 8.64 11.35
C GLY A 27 -8.82 9.01 10.67
N GLY A 28 -9.67 8.05 10.43
CA GLY A 28 -10.97 8.35 9.78
C GLY A 28 -11.99 7.28 10.15
N ARG A 29 -12.86 6.93 9.24
CA ARG A 29 -13.89 5.90 9.55
C ARG A 29 -13.21 4.60 10.01
N LYS A 30 -13.92 3.50 9.98
CA LYS A 30 -13.31 2.21 10.41
C LYS A 30 -12.21 1.80 9.44
N GLY A 31 -11.16 2.58 9.36
CA GLY A 31 -10.04 2.23 8.43
C GLY A 31 -8.71 2.60 9.08
N ASP A 32 -7.79 1.68 9.12
CA ASP A 32 -6.47 1.98 9.74
C ASP A 32 -5.36 1.89 8.69
N LEU A 33 -4.54 0.87 8.74
CA LEU A 33 -3.45 0.74 7.74
C LEU A 33 -4.02 0.40 6.36
N SER A 34 -4.96 -0.51 6.30
CA SER A 34 -5.56 -0.89 4.99
C SER A 34 -6.10 0.35 4.26
N ARG A 35 -6.74 1.24 4.97
CA ARG A 35 -7.28 2.46 4.31
C ARG A 35 -6.14 3.40 3.89
N PHE A 36 -5.13 3.52 4.69
CA PHE A 36 -3.99 4.41 4.34
C PHE A 36 -3.40 4.02 2.98
N ILE A 37 -3.24 2.74 2.75
CA ILE A 37 -2.66 2.29 1.45
C ILE A 37 -3.70 2.43 0.32
N GLU A 38 -4.94 2.17 0.61
CA GLU A 38 -5.98 2.28 -0.45
C GLU A 38 -6.00 3.69 -1.05
N ASP A 39 -6.01 4.70 -0.22
CA ASP A 39 -6.03 6.09 -0.74
C ASP A 39 -4.70 6.41 -1.42
N ALA A 40 -3.64 5.82 -0.96
CA ALA A 40 -2.30 6.08 -1.57
C ALA A 40 -2.25 5.55 -3.00
N VAL A 41 -2.73 4.36 -3.22
CA VAL A 41 -2.71 3.78 -4.60
C VAL A 41 -3.69 4.53 -5.51
N ARG A 42 -4.79 4.98 -4.98
CA ARG A 42 -5.77 5.71 -5.82
C ARG A 42 -5.16 7.03 -6.33
N ALA A 43 -4.47 7.74 -5.48
CA ALA A 43 -3.86 9.03 -5.92
C ALA A 43 -2.80 8.77 -6.99
N TYR A 44 -1.96 7.79 -6.81
CA TYR A 44 -0.91 7.50 -7.82
C TYR A 44 -1.56 7.10 -9.15
N LEU A 45 -2.55 6.26 -9.11
CA LEU A 45 -3.22 5.83 -10.36
C LEU A 45 -3.84 7.02 -11.09
N PHE A 46 -4.18 8.05 -10.35
CA PHE A 46 -4.80 9.25 -11.00
C PHE A 46 -3.76 10.03 -11.80
N GLU A 47 -2.60 10.23 -11.23
CA GLU A 47 -1.54 10.99 -11.97
C GLU A 47 -1.24 10.32 -13.31
N ARG A 48 -1.10 9.02 -13.31
CA ARG A 48 -0.80 8.30 -14.58
C ARG A 48 -2.06 8.23 -15.46
N ALA A 49 -3.21 8.32 -14.87
CA ALA A 49 -4.47 8.27 -15.67
C ALA A 49 -4.53 9.44 -16.66
N VAL A 50 -4.13 10.60 -16.23
CA VAL A 50 -4.17 11.78 -17.14
C VAL A 50 -3.07 11.68 -18.20
N GLU A 51 -1.89 11.29 -17.80
CA GLU A 51 -0.77 11.17 -18.78
C GLU A 51 -0.71 9.74 -19.33
N MET B 1 16.49 -13.31 7.16
CA MET B 1 15.33 -12.56 7.72
C MET B 1 14.05 -13.38 7.59
N ASN B 2 12.94 -12.83 8.00
CA ASN B 2 11.65 -13.58 7.90
C ASN B 2 10.55 -12.66 7.39
N THR B 3 9.69 -13.16 6.54
CA THR B 3 8.59 -12.30 6.01
C THR B 3 7.41 -12.29 7.00
N VAL B 4 6.72 -11.18 7.09
CA VAL B 4 5.56 -11.09 8.02
C VAL B 4 4.26 -11.25 7.22
N ARG B 5 3.24 -11.79 7.83
CA ARG B 5 1.94 -11.97 7.12
C ARG B 5 0.98 -10.84 7.50
N TRP B 6 0.32 -10.23 6.55
CA TRP B 6 -0.62 -9.13 6.90
C TRP B 6 -1.97 -9.32 6.20
N ASN B 7 -3.00 -9.56 6.96
CA ASN B 7 -4.35 -9.75 6.33
C ASN B 7 -5.19 -8.50 6.58
N ILE B 8 -5.57 -7.83 5.53
CA ILE B 8 -6.38 -6.59 5.73
C ILE B 8 -7.56 -6.57 4.75
N ALA B 9 -8.56 -5.78 5.05
CA ALA B 9 -9.76 -5.73 4.15
C ALA B 9 -9.66 -4.56 3.18
N VAL B 10 -9.72 -4.83 1.90
CA VAL B 10 -9.64 -3.74 0.90
C VAL B 10 -10.68 -3.98 -0.21
N SER B 11 -10.99 -2.99 -1.00
CA SER B 11 -11.99 -3.20 -2.08
C SER B 11 -11.34 -3.90 -3.27
N PRO B 12 -11.98 -4.94 -3.72
CA PRO B 12 -11.42 -5.69 -4.88
C PRO B 12 -10.99 -4.74 -6.00
N ASP B 13 -11.31 -3.48 -5.90
CA ASP B 13 -10.92 -2.51 -6.97
C ASP B 13 -9.42 -2.23 -6.89
N VAL B 14 -8.85 -2.36 -5.72
CA VAL B 14 -7.39 -2.09 -5.59
C VAL B 14 -6.58 -3.25 -6.17
N ASP B 15 -7.09 -4.44 -6.13
CA ASP B 15 -6.34 -5.59 -6.69
C ASP B 15 -6.18 -5.44 -8.21
N GLN B 16 -7.26 -5.15 -8.89
CA GLN B 16 -7.18 -4.99 -10.37
C GLN B 16 -6.20 -3.89 -10.75
N SER B 17 -6.19 -2.80 -10.02
CA SER B 17 -5.25 -1.70 -10.34
C SER B 17 -3.82 -2.11 -10.01
N VAL B 18 -3.63 -2.83 -8.94
CA VAL B 18 -2.25 -3.25 -8.55
C VAL B 18 -1.67 -4.20 -9.60
N ARG B 19 -2.44 -5.16 -10.06
CA ARG B 19 -1.91 -6.11 -11.07
C ARG B 19 -1.63 -5.37 -12.39
N MET B 20 -2.54 -4.55 -12.82
CA MET B 20 -2.33 -3.81 -14.10
C MET B 20 -1.08 -2.92 -13.98
N PHE B 21 -0.89 -2.29 -12.86
CA PHE B 21 0.30 -1.40 -12.67
C PHE B 21 1.60 -2.19 -12.91
N ILE B 22 1.71 -3.37 -12.36
CA ILE B 22 2.96 -4.16 -12.56
C ILE B 22 3.21 -4.37 -14.04
N ALA B 23 2.18 -4.55 -14.82
CA ALA B 23 2.38 -4.75 -16.28
C ALA B 23 3.17 -3.58 -16.86
N ALA B 24 2.94 -2.40 -16.35
CA ALA B 24 3.68 -1.21 -16.84
C ALA B 24 5.12 -1.22 -16.28
N GLN B 25 5.28 -1.73 -15.09
CA GLN B 25 6.65 -1.77 -14.48
C GLN B 25 7.24 -3.17 -14.58
N GLY B 26 6.50 -4.09 -15.14
CA GLY B 26 7.02 -5.48 -15.28
C GLY B 26 6.95 -6.20 -13.93
N GLY B 27 8.07 -6.46 -13.32
CA GLY B 27 8.05 -7.14 -12.00
C GLY B 27 9.48 -7.22 -11.45
N GLY B 28 9.70 -8.01 -10.44
CA GLY B 28 11.06 -8.13 -9.85
C GLY B 28 11.21 -9.48 -9.16
N ARG B 29 11.94 -9.54 -8.08
CA ARG B 29 12.12 -10.83 -7.36
C ARG B 29 10.76 -11.43 -6.98
N LYS B 30 10.75 -12.36 -6.07
CA LYS B 30 9.46 -12.98 -5.66
C LYS B 30 8.57 -11.94 -4.98
N GLY B 31 8.18 -10.91 -5.68
CA GLY B 31 7.31 -9.87 -5.06
C GLY B 31 6.28 -9.39 -6.09
N ASP B 32 5.03 -9.39 -5.72
CA ASP B 32 3.98 -8.93 -6.68
C ASP B 32 3.29 -7.68 -6.14
N LEU B 33 2.06 -7.79 -5.70
CA LEU B 33 1.35 -6.59 -5.16
C LEU B 33 1.95 -6.16 -3.82
N SER B 34 2.23 -7.10 -2.96
CA SER B 34 2.81 -6.74 -1.63
C SER B 34 4.10 -5.92 -1.81
N ARG B 35 4.92 -6.28 -2.75
CA ARG B 35 6.19 -5.51 -2.96
C ARG B 35 5.89 -4.13 -3.56
N PHE B 36 4.94 -4.06 -4.45
CA PHE B 36 4.60 -2.74 -5.07
C PHE B 36 4.23 -1.72 -3.99
N ILE B 37 3.46 -2.12 -3.02
CA ILE B 37 3.07 -1.17 -1.93
C ILE B 37 4.24 -0.92 -0.99
N GLU B 38 5.03 -1.93 -0.71
CA GLU B 38 6.18 -1.74 0.21
C GLU B 38 7.11 -0.63 -0.29
N ASP B 39 7.47 -0.67 -1.54
CA ASP B 39 8.36 0.38 -2.09
C ASP B 39 7.64 1.72 -2.14
N ALA B 40 6.34 1.69 -2.34
CA ALA B 40 5.56 2.96 -2.40
C ALA B 40 5.57 3.66 -1.04
N VAL B 41 5.36 2.94 0.02
CA VAL B 41 5.36 3.56 1.37
C VAL B 41 6.76 4.03 1.75
N ARG B 42 7.77 3.31 1.35
CA ARG B 42 9.16 3.71 1.70
C ARG B 42 9.51 5.05 1.04
N ALA B 43 9.14 5.23 -0.20
CA ALA B 43 9.45 6.51 -0.90
C ALA B 43 8.71 7.67 -0.21
N TYR B 44 7.46 7.50 0.10
CA TYR B 44 6.70 8.59 0.76
C TYR B 44 7.31 8.93 2.12
N LEU B 45 7.65 7.92 2.89
CA LEU B 45 8.24 8.18 4.22
C LEU B 45 9.58 8.92 4.09
N PHE B 46 10.24 8.78 2.97
CA PHE B 46 11.54 9.49 2.79
C PHE B 46 11.31 10.98 2.58
N GLU B 47 10.36 11.35 1.77
CA GLU B 47 10.09 12.80 1.53
C GLU B 47 9.80 13.51 2.86
N ARG B 48 8.98 12.92 3.69
CA ARG B 48 8.65 13.56 4.99
C ARG B 48 9.83 13.42 5.96
N ALA B 49 10.68 12.45 5.76
CA ALA B 49 11.85 12.27 6.67
C ALA B 49 12.77 13.49 6.60
N VAL B 50 12.99 14.02 5.42
CA VAL B 50 13.87 15.20 5.30
C VAL B 50 13.18 16.45 5.85
N GLU B 51 11.92 16.63 5.54
CA GLU B 51 11.20 17.83 6.06
C GLU B 51 10.49 17.50 7.37
N MET A 1 -21.19 -2.58 0.39
CA MET A 1 -20.48 -3.47 -0.59
C MET A 1 -19.83 -4.64 0.16
N ASN A 2 -19.03 -5.41 -0.52
CA ASN A 2 -18.36 -6.56 0.14
C ASN A 2 -16.85 -6.32 0.24
N THR A 3 -16.33 -6.18 1.43
CA THR A 3 -14.87 -5.94 1.58
C THR A 3 -14.08 -7.19 1.19
N VAL A 4 -12.97 -7.01 0.54
CA VAL A 4 -12.14 -8.18 0.13
C VAL A 4 -11.01 -8.39 1.15
N ARG A 5 -10.58 -9.61 1.34
CA ARG A 5 -9.48 -9.87 2.31
C ARG A 5 -8.16 -10.01 1.54
N TRP A 6 -7.14 -9.29 1.93
CA TRP A 6 -5.85 -9.42 1.19
C TRP A 6 -4.72 -9.84 2.13
N ASN A 7 -4.17 -11.01 1.91
CA ASN A 7 -3.07 -11.52 2.76
C ASN A 7 -1.74 -11.31 2.05
N ILE A 8 -0.88 -10.52 2.59
CA ILE A 8 0.42 -10.29 1.89
C ILE A 8 1.58 -10.31 2.89
N ALA A 9 2.75 -10.66 2.44
CA ALA A 9 3.92 -10.71 3.36
C ALA A 9 4.76 -9.43 3.26
N VAL A 10 4.95 -8.77 4.37
CA VAL A 10 5.76 -7.52 4.36
C VAL A 10 6.67 -7.48 5.58
N SER A 11 7.67 -6.63 5.59
CA SER A 11 8.58 -6.56 6.77
C SER A 11 7.89 -5.82 7.91
N PRO A 12 7.89 -6.43 9.06
CA PRO A 12 7.24 -5.78 10.23
C PRO A 12 7.66 -4.30 10.35
N ASP A 13 8.63 -3.87 9.58
CA ASP A 13 9.08 -2.46 9.66
C ASP A 13 8.04 -1.54 9.02
N VAL A 14 7.27 -2.05 8.09
CA VAL A 14 6.23 -1.20 7.43
C VAL A 14 5.04 -1.00 8.36
N ASP A 15 4.68 -1.99 9.14
CA ASP A 15 3.51 -1.82 10.05
C ASP A 15 3.83 -0.77 11.12
N GLN A 16 4.96 -0.88 11.77
CA GLN A 16 5.31 0.12 12.82
C GLN A 16 5.37 1.52 12.21
N SER A 17 5.92 1.65 11.04
CA SER A 17 6.00 3.00 10.40
C SER A 17 4.59 3.53 10.11
N VAL A 18 3.72 2.67 9.67
CA VAL A 18 2.32 3.13 9.38
C VAL A 18 1.67 3.72 10.63
N ARG A 19 1.91 3.14 11.77
CA ARG A 19 1.33 3.69 13.02
C ARG A 19 1.83 5.12 13.24
N MET A 20 3.09 5.34 13.02
CA MET A 20 3.65 6.71 13.21
C MET A 20 3.00 7.68 12.21
N PHE A 21 2.86 7.28 10.98
CA PHE A 21 2.24 8.18 9.95
C PHE A 21 0.83 8.58 10.37
N ILE A 22 -0.01 7.64 10.70
CA ILE A 22 -1.41 7.99 11.11
C ILE A 22 -1.37 8.90 12.34
N ALA A 23 -0.49 8.64 13.26
CA ALA A 23 -0.41 9.49 14.47
C ALA A 23 -0.20 10.95 14.06
N ALA A 24 0.41 11.18 12.94
CA ALA A 24 0.63 12.57 12.47
C ALA A 24 -0.69 13.14 11.92
N GLN A 25 -1.54 12.28 11.40
CA GLN A 25 -2.84 12.76 10.86
C GLN A 25 -3.93 12.62 11.92
N GLY A 26 -3.55 12.29 13.13
CA GLY A 26 -4.56 12.13 14.21
C GLY A 26 -5.63 13.24 14.10
N GLY A 27 -6.83 12.95 14.51
CA GLY A 27 -7.90 13.99 14.42
C GLY A 27 -8.89 13.60 13.32
N GLY A 28 -10.10 13.30 13.68
CA GLY A 28 -11.11 12.91 12.65
C GLY A 28 -11.56 11.47 12.88
N ARG A 29 -12.02 10.81 11.85
CA ARG A 29 -12.47 9.40 12.02
C ARG A 29 -11.30 8.52 12.48
N LYS A 30 -11.57 7.29 12.83
CA LYS A 30 -10.47 6.39 13.28
C LYS A 30 -9.44 6.19 12.17
N GLY A 31 -9.88 5.73 11.02
CA GLY A 31 -8.92 5.51 9.89
C GLY A 31 -7.92 4.42 10.30
N ASP A 32 -7.78 3.41 9.49
CA ASP A 32 -6.82 2.32 9.84
C ASP A 32 -5.80 2.11 8.71
N LEU A 33 -5.14 0.99 8.70
CA LEU A 33 -4.13 0.71 7.65
C LEU A 33 -4.80 0.54 6.28
N SER A 34 -5.88 -0.19 6.23
CA SER A 34 -6.57 -0.42 4.93
C SER A 34 -6.90 0.90 4.24
N ARG A 35 -7.40 1.86 4.96
CA ARG A 35 -7.74 3.17 4.32
C ARG A 35 -6.46 3.91 3.89
N PHE A 36 -5.43 3.84 4.68
CA PHE A 36 -4.16 4.54 4.32
C PHE A 36 -3.65 4.08 2.95
N ILE A 37 -3.55 2.80 2.74
CA ILE A 37 -3.03 2.30 1.42
C ILE A 37 -4.10 2.44 0.33
N GLU A 38 -5.33 2.18 0.64
CA GLU A 38 -6.40 2.28 -0.41
C GLU A 38 -6.44 3.68 -1.03
N ASP A 39 -6.45 4.70 -0.21
CA ASP A 39 -6.50 6.09 -0.74
C ASP A 39 -5.18 6.44 -1.43
N ALA A 40 -4.10 5.89 -0.95
CA ALA A 40 -2.76 6.22 -1.55
C ALA A 40 -2.65 5.63 -2.97
N VAL A 41 -3.02 4.39 -3.14
CA VAL A 41 -2.92 3.76 -4.49
C VAL A 41 -3.96 4.37 -5.43
N ARG A 42 -5.12 4.70 -4.94
CA ARG A 42 -6.16 5.30 -5.81
C ARG A 42 -5.72 6.68 -6.31
N ALA A 43 -5.16 7.48 -5.44
CA ALA A 43 -4.70 8.85 -5.86
C ALA A 43 -3.51 8.74 -6.83
N TYR A 44 -2.53 7.96 -6.49
CA TYR A 44 -1.33 7.83 -7.38
C TYR A 44 -1.74 7.26 -8.75
N LEU A 45 -2.61 6.28 -8.75
CA LEU A 45 -3.04 5.68 -10.05
C LEU A 45 -3.88 6.69 -10.84
N PHE A 46 -4.53 7.59 -10.16
CA PHE A 46 -5.38 8.60 -10.88
C PHE A 46 -4.50 9.59 -11.63
N GLU A 47 -3.41 10.02 -11.03
CA GLU A 47 -2.51 10.98 -11.72
C GLU A 47 -1.90 10.35 -12.97
N ARG A 48 -1.56 9.09 -12.90
CA ARG A 48 -0.96 8.41 -14.08
C ARG A 48 -2.01 8.24 -15.18
N ALA A 49 -3.27 8.18 -14.81
CA ALA A 49 -4.34 8.01 -15.83
C ALA A 49 -4.39 9.23 -16.76
N VAL A 50 -4.35 10.41 -16.21
CA VAL A 50 -4.40 11.64 -17.07
C VAL A 50 -3.16 11.70 -17.97
N GLU A 51 -2.02 11.30 -17.47
CA GLU A 51 -0.79 11.33 -18.32
C GLU A 51 0.23 10.31 -17.79
N MET B 1 15.58 -13.07 6.46
CA MET B 1 14.76 -12.50 7.58
C MET B 1 13.41 -13.24 7.68
N ASN B 2 12.51 -12.75 8.47
CA ASN B 2 11.18 -13.42 8.61
C ASN B 2 10.09 -12.54 8.03
N THR B 3 9.46 -12.97 6.97
CA THR B 3 8.38 -12.15 6.35
C THR B 3 7.15 -12.11 7.27
N VAL B 4 6.51 -10.98 7.36
CA VAL B 4 5.30 -10.86 8.23
C VAL B 4 4.05 -11.03 7.38
N ARG B 5 2.99 -11.55 7.94
CA ARG B 5 1.74 -11.71 7.16
C ARG B 5 0.78 -10.56 7.48
N TRP B 6 0.25 -9.90 6.48
CA TRP B 6 -0.67 -8.78 6.78
C TRP B 6 -2.05 -9.00 6.13
N ASN B 7 -3.06 -9.15 6.94
CA ASN B 7 -4.43 -9.38 6.40
C ASN B 7 -5.21 -8.08 6.45
N ILE B 8 -5.61 -7.56 5.33
CA ILE B 8 -6.38 -6.28 5.37
C ILE B 8 -7.55 -6.33 4.40
N ALA B 9 -8.58 -5.56 4.67
CA ALA B 9 -9.76 -5.56 3.77
C ALA B 9 -9.71 -4.39 2.79
N VAL B 10 -9.78 -4.67 1.51
CA VAL B 10 -9.75 -3.59 0.50
C VAL B 10 -10.75 -3.88 -0.60
N SER B 11 -11.09 -2.90 -1.40
CA SER B 11 -12.07 -3.15 -2.51
C SER B 11 -11.38 -3.90 -3.64
N PRO B 12 -11.99 -4.98 -4.06
CA PRO B 12 -11.39 -5.77 -5.16
C PRO B 12 -10.96 -4.87 -6.33
N ASP B 13 -11.31 -3.61 -6.29
CA ASP B 13 -10.92 -2.69 -7.40
C ASP B 13 -9.43 -2.37 -7.31
N VAL B 14 -8.88 -2.43 -6.13
CA VAL B 14 -7.43 -2.12 -5.98
C VAL B 14 -6.57 -3.28 -6.48
N ASP B 15 -7.01 -4.50 -6.30
CA ASP B 15 -6.19 -5.66 -6.77
C ASP B 15 -6.13 -5.65 -8.30
N GLN B 16 -7.26 -5.51 -8.95
CA GLN B 16 -7.26 -5.51 -10.44
C GLN B 16 -6.39 -4.36 -10.96
N SER B 17 -6.48 -3.21 -10.35
CA SER B 17 -5.66 -2.05 -10.81
C SER B 17 -4.17 -2.37 -10.62
N VAL B 18 -3.83 -2.99 -9.53
CA VAL B 18 -2.39 -3.31 -9.29
C VAL B 18 -1.85 -4.19 -10.43
N ARG B 19 -2.63 -5.12 -10.90
CA ARG B 19 -2.16 -5.99 -12.01
C ARG B 19 -1.83 -5.12 -13.23
N MET B 20 -2.67 -4.18 -13.53
CA MET B 20 -2.42 -3.29 -14.70
C MET B 20 -1.14 -2.48 -14.48
N PHE B 21 -0.94 -1.96 -13.31
CA PHE B 21 0.29 -1.16 -13.03
C PHE B 21 1.55 -2.00 -13.27
N ILE B 22 1.63 -3.16 -12.67
CA ILE B 22 2.85 -4.00 -12.86
C ILE B 22 3.01 -4.33 -14.34
N ALA B 23 1.94 -4.59 -15.03
CA ALA B 23 2.06 -4.92 -16.48
C ALA B 23 2.79 -3.78 -17.22
N ALA B 24 2.69 -2.59 -16.70
CA ALA B 24 3.38 -1.44 -17.35
C ALA B 24 4.88 -1.51 -17.02
N GLN B 25 5.21 -2.06 -15.88
CA GLN B 25 6.66 -2.17 -15.50
C GLN B 25 7.20 -3.54 -15.90
N GLY B 26 6.43 -4.30 -16.64
CA GLY B 26 6.90 -5.65 -17.06
C GLY B 26 8.37 -5.59 -17.46
N GLY B 27 9.10 -6.66 -17.28
CA GLY B 27 10.54 -6.65 -17.66
C GLY B 27 11.40 -6.65 -16.38
N GLY B 28 12.10 -7.72 -16.14
CA GLY B 28 12.95 -7.78 -14.91
C GLY B 28 12.47 -8.92 -14.01
N ARG B 29 12.73 -8.82 -12.73
CA ARG B 29 12.28 -9.90 -11.80
C ARG B 29 10.76 -10.02 -11.82
N LYS B 30 10.22 -11.03 -11.19
CA LYS B 30 8.74 -11.19 -11.19
C LYS B 30 8.07 -10.00 -10.50
N GLY B 31 8.45 -9.70 -9.29
CA GLY B 31 7.82 -8.56 -8.57
C GLY B 31 6.33 -8.84 -8.36
N ASP B 32 5.86 -8.74 -7.16
CA ASP B 32 4.41 -9.00 -6.91
C ASP B 32 3.76 -7.81 -6.22
N LEU B 33 2.62 -8.03 -5.61
CA LEU B 33 1.91 -6.91 -4.92
C LEU B 33 2.68 -6.46 -3.68
N SER B 34 3.15 -7.40 -2.90
CA SER B 34 3.90 -7.03 -1.66
C SER B 34 5.05 -6.07 -1.97
N ARG B 35 5.80 -6.32 -3.01
CA ARG B 35 6.94 -5.41 -3.34
C ARG B 35 6.41 -4.05 -3.82
N PHE B 36 5.35 -4.05 -4.59
CA PHE B 36 4.81 -2.76 -5.11
C PHE B 36 4.47 -1.81 -3.95
N ILE B 37 3.74 -2.27 -2.97
CA ILE B 37 3.37 -1.38 -1.84
C ILE B 37 4.56 -1.15 -0.89
N GLU B 38 5.34 -2.17 -0.64
CA GLU B 38 6.51 -2.01 0.28
C GLU B 38 7.45 -0.91 -0.20
N ASP B 39 7.81 -0.92 -1.45
CA ASP B 39 8.73 0.11 -1.98
C ASP B 39 8.03 1.47 -2.05
N ALA B 40 6.75 1.47 -2.28
CA ALA B 40 6.00 2.75 -2.38
C ALA B 40 5.93 3.45 -1.02
N VAL B 41 5.59 2.73 0.02
CA VAL B 41 5.49 3.36 1.37
C VAL B 41 6.88 3.73 1.88
N ARG B 42 7.87 2.94 1.58
CA ARG B 42 9.25 3.26 2.04
C ARG B 42 9.76 4.54 1.38
N ALA B 43 9.54 4.69 0.11
CA ALA B 43 10.01 5.91 -0.61
C ALA B 43 9.24 7.14 -0.14
N TYR B 44 7.93 7.06 -0.09
CA TYR B 44 7.12 8.22 0.34
C TYR B 44 7.46 8.62 1.78
N LEU B 45 7.63 7.65 2.64
CA LEU B 45 7.96 7.97 4.06
C LEU B 45 9.38 8.54 4.15
N PHE B 46 10.22 8.21 3.22
CA PHE B 46 11.62 8.73 3.26
C PHE B 46 11.63 10.23 2.92
N GLU B 47 10.85 10.64 1.97
CA GLU B 47 10.82 12.09 1.60
C GLU B 47 10.28 12.92 2.77
N ARG B 48 9.30 12.41 3.47
CA ARG B 48 8.73 13.17 4.62
C ARG B 48 9.74 13.24 5.76
N ALA B 49 10.64 12.28 5.83
CA ALA B 49 11.65 12.29 6.92
C ALA B 49 12.57 13.50 6.79
N VAL B 50 13.04 13.77 5.59
CA VAL B 50 13.95 14.94 5.41
C VAL B 50 13.21 16.25 5.71
N GLU B 51 11.97 16.33 5.33
CA GLU B 51 11.19 17.58 5.60
C GLU B 51 9.69 17.25 5.72
N MET A 1 -20.80 -2.11 0.95
CA MET A 1 -20.82 -3.31 0.05
C MET A 1 -20.06 -4.47 0.69
N ASN A 2 -19.26 -5.18 -0.06
CA ASN A 2 -18.51 -6.32 0.52
C ASN A 2 -17.01 -6.00 0.53
N THR A 3 -16.42 -5.92 1.69
CA THR A 3 -14.96 -5.63 1.76
C THR A 3 -14.16 -6.87 1.38
N VAL A 4 -13.03 -6.69 0.75
CA VAL A 4 -12.20 -7.86 0.35
C VAL A 4 -11.06 -8.06 1.34
N ARG A 5 -10.64 -9.26 1.55
CA ARG A 5 -9.51 -9.51 2.50
C ARG A 5 -8.23 -9.75 1.71
N TRP A 6 -7.14 -9.14 2.10
CA TRP A 6 -5.88 -9.36 1.34
C TRP A 6 -4.72 -9.69 2.27
N ASN A 7 -4.19 -10.88 2.18
CA ASN A 7 -3.07 -11.27 3.06
C ASN A 7 -1.78 -11.35 2.21
N ILE A 8 -0.79 -10.60 2.58
CA ILE A 8 0.46 -10.61 1.77
C ILE A 8 1.69 -10.60 2.69
N ALA A 9 2.85 -10.86 2.15
CA ALA A 9 4.07 -10.88 2.99
C ALA A 9 4.81 -9.54 2.92
N VAL A 10 4.96 -8.87 4.02
CA VAL A 10 5.67 -7.56 4.03
C VAL A 10 6.58 -7.45 5.25
N SER A 11 7.49 -6.52 5.26
CA SER A 11 8.40 -6.37 6.43
C SER A 11 7.65 -5.71 7.60
N PRO A 12 7.99 -6.11 8.80
CA PRO A 12 7.32 -5.51 9.98
C PRO A 12 7.68 -4.03 10.10
N ASP A 13 8.62 -3.58 9.31
CA ASP A 13 9.01 -2.14 9.36
C ASP A 13 7.92 -1.30 8.73
N VAL A 14 7.15 -1.89 7.86
CA VAL A 14 6.05 -1.14 7.18
C VAL A 14 4.88 -0.90 8.15
N ASP A 15 4.65 -1.80 9.06
CA ASP A 15 3.53 -1.61 10.02
C ASP A 15 3.78 -0.40 10.91
N GLN A 16 4.94 -0.30 11.48
CA GLN A 16 5.25 0.86 12.36
C GLN A 16 5.13 2.17 11.58
N SER A 17 5.65 2.21 10.38
CA SER A 17 5.57 3.45 9.56
C SER A 17 4.11 3.79 9.26
N VAL A 18 3.32 2.81 8.92
CA VAL A 18 1.89 3.07 8.60
C VAL A 18 1.18 3.71 9.80
N ARG A 19 1.50 3.27 10.99
CA ARG A 19 0.84 3.86 12.20
C ARG A 19 1.22 5.34 12.32
N MET A 20 2.46 5.66 12.13
CA MET A 20 2.90 7.08 12.24
C MET A 20 2.21 7.92 11.16
N PHE A 21 2.14 7.41 9.95
CA PHE A 21 1.51 8.18 8.85
C PHE A 21 0.06 8.55 9.18
N ILE A 22 -0.75 7.60 9.60
CA ILE A 22 -2.16 7.93 9.92
C ILE A 22 -2.22 8.94 11.07
N ALA A 23 -1.32 8.83 12.02
CA ALA A 23 -1.33 9.79 13.16
C ALA A 23 -1.20 11.22 12.62
N ALA A 24 -0.53 11.37 11.51
CA ALA A 24 -0.36 12.73 10.92
C ALA A 24 -1.67 13.16 10.24
N GLN A 25 -2.40 12.22 9.69
CA GLN A 25 -3.67 12.56 9.02
C GLN A 25 -4.83 12.56 10.03
N GLY A 26 -4.54 12.28 11.26
CA GLY A 26 -5.62 12.27 12.30
C GLY A 26 -5.01 12.07 13.68
N GLY A 27 -5.33 10.98 14.34
CA GLY A 27 -4.77 10.74 15.69
C GLY A 27 -5.76 9.93 16.52
N GLY A 28 -6.42 8.98 15.92
CA GLY A 28 -7.41 8.16 16.68
C GLY A 28 -7.49 6.76 16.07
N ARG A 29 -8.38 5.93 16.56
CA ARG A 29 -8.50 4.56 16.00
C ARG A 29 -9.26 4.60 14.66
N LYS A 30 -10.04 5.62 14.44
CA LYS A 30 -10.81 5.71 13.17
C LYS A 30 -9.89 5.40 11.99
N GLY A 31 -10.26 4.47 11.15
CA GLY A 31 -9.41 4.12 9.99
C GLY A 31 -8.25 3.24 10.44
N ASP A 32 -7.93 2.21 9.70
CA ASP A 32 -6.82 1.31 10.12
C ASP A 32 -5.70 1.34 9.07
N LEU A 33 -4.87 0.33 9.04
CA LEU A 33 -3.76 0.30 8.05
C LEU A 33 -4.33 0.12 6.63
N SER A 34 -5.36 -0.66 6.48
CA SER A 34 -5.96 -0.87 5.14
C SER A 34 -6.31 0.47 4.49
N ARG A 35 -6.73 1.43 5.28
CA ARG A 35 -7.09 2.77 4.70
C ARG A 35 -5.83 3.48 4.22
N PHE A 36 -4.75 3.39 4.98
CA PHE A 36 -3.50 4.08 4.57
C PHE A 36 -3.07 3.64 3.16
N ILE A 37 -3.06 2.36 2.91
CA ILE A 37 -2.64 1.88 1.56
C ILE A 37 -3.74 2.18 0.53
N GLU A 38 -4.98 2.04 0.90
CA GLU A 38 -6.08 2.29 -0.07
C GLU A 38 -6.00 3.72 -0.63
N ASP A 39 -5.84 4.69 0.22
CA ASP A 39 -5.76 6.10 -0.27
C ASP A 39 -4.44 6.32 -1.00
N ALA A 40 -3.40 5.64 -0.60
CA ALA A 40 -2.09 5.81 -1.27
C ALA A 40 -2.15 5.33 -2.72
N VAL A 41 -2.71 4.17 -2.93
CA VAL A 41 -2.80 3.63 -4.32
C VAL A 41 -3.84 4.42 -5.13
N ARG A 42 -4.89 4.83 -4.51
CA ARG A 42 -5.94 5.61 -5.25
C ARG A 42 -5.34 6.88 -5.84
N ALA A 43 -4.48 7.53 -5.11
CA ALA A 43 -3.86 8.79 -5.63
C ALA A 43 -2.95 8.49 -6.82
N TYR A 44 -2.23 7.40 -6.77
CA TYR A 44 -1.32 7.05 -7.90
C TYR A 44 -2.13 6.68 -9.15
N LEU A 45 -3.14 5.87 -9.00
CA LEU A 45 -3.96 5.46 -10.17
C LEU A 45 -4.77 6.65 -10.70
N PHE A 46 -5.07 7.60 -9.85
CA PHE A 46 -5.86 8.79 -10.29
C PHE A 46 -5.02 9.73 -11.15
N GLU A 47 -3.81 10.01 -10.74
CA GLU A 47 -2.96 10.94 -11.54
C GLU A 47 -2.72 10.37 -12.95
N ARG A 48 -2.46 9.09 -13.05
CA ARG A 48 -2.23 8.49 -14.39
C ARG A 48 -3.55 8.29 -15.12
N ALA A 49 -4.64 8.26 -14.40
CA ALA A 49 -5.97 8.07 -15.06
C ALA A 49 -6.24 9.23 -16.02
N VAL A 50 -5.87 10.43 -15.64
CA VAL A 50 -6.10 11.60 -16.53
C VAL A 50 -5.24 11.49 -17.79
N GLU A 51 -3.97 11.18 -17.63
CA GLU A 51 -3.08 11.05 -18.82
C GLU A 51 -1.92 10.11 -18.49
N MET B 1 15.39 -13.02 5.63
CA MET B 1 14.97 -13.05 7.05
C MET B 1 13.58 -13.68 7.18
N ASN B 2 12.73 -13.10 8.01
CA ASN B 2 11.37 -13.67 8.18
C ASN B 2 10.32 -12.70 7.61
N THR B 3 9.61 -13.11 6.59
CA THR B 3 8.58 -12.21 6.00
C THR B 3 7.35 -12.15 6.91
N VAL B 4 6.70 -11.03 6.98
CA VAL B 4 5.49 -10.92 7.85
C VAL B 4 4.23 -11.05 7.00
N ARG B 5 3.18 -11.59 7.56
CA ARG B 5 1.92 -11.72 6.78
C ARG B 5 0.93 -10.63 7.20
N TRP B 6 0.30 -9.98 6.26
CA TRP B 6 -0.64 -8.89 6.65
C TRP B 6 -1.99 -9.06 5.94
N ASN B 7 -3.03 -9.34 6.67
CA ASN B 7 -4.37 -9.50 6.04
C ASN B 7 -5.23 -8.28 6.38
N ILE B 8 -5.71 -7.60 5.39
CA ILE B 8 -6.54 -6.39 5.67
C ILE B 8 -7.73 -6.33 4.72
N ALA B 9 -8.69 -5.47 5.00
CA ALA B 9 -9.89 -5.37 4.13
C ALA B 9 -9.74 -4.22 3.12
N VAL B 10 -9.75 -4.53 1.85
CA VAL B 10 -9.62 -3.47 0.82
C VAL B 10 -10.59 -3.74 -0.33
N SER B 11 -10.82 -2.76 -1.17
CA SER B 11 -11.75 -2.97 -2.32
C SER B 11 -11.07 -3.80 -3.41
N PRO B 12 -11.85 -4.61 -4.07
CA PRO B 12 -11.27 -5.46 -5.15
C PRO B 12 -10.78 -4.58 -6.30
N ASP B 13 -11.10 -3.31 -6.26
CA ASP B 13 -10.65 -2.39 -7.34
C ASP B 13 -9.15 -2.14 -7.20
N VAL B 14 -8.64 -2.28 -6.01
CA VAL B 14 -7.19 -2.05 -5.77
C VAL B 14 -6.36 -3.20 -6.33
N ASP B 15 -6.89 -4.40 -6.33
CA ASP B 15 -6.10 -5.55 -6.87
C ASP B 15 -5.86 -5.37 -8.37
N GLN B 16 -6.89 -5.06 -9.11
CA GLN B 16 -6.72 -4.88 -10.58
C GLN B 16 -5.72 -3.75 -10.87
N SER B 17 -5.83 -2.66 -10.16
CA SER B 17 -4.89 -1.53 -10.40
C SER B 17 -3.46 -1.94 -10.06
N VAL B 18 -3.28 -2.65 -8.98
CA VAL B 18 -1.90 -3.08 -8.59
C VAL B 18 -1.28 -3.94 -9.70
N ARG B 19 -2.05 -4.78 -10.32
CA ARG B 19 -1.50 -5.63 -11.42
C ARG B 19 -1.03 -4.75 -12.58
N MET B 20 -1.82 -3.77 -12.95
CA MET B 20 -1.42 -2.88 -14.07
C MET B 20 -0.15 -2.11 -13.70
N PHE B 21 -0.09 -1.61 -12.49
CA PHE B 21 1.12 -0.82 -12.06
C PHE B 21 2.40 -1.65 -12.21
N ILE B 22 2.43 -2.84 -11.69
CA ILE B 22 3.67 -3.66 -11.80
C ILE B 22 3.99 -3.93 -13.27
N ALA B 23 2.98 -4.13 -14.08
CA ALA B 23 3.24 -4.39 -15.53
C ALA B 23 4.04 -3.22 -16.13
N ALA B 24 3.84 -2.05 -15.60
CA ALA B 24 4.59 -0.87 -16.11
C ALA B 24 6.04 -0.90 -15.61
N GLN B 25 6.24 -1.43 -14.43
CA GLN B 25 7.62 -1.51 -13.87
C GLN B 25 8.31 -2.80 -14.32
N GLY B 26 7.63 -3.61 -15.08
CA GLY B 26 8.24 -4.88 -15.54
C GLY B 26 7.31 -5.57 -16.54
N GLY B 27 6.82 -6.74 -16.21
CA GLY B 27 5.91 -7.45 -17.14
C GLY B 27 6.07 -8.96 -16.96
N GLY B 28 6.23 -9.41 -15.75
CA GLY B 28 6.40 -10.88 -15.51
C GLY B 28 5.86 -11.22 -14.13
N ARG B 29 6.01 -12.46 -13.72
CA ARG B 29 5.49 -12.87 -12.38
C ARG B 29 6.44 -12.38 -11.28
N LYS B 30 7.68 -12.13 -11.63
CA LYS B 30 8.64 -11.66 -10.59
C LYS B 30 8.02 -10.53 -9.76
N GLY B 31 8.03 -10.67 -8.47
CA GLY B 31 7.43 -9.60 -7.61
C GLY B 31 5.91 -9.74 -7.62
N ASP B 32 5.27 -9.60 -6.49
CA ASP B 32 3.79 -9.73 -6.45
C ASP B 32 3.16 -8.41 -5.99
N LEU B 33 1.95 -8.47 -5.50
CA LEU B 33 1.27 -7.22 -5.02
C LEU B 33 1.97 -6.69 -3.77
N SER B 34 2.41 -7.55 -2.91
CA SER B 34 3.11 -7.09 -1.66
C SER B 34 4.27 -6.16 -2.02
N ARG B 35 4.94 -6.42 -3.11
CA ARG B 35 6.09 -5.55 -3.50
C ARG B 35 5.57 -4.17 -3.94
N PHE B 36 4.48 -4.14 -4.65
CA PHE B 36 3.94 -2.83 -5.13
C PHE B 36 3.70 -1.89 -3.94
N ILE B 37 3.06 -2.37 -2.91
CA ILE B 37 2.79 -1.49 -1.73
C ILE B 37 4.07 -1.25 -0.94
N GLU B 38 4.90 -2.25 -0.82
CA GLU B 38 6.17 -2.08 -0.04
C GLU B 38 7.01 -0.93 -0.60
N ASP B 39 7.21 -0.91 -1.90
CA ASP B 39 8.02 0.19 -2.50
C ASP B 39 7.26 1.50 -2.43
N ALA B 40 5.96 1.44 -2.51
CA ALA B 40 5.15 2.70 -2.47
C ALA B 40 5.28 3.37 -1.10
N VAL B 41 5.16 2.63 -0.04
CA VAL B 41 5.28 3.21 1.32
C VAL B 41 6.73 3.58 1.62
N ARG B 42 7.66 2.82 1.15
CA ARG B 42 9.09 3.13 1.41
C ARG B 42 9.45 4.51 0.83
N ALA B 43 8.92 4.83 -0.31
CA ALA B 43 9.24 6.16 -0.93
C ALA B 43 8.63 7.29 -0.09
N TYR B 44 7.45 7.09 0.43
CA TYR B 44 6.80 8.15 1.25
C TYR B 44 7.56 8.34 2.57
N LEU B 45 7.89 7.27 3.23
CA LEU B 45 8.61 7.39 4.53
C LEU B 45 10.04 7.91 4.31
N PHE B 46 10.58 7.68 3.14
CA PHE B 46 11.97 8.14 2.86
C PHE B 46 12.01 9.65 2.64
N GLU B 47 11.09 10.19 1.87
CA GLU B 47 11.10 11.67 1.63
C GLU B 47 10.94 12.43 2.95
N ARG B 48 10.07 11.98 3.81
CA ARG B 48 9.86 12.69 5.10
C ARG B 48 10.99 12.35 6.07
N ALA B 49 11.69 11.26 5.84
CA ALA B 49 12.81 10.89 6.74
C ALA B 49 13.89 11.97 6.72
N VAL B 50 14.15 12.53 5.57
CA VAL B 50 15.19 13.59 5.47
C VAL B 50 14.73 14.85 6.23
N GLU B 51 13.51 15.25 6.03
CA GLU B 51 13.01 16.47 6.74
C GLU B 51 11.48 16.42 6.86
#